data_7TMK
# 
_entry.id   7TMK 
# 
_audit_conform.dict_name       mmcif_pdbx.dic 
_audit_conform.dict_version    5.396 
_audit_conform.dict_location   http://mmcif.pdb.org/dictionaries/ascii/mmcif_pdbx.dic 
# 
loop_
_database_2.database_id 
_database_2.database_code 
_database_2.pdbx_database_accession 
_database_2.pdbx_DOI 
PDB   7TMK         pdb_00007tmk 10.2210/pdb7tmk/pdb 
WWPDB D_1000262550 ?            ?                   
# 
loop_
_pdbx_audit_revision_history.ordinal 
_pdbx_audit_revision_history.data_content_type 
_pdbx_audit_revision_history.major_revision 
_pdbx_audit_revision_history.minor_revision 
_pdbx_audit_revision_history.revision_date 
1 'Structure model' 1 0 2022-04-20 
2 'Structure model' 1 1 2022-04-27 
3 'Structure model' 1 2 2023-10-18 
4 'Structure model' 1 3 2023-11-15 
5 'Structure model' 2 0 2024-09-25 
# 
_pdbx_audit_revision_details.ordinal             1 
_pdbx_audit_revision_details.revision_ordinal    1 
_pdbx_audit_revision_details.data_content_type   'Structure model' 
_pdbx_audit_revision_details.provider            repository 
_pdbx_audit_revision_details.type                'Initial release' 
_pdbx_audit_revision_details.description         ? 
_pdbx_audit_revision_details.details             ? 
# 
loop_
_pdbx_audit_revision_group.ordinal 
_pdbx_audit_revision_group.revision_ordinal 
_pdbx_audit_revision_group.data_content_type 
_pdbx_audit_revision_group.group 
1  2 'Structure model' 'Database references'    
2  3 'Structure model' 'Data collection'        
3  3 'Structure model' 'Refinement description' 
4  4 'Structure model' 'Data collection'        
5  5 'Structure model' Advisory                 
6  5 'Structure model' 'Atomic model'           
7  5 'Structure model' 'Data collection'        
8  5 'Structure model' 'Database references'    
9  5 'Structure model' 'Derived calculations'   
10 5 'Structure model' 'Polymer sequence'       
11 5 'Structure model' 'Source and taxonomy'    
12 5 'Structure model' 'Structure summary'      
# 
loop_
_pdbx_audit_revision_category.ordinal 
_pdbx_audit_revision_category.revision_ordinal 
_pdbx_audit_revision_category.data_content_type 
_pdbx_audit_revision_category.category 
1  2 'Structure model' citation                      
2  3 'Structure model' chem_comp_atom                
3  3 'Structure model' chem_comp_bond                
4  3 'Structure model' pdbx_initial_refinement_model 
5  4 'Structure model' chem_comp_atom                
6  4 'Structure model' chem_comp_bond                
7  5 'Structure model' atom_site                     
8  5 'Structure model' atom_site_anisotrop           
9  5 'Structure model' entity                        
10 5 'Structure model' entity_poly                   
11 5 'Structure model' entity_poly_seq               
12 5 'Structure model' pdbx_entity_nonpoly           
13 5 'Structure model' pdbx_entity_src_syn           
14 5 'Structure model' pdbx_nonpoly_scheme           
15 5 'Structure model' pdbx_poly_seq_scheme          
16 5 'Structure model' pdbx_struct_assembly_gen      
17 5 'Structure model' pdbx_validate_close_contact   
18 5 'Structure model' struct_asym                   
19 5 'Structure model' struct_conf                   
20 5 'Structure model' struct_conn                   
21 5 'Structure model' struct_ref                    
22 5 'Structure model' struct_ref_seq                
# 
loop_
_pdbx_audit_revision_item.ordinal 
_pdbx_audit_revision_item.revision_ordinal 
_pdbx_audit_revision_item.data_content_type 
_pdbx_audit_revision_item.item 
1  2 'Structure model' '_citation.journal_volume'                   
2  2 'Structure model' '_citation.page_first'                       
3  2 'Structure model' '_citation.page_last'                        
4  4 'Structure model' '_chem_comp_atom.atom_id'                    
5  4 'Structure model' '_chem_comp_bond.atom_id_2'                  
6  5 'Structure model' '_atom_site.B_iso_or_equiv'                  
7  5 'Structure model' '_atom_site.Cartn_x'                         
8  5 'Structure model' '_atom_site.Cartn_y'                         
9  5 'Structure model' '_atom_site.Cartn_z'                         
10 5 'Structure model' '_atom_site.auth_asym_id'                    
11 5 'Structure model' '_atom_site.auth_atom_id'                    
12 5 'Structure model' '_atom_site.auth_comp_id'                    
13 5 'Structure model' '_atom_site.auth_seq_id'                     
14 5 'Structure model' '_atom_site.group_PDB'                       
15 5 'Structure model' '_atom_site.label_alt_id'                    
16 5 'Structure model' '_atom_site.label_asym_id'                   
17 5 'Structure model' '_atom_site.label_atom_id'                   
18 5 'Structure model' '_atom_site.label_comp_id'                   
19 5 'Structure model' '_atom_site.label_entity_id'                 
20 5 'Structure model' '_atom_site.label_seq_id'                    
21 5 'Structure model' '_atom_site.occupancy'                       
22 5 'Structure model' '_atom_site.type_symbol'                     
23 5 'Structure model' '_atom_site_anisotrop.U[1][1]'               
24 5 'Structure model' '_atom_site_anisotrop.U[1][2]'               
25 5 'Structure model' '_atom_site_anisotrop.U[1][3]'               
26 5 'Structure model' '_atom_site_anisotrop.U[2][2]'               
27 5 'Structure model' '_atom_site_anisotrop.U[2][3]'               
28 5 'Structure model' '_atom_site_anisotrop.U[3][3]'               
29 5 'Structure model' '_atom_site_anisotrop.id'                    
30 5 'Structure model' '_atom_site_anisotrop.pdbx_auth_asym_id'     
31 5 'Structure model' '_atom_site_anisotrop.pdbx_auth_atom_id'     
32 5 'Structure model' '_atom_site_anisotrop.pdbx_auth_comp_id'     
33 5 'Structure model' '_atom_site_anisotrop.pdbx_auth_seq_id'      
34 5 'Structure model' '_atom_site_anisotrop.pdbx_label_alt_id'     
35 5 'Structure model' '_atom_site_anisotrop.pdbx_label_asym_id'    
36 5 'Structure model' '_atom_site_anisotrop.pdbx_label_atom_id'    
37 5 'Structure model' '_atom_site_anisotrop.pdbx_label_comp_id'    
38 5 'Structure model' '_atom_site_anisotrop.pdbx_label_seq_id'     
39 5 'Structure model' '_atom_site_anisotrop.type_symbol'           
40 5 'Structure model' '_entity_poly.pdbx_seq_one_letter_code'      
41 5 'Structure model' '_entity_poly.pdbx_seq_one_letter_code_can'  
42 5 'Structure model' '_pdbx_entity_src_syn.pdbx_end_seq_num'      
43 5 'Structure model' '_pdbx_struct_assembly_gen.asym_id_list'     
44 5 'Structure model' '_pdbx_validate_close_contact.auth_seq_id_1' 
45 5 'Structure model' '_pdbx_validate_close_contact.auth_seq_id_2' 
46 5 'Structure model' '_struct_conf.beg_label_seq_id'              
47 5 'Structure model' '_struct_conf.end_label_seq_id'              
48 5 'Structure model' '_struct_conn.pdbx_dist_value'               
49 5 'Structure model' '_struct_conn.pdbx_leaving_atom_flag'        
50 5 'Structure model' '_struct_conn.pdbx_ptnr1_label_alt_id'       
51 5 'Structure model' '_struct_conn.pdbx_ptnr2_label_alt_id'       
52 5 'Structure model' '_struct_conn.ptnr1_auth_comp_id'            
53 5 'Structure model' '_struct_conn.ptnr1_auth_seq_id'             
54 5 'Structure model' '_struct_conn.ptnr1_label_atom_id'           
55 5 'Structure model' '_struct_conn.ptnr1_label_comp_id'           
56 5 'Structure model' '_struct_conn.ptnr1_label_seq_id'            
57 5 'Structure model' '_struct_conn.ptnr2_auth_comp_id'            
58 5 'Structure model' '_struct_conn.ptnr2_auth_seq_id'             
59 5 'Structure model' '_struct_conn.ptnr2_label_asym_id'           
60 5 'Structure model' '_struct_conn.ptnr2_label_atom_id'           
61 5 'Structure model' '_struct_conn.ptnr2_label_comp_id'           
62 5 'Structure model' '_struct_conn.ptnr2_label_seq_id'            
63 5 'Structure model' '_struct_ref.entity_id'                      
64 5 'Structure model' '_struct_ref_seq.seq_align_beg'              
65 5 'Structure model' '_struct_ref_seq.seq_align_end'              
# 
_pdbx_database_status.status_code                     REL 
_pdbx_database_status.status_code_sf                  REL 
_pdbx_database_status.status_code_mr                  ? 
_pdbx_database_status.entry_id                        7TMK 
_pdbx_database_status.recvd_initial_deposition_date   2022-01-19 
_pdbx_database_status.SG_entry                        N 
_pdbx_database_status.deposit_site                    RCSB 
_pdbx_database_status.process_site                    RCSB 
_pdbx_database_status.status_code_cs                  ? 
_pdbx_database_status.status_code_nmr_data            ? 
_pdbx_database_status.methods_development_category    ? 
_pdbx_database_status.pdb_format_compatible           Y 
# 
_pdbx_contact_author.id                 2 
_pdbx_contact_author.email              andyn@uic.edu 
_pdbx_contact_author.name_first         Andy 
_pdbx_contact_author.name_last          Nguyen 
_pdbx_contact_author.name_mi            I 
_pdbx_contact_author.role               'principal investigator/group leader' 
_pdbx_contact_author.identifier_ORCID   0000-0003-4137-6453 
# 
_audit_author.name               'Nguyen, A.I.' 
_audit_author.pdbx_ordinal       1 
_audit_author.identifier_ORCID   0000-0003-4137-6453 
# 
_citation.abstract                  ? 
_citation.abstract_id_CAS           ? 
_citation.book_id_ISBN              ? 
_citation.book_publisher            ? 
_citation.book_publisher_city       ? 
_citation.book_title                ? 
_citation.coordinate_linkage        ? 
_citation.country                   US 
_citation.database_id_Medline       ? 
_citation.details                   ? 
_citation.id                        primary 
_citation.journal_abbrev            J.Am.Chem.Soc. 
_citation.journal_id_ASTM           JACSAT 
_citation.journal_id_CSD            ? 
_citation.journal_id_ISSN           1520-5126 
_citation.journal_full              ? 
_citation.journal_issue             ? 
_citation.journal_volume            144 
_citation.language                  ? 
_citation.page_first                7001 
_citation.page_last                 7009 
_citation.title                     
'Assembly of pi-Stacking Helical Peptides into a Porous and Multivariable Proteomimetic Framework.' 
_citation.year                      2022 
_citation.database_id_CSD           ? 
_citation.pdbx_database_id_DOI      10.1021/jacs.2c02146 
_citation.pdbx_database_id_PubMed   35390261 
_citation.pdbx_database_id_patent   ? 
_citation.unpublished_flag          ? 
# 
loop_
_citation_author.citation_id 
_citation_author.name 
_citation_author.ordinal 
_citation_author.identifier_ORCID 
primary 'Heinz-Kunert, S.L.' 1 ?                   
primary 'Pandya, A.'         2 0000-0003-3303-1009 
primary 'Dang, V.T.'         3 ?                   
primary 'Tran, P.N.'         4 ?                   
primary 'Ghosh, S.'          5 ?                   
primary 'McElheny, D.'       6 ?                   
primary 'Santarsiero, B.D.'  7 0000-0002-9032-9699 
primary 'Ren, Z.'            8 0000-0001-7098-3127 
primary 'Nguyen, A.I.'       9 0000-0003-4137-6453 
# 
loop_
_entity.id 
_entity.type 
_entity.src_method 
_entity.pdbx_description 
_entity.formula_weight 
_entity.pdbx_number_of_molecules 
_entity.pdbx_ec 
_entity.pdbx_mutation 
_entity.pdbx_fragment 
_entity.details 
1 polymer     syn 'bipyridyl-conjugated helical peptide' 1420.680 2  ? ? ? ? 
2 non-polymer syn ACETONITRILE                           41.052   3  ? ? ? ? 
3 water       nat water                                  18.015   21 ? ? ? ? 
# 
_entity_poly.entity_id                      1 
_entity_poly.type                           'polypeptide(L)' 
_entity_poly.nstd_linkage                   no 
_entity_poly.nstd_monomer                   yes 
_entity_poly.pdbx_seq_one_letter_code       '(I6W)L(AIB)A(AIB)LMQ(AIB)L(I77)' 
_entity_poly.pdbx_seq_one_letter_code_can   XLAAALMQALX 
_entity_poly.pdbx_strand_id                 A,C 
_entity_poly.pdbx_target_identifier         ? 
# 
loop_
_pdbx_entity_nonpoly.entity_id 
_pdbx_entity_nonpoly.name 
_pdbx_entity_nonpoly.comp_id 
2 ACETONITRILE CCN 
3 water        HOH 
# 
loop_
_entity_poly_seq.entity_id 
_entity_poly_seq.num 
_entity_poly_seq.mon_id 
_entity_poly_seq.hetero 
1 1  I6W n 
1 2  LEU n 
1 3  AIB n 
1 4  ALA n 
1 5  AIB n 
1 6  LEU n 
1 7  MET n 
1 8  GLN n 
1 9  AIB n 
1 10 LEU n 
1 11 I77 n 
# 
_pdbx_entity_src_syn.entity_id              1 
_pdbx_entity_src_syn.pdbx_src_id            1 
_pdbx_entity_src_syn.pdbx_alt_source_flag   sample 
_pdbx_entity_src_syn.pdbx_beg_seq_num       1 
_pdbx_entity_src_syn.pdbx_end_seq_num       11 
_pdbx_entity_src_syn.organism_scientific    'synthetic construct' 
_pdbx_entity_src_syn.organism_common_name   ? 
_pdbx_entity_src_syn.ncbi_taxonomy_id       32630 
_pdbx_entity_src_syn.details                ? 
# 
loop_
_chem_comp.id 
_chem_comp.type 
_chem_comp.mon_nstd_flag 
_chem_comp.name 
_chem_comp.pdbx_synonyms 
_chem_comp.formula 
_chem_comp.formula_weight 
AIB 'L-peptide linking' n 'ALPHA-AMINOISOBUTYRIC ACID'                            ? 'C4 H9 N O2'    103.120 
ALA 'L-peptide linking' y ALANINE                                                 ? 'C3 H7 N O2'    89.093  
CCN non-polymer         . ACETONITRILE                                            ? 'C2 H3 N'       41.052  
GLN 'L-peptide linking' y GLUTAMINE                                               ? 'C5 H10 N2 O3'  146.144 
HOH non-polymer         . WATER                                                   ? 'H2 O'          18.015  
I6W non-polymer         . 
;ethyl 5'-formyl[2,2'-bipyridine]-5-carboxylate
;
? 'C14 H12 N2 O3' 256.257 
I77 non-polymer         . "5'-(hydrazinecarbonyl)[2,2'-bipyridine]-5-carboxamide" ? 'C12 H11 N5 O2' 257.248 
LEU 'L-peptide linking' y LEUCINE                                                 ? 'C6 H13 N O2'   131.173 
MET 'L-peptide linking' y METHIONINE                                              ? 'C5 H11 N O2 S' 149.211 
# 
loop_
_pdbx_poly_seq_scheme.asym_id 
_pdbx_poly_seq_scheme.entity_id 
_pdbx_poly_seq_scheme.seq_id 
_pdbx_poly_seq_scheme.mon_id 
_pdbx_poly_seq_scheme.ndb_seq_num 
_pdbx_poly_seq_scheme.pdb_seq_num 
_pdbx_poly_seq_scheme.auth_seq_num 
_pdbx_poly_seq_scheme.pdb_mon_id 
_pdbx_poly_seq_scheme.auth_mon_id 
_pdbx_poly_seq_scheme.pdb_strand_id 
_pdbx_poly_seq_scheme.pdb_ins_code 
_pdbx_poly_seq_scheme.hetero 
A 1 1  I6W 1  1  1  I6W BPE A . n 
A 1 2  LEU 2  2  2  LEU LEU A . n 
A 1 3  AIB 3  3  3  AIB AIB A . n 
A 1 4  ALA 4  4  4  ALA ALA A . n 
A 1 5  AIB 5  5  5  AIB AIB A . n 
A 1 6  LEU 6  6  6  LEU LEU A . n 
A 1 7  MET 7  7  7  MET MET A . n 
A 1 8  GLN 8  8  8  GLN GLN A . n 
A 1 9  AIB 9  9  9  AIB AIB A . n 
A 1 10 LEU 10 10 10 LEU LEU A . n 
A 1 11 I77 11 11 11 I77 BPH A . n 
B 1 1  I6W 1  1  1  I6W BPE C . n 
B 1 2  LEU 2  2  2  LEU LEU C . n 
B 1 3  AIB 3  3  3  AIB AIB C . n 
B 1 4  ALA 4  4  4  ALA ALA C . n 
B 1 5  AIB 5  5  5  AIB AIB C . n 
B 1 6  LEU 6  6  6  LEU LEU C . n 
B 1 7  MET 7  7  7  MET MET C . n 
B 1 8  GLN 8  8  8  GLN GLN C . n 
B 1 9  AIB 9  9  9  AIB AIB C . n 
B 1 10 LEU 10 10 10 LEU LEU C . n 
B 1 11 I77 11 11 11 I77 BPH C . n 
# 
loop_
_pdbx_nonpoly_scheme.asym_id 
_pdbx_nonpoly_scheme.entity_id 
_pdbx_nonpoly_scheme.mon_id 
_pdbx_nonpoly_scheme.ndb_seq_num 
_pdbx_nonpoly_scheme.pdb_seq_num 
_pdbx_nonpoly_scheme.auth_seq_num 
_pdbx_nonpoly_scheme.pdb_mon_id 
_pdbx_nonpoly_scheme.auth_mon_id 
_pdbx_nonpoly_scheme.pdb_strand_id 
_pdbx_nonpoly_scheme.pdb_ins_code 
C 2 CCN 1  201 1  CCN ACN A . 
D 2 CCN 1  202 2  CCN ACN A . 
E 2 CCN 1  201 1  CCN ACN C . 
F 3 HOH 1  301 4  HOH HOH A . 
F 3 HOH 2  302 6  HOH HOH A . 
F 3 HOH 3  303 8  HOH HOH A . 
F 3 HOH 4  304 3  HOH HOH A . 
F 3 HOH 5  305 17 HOH HOH A . 
F 3 HOH 6  306 12 HOH HOH A . 
F 3 HOH 7  307 9  HOH HOH A . 
F 3 HOH 8  308 21 HOH HOH A . 
F 3 HOH 9  309 19 HOH HOH A . 
F 3 HOH 10 310 13 HOH HOH A . 
F 3 HOH 11 311 7  HOH HOH A . 
G 3 HOH 1  301 2  HOH HOH C . 
G 3 HOH 2  302 1  HOH HOH C . 
G 3 HOH 3  303 16 HOH HOH C . 
G 3 HOH 4  304 5  HOH HOH C . 
G 3 HOH 5  305 11 HOH HOH C . 
G 3 HOH 6  306 20 HOH HOH C . 
G 3 HOH 7  307 15 HOH HOH C . 
G 3 HOH 8  308 10 HOH HOH C . 
G 3 HOH 9  309 14 HOH HOH C . 
G 3 HOH 10 310 18 HOH HOH C . 
# 
loop_
_software.citation_id 
_software.classification 
_software.compiler_name 
_software.compiler_version 
_software.contact_author 
_software.contact_author_email 
_software.date 
_software.description 
_software.dependencies 
_software.hardware 
_software.language 
_software.location 
_software.mods 
_software.name 
_software.os 
_software.os_version 
_software.type 
_software.version 
_software.pdbx_ordinal 
? refinement       ? ? ? ? ? ? ? ? ? ? ? PHENIX   ? ? ? 1.19.2_4158 1 
? 'data reduction' ? ? ? ? ? ? ? ? ? ? ? 'APEX 2' ? ? ? .           2 
? 'data scaling'   ? ? ? ? ? ? ? ? ? ? ? 'APEX 2' ? ? ? .           3 
? phasing          ? ? ? ? ? ? ? ? ? ? ? PHASER   ? ? ? .           4 
# 
_cell.angle_alpha                  82.067 
_cell.angle_alpha_esd              ? 
_cell.angle_beta                   89.981 
_cell.angle_beta_esd               ? 
_cell.angle_gamma                  88.199 
_cell.angle_gamma_esd              ? 
_cell.entry_id                     7TMK 
_cell.details                      ? 
_cell.formula_units_Z              ? 
_cell.length_a                     13.396 
_cell.length_a_esd                 ? 
_cell.length_b                     13.768 
_cell.length_b_esd                 ? 
_cell.length_c                     27.481 
_cell.length_c_esd                 ? 
_cell.volume                       5017.705 
_cell.volume_esd                   ? 
_cell.Z_PDB                        2 
_cell.reciprocal_angle_alpha       ? 
_cell.reciprocal_angle_beta        ? 
_cell.reciprocal_angle_gamma       ? 
_cell.reciprocal_angle_alpha_esd   ? 
_cell.reciprocal_angle_beta_esd    ? 
_cell.reciprocal_angle_gamma_esd   ? 
_cell.reciprocal_length_a          ? 
_cell.reciprocal_length_b          ? 
_cell.reciprocal_length_c          ? 
_cell.reciprocal_length_a_esd      ? 
_cell.reciprocal_length_b_esd      ? 
_cell.reciprocal_length_c_esd      ? 
_cell.pdbx_unique_axis             ? 
# 
_symmetry.entry_id                         7TMK 
_symmetry.cell_setting                     ? 
_symmetry.Int_Tables_number                1 
_symmetry.space_group_name_Hall            'P 1' 
_symmetry.space_group_name_H-M             'P 1' 
_symmetry.pdbx_full_space_group_name_H-M   ? 
# 
_exptl.absorpt_coefficient_mu     ? 
_exptl.absorpt_correction_T_max   ? 
_exptl.absorpt_correction_T_min   ? 
_exptl.absorpt_correction_type    ? 
_exptl.absorpt_process_details    ? 
_exptl.entry_id                   7TMK 
_exptl.crystals_number            1 
_exptl.details                    ? 
_exptl.method                     'X-RAY DIFFRACTION' 
_exptl.method_details             ? 
# 
_exptl_crystal.colour                      ? 
_exptl_crystal.density_diffrn              ? 
_exptl_crystal.density_Matthews            2.66 
_exptl_crystal.density_method              ? 
_exptl_crystal.density_percent_sol         53.76 
_exptl_crystal.description                 ? 
_exptl_crystal.F_000                       ? 
_exptl_crystal.id                          1 
_exptl_crystal.preparation                 ? 
_exptl_crystal.size_max                    ? 
_exptl_crystal.size_mid                    ? 
_exptl_crystal.size_min                    ? 
_exptl_crystal.size_rad                    ? 
_exptl_crystal.colour_lustre               ? 
_exptl_crystal.colour_modifier             ? 
_exptl_crystal.colour_primary              ? 
_exptl_crystal.density_meas                ? 
_exptl_crystal.density_meas_esd            ? 
_exptl_crystal.density_meas_gt             ? 
_exptl_crystal.density_meas_lt             ? 
_exptl_crystal.density_meas_temp           ? 
_exptl_crystal.density_meas_temp_esd       ? 
_exptl_crystal.density_meas_temp_gt        ? 
_exptl_crystal.density_meas_temp_lt        ? 
_exptl_crystal.pdbx_crystal_image_url      ? 
_exptl_crystal.pdbx_crystal_image_format   ? 
_exptl_crystal.pdbx_mosaicity              ? 
_exptl_crystal.pdbx_mosaicity_esd          ? 
# 
_exptl_crystal_grow.apparatus       ? 
_exptl_crystal_grow.atmosphere      ? 
_exptl_crystal_grow.crystal_id      1 
_exptl_crystal_grow.details         ? 
_exptl_crystal_grow.method          'SLOW COOLING' 
_exptl_crystal_grow.method_ref      ? 
_exptl_crystal_grow.pH              ? 
_exptl_crystal_grow.pressure        ? 
_exptl_crystal_grow.pressure_esd    ? 
_exptl_crystal_grow.seeding         ? 
_exptl_crystal_grow.seeding_ref     ? 
_exptl_crystal_grow.temp            298 
_exptl_crystal_grow.temp_details    ? 
_exptl_crystal_grow.temp_esd        ? 
_exptl_crystal_grow.time            ? 
_exptl_crystal_grow.pdbx_details    'water and acetonitrile' 
_exptl_crystal_grow.pdbx_pH_range   ? 
# 
_diffrn.ambient_environment              ? 
_diffrn.ambient_temp                     100 
_diffrn.ambient_temp_details             ? 
_diffrn.ambient_temp_esd                 ? 
_diffrn.crystal_id                       1 
_diffrn.crystal_support                  ? 
_diffrn.crystal_treatment                ? 
_diffrn.details                          ? 
_diffrn.id                               1 
_diffrn.ambient_pressure                 ? 
_diffrn.ambient_pressure_esd             ? 
_diffrn.ambient_pressure_gt              ? 
_diffrn.ambient_pressure_lt              ? 
_diffrn.ambient_temp_gt                  ? 
_diffrn.ambient_temp_lt                  ? 
_diffrn.pdbx_serial_crystal_experiment   N 
# 
_diffrn_detector.details                      ? 
_diffrn_detector.detector                     PIXEL 
_diffrn_detector.diffrn_id                    1 
_diffrn_detector.type                         'Bruker PHOTON II' 
_diffrn_detector.area_resol_mean              ? 
_diffrn_detector.dtime                        ? 
_diffrn_detector.pdbx_frames_total            ? 
_diffrn_detector.pdbx_collection_time_total   ? 
_diffrn_detector.pdbx_collection_date         2021-07-13 
_diffrn_detector.pdbx_frequency               ? 
# 
_diffrn_radiation.collimation                      ? 
_diffrn_radiation.diffrn_id                        1 
_diffrn_radiation.filter_edge                      ? 
_diffrn_radiation.inhomogeneity                    ? 
_diffrn_radiation.monochromator                    ? 
_diffrn_radiation.polarisn_norm                    ? 
_diffrn_radiation.polarisn_ratio                   ? 
_diffrn_radiation.probe                            ? 
_diffrn_radiation.type                             ? 
_diffrn_radiation.xray_symbol                      ? 
_diffrn_radiation.wavelength_id                    1 
_diffrn_radiation.pdbx_monochromatic_or_laue_m_l   M 
_diffrn_radiation.pdbx_wavelength_list             ? 
_diffrn_radiation.pdbx_wavelength                  ? 
_diffrn_radiation.pdbx_diffrn_protocol             'SINGLE WAVELENGTH' 
_diffrn_radiation.pdbx_analyzer                    ? 
_diffrn_radiation.pdbx_scattering_type             x-ray 
# 
_diffrn_radiation_wavelength.id           1 
_diffrn_radiation_wavelength.wavelength   0.711 
_diffrn_radiation_wavelength.wt           1.0 
# 
_diffrn_source.current                     ? 
_diffrn_source.details                     ? 
_diffrn_source.diffrn_id                   1 
_diffrn_source.power                       ? 
_diffrn_source.size                        ? 
_diffrn_source.source                      'SEALED TUBE' 
_diffrn_source.target                      ? 
_diffrn_source.type                        'BRUKER D8 QUEST' 
_diffrn_source.voltage                     ? 
_diffrn_source.take-off_angle              ? 
_diffrn_source.pdbx_wavelength_list        0.711 
_diffrn_source.pdbx_wavelength             ? 
_diffrn_source.pdbx_synchrotron_beamline   ? 
_diffrn_source.pdbx_synchrotron_site       ? 
# 
_reflns.B_iso_Wilson_estimate                          3.60 
_reflns.entry_id                                       7TMK 
_reflns.data_reduction_details                         ? 
_reflns.data_reduction_method                          ? 
_reflns.d_resolution_high                              .83 
_reflns.d_resolution_low                               8.88 
_reflns.details                                        ? 
_reflns.limit_h_max                                    ? 
_reflns.limit_h_min                                    ? 
_reflns.limit_k_max                                    ? 
_reflns.limit_k_min                                    ? 
_reflns.limit_l_max                                    ? 
_reflns.limit_l_min                                    ? 
_reflns.number_all                                     ? 
_reflns.number_obs                                     18180 
_reflns.observed_criterion                             ? 
_reflns.observed_criterion_F_max                       ? 
_reflns.observed_criterion_F_min                       ? 
_reflns.observed_criterion_I_max                       ? 
_reflns.observed_criterion_I_min                       ? 
_reflns.observed_criterion_sigma_F                     ? 
_reflns.observed_criterion_sigma_I                     ? 
_reflns.percent_possible_obs                           98.94 
_reflns.R_free_details                                 ? 
_reflns.Rmerge_F_all                                   ? 
_reflns.Rmerge_F_obs                                   ? 
_reflns.Friedel_coverage                               ? 
_reflns.number_gt                                      ? 
_reflns.threshold_expression                           ? 
_reflns.pdbx_redundancy                                6.8 
_reflns.pdbx_Rmerge_I_obs                              ? 
_reflns.pdbx_Rmerge_I_all                              ? 
_reflns.pdbx_Rsym_value                                ? 
_reflns.pdbx_netI_over_av_sigmaI                       ? 
_reflns.pdbx_netI_over_sigmaI                          13.03 
_reflns.pdbx_res_netI_over_av_sigmaI_2                 ? 
_reflns.pdbx_res_netI_over_sigmaI_2                    ? 
_reflns.pdbx_chi_squared                               ? 
_reflns.pdbx_scaling_rejects                           ? 
_reflns.pdbx_d_res_high_opt                            ? 
_reflns.pdbx_d_res_low_opt                             ? 
_reflns.pdbx_d_res_opt_method                          ? 
_reflns.phase_calculation_details                      ? 
_reflns.pdbx_Rrim_I_all                                ? 
_reflns.pdbx_Rpim_I_all                                ? 
_reflns.pdbx_d_opt                                     ? 
_reflns.pdbx_number_measured_all                       ? 
_reflns.pdbx_diffrn_id                                 1 
_reflns.pdbx_ordinal                                   1 
_reflns.pdbx_CC_half                                   .999 
_reflns.pdbx_CC_star                                   ? 
_reflns.pdbx_R_split                                   ? 
_reflns.pdbx_aniso_diffraction_limit_axis_1_ortho[1]   ? 
_reflns.pdbx_aniso_diffraction_limit_axis_1_ortho[2]   ? 
_reflns.pdbx_aniso_diffraction_limit_axis_1_ortho[3]   ? 
_reflns.pdbx_aniso_diffraction_limit_axis_2_ortho[1]   ? 
_reflns.pdbx_aniso_diffraction_limit_axis_2_ortho[2]   ? 
_reflns.pdbx_aniso_diffraction_limit_axis_2_ortho[3]   ? 
_reflns.pdbx_aniso_diffraction_limit_axis_3_ortho[1]   ? 
_reflns.pdbx_aniso_diffraction_limit_axis_3_ortho[2]   ? 
_reflns.pdbx_aniso_diffraction_limit_axis_3_ortho[3]   ? 
_reflns.pdbx_aniso_diffraction_limit_1                 ? 
_reflns.pdbx_aniso_diffraction_limit_2                 ? 
_reflns.pdbx_aniso_diffraction_limit_3                 ? 
_reflns.pdbx_aniso_B_tensor_eigenvector_1_ortho[1]     ? 
_reflns.pdbx_aniso_B_tensor_eigenvector_1_ortho[2]     ? 
_reflns.pdbx_aniso_B_tensor_eigenvector_1_ortho[3]     ? 
_reflns.pdbx_aniso_B_tensor_eigenvector_2_ortho[1]     ? 
_reflns.pdbx_aniso_B_tensor_eigenvector_2_ortho[2]     ? 
_reflns.pdbx_aniso_B_tensor_eigenvector_2_ortho[3]     ? 
_reflns.pdbx_aniso_B_tensor_eigenvector_3_ortho[1]     ? 
_reflns.pdbx_aniso_B_tensor_eigenvector_3_ortho[2]     ? 
_reflns.pdbx_aniso_B_tensor_eigenvector_3_ortho[3]     ? 
_reflns.pdbx_aniso_B_tensor_eigenvalue_1               ? 
_reflns.pdbx_aniso_B_tensor_eigenvalue_2               ? 
_reflns.pdbx_aniso_B_tensor_eigenvalue_3               ? 
_reflns.pdbx_orthogonalization_convention              ? 
_reflns.pdbx_percent_possible_ellipsoidal              ? 
_reflns.pdbx_percent_possible_spherical                ? 
_reflns.pdbx_percent_possible_ellipsoidal_anomalous    ? 
_reflns.pdbx_percent_possible_spherical_anomalous      ? 
_reflns.pdbx_redundancy_anomalous                      ? 
_reflns.pdbx_CC_half_anomalous                         ? 
_reflns.pdbx_absDiff_over_sigma_anomalous              ? 
_reflns.pdbx_percent_possible_anomalous                ? 
_reflns.pdbx_observed_signal_threshold                 ? 
_reflns.pdbx_signal_type                               ? 
_reflns.pdbx_signal_details                            ? 
_reflns.pdbx_signal_software_id                        ? 
# 
_reflns_shell.d_res_high                                    .83 
_reflns_shell.d_res_low                                     .859 
_reflns_shell.meanI_over_sigI_all                           ? 
_reflns_shell.meanI_over_sigI_obs                           ? 
_reflns_shell.number_measured_all                           ? 
_reflns_shell.number_measured_obs                           ? 
_reflns_shell.number_possible                               ? 
_reflns_shell.number_unique_all                             ? 
_reflns_shell.number_unique_obs                             9944 
_reflns_shell.percent_possible_all                          ? 
_reflns_shell.percent_possible_obs                          ? 
_reflns_shell.Rmerge_F_all                                  ? 
_reflns_shell.Rmerge_F_obs                                  ? 
_reflns_shell.Rmerge_I_all                                  ? 
_reflns_shell.Rmerge_I_obs                                  ? 
_reflns_shell.meanI_over_sigI_gt                            ? 
_reflns_shell.meanI_over_uI_all                             ? 
_reflns_shell.meanI_over_uI_gt                              ? 
_reflns_shell.number_measured_gt                            ? 
_reflns_shell.number_unique_gt                              ? 
_reflns_shell.percent_possible_gt                           ? 
_reflns_shell.Rmerge_F_gt                                   ? 
_reflns_shell.Rmerge_I_gt                                   ? 
_reflns_shell.pdbx_redundancy                               ? 
_reflns_shell.pdbx_Rsym_value                               ? 
_reflns_shell.pdbx_chi_squared                              ? 
_reflns_shell.pdbx_netI_over_sigmaI_all                     ? 
_reflns_shell.pdbx_netI_over_sigmaI_obs                     ? 
_reflns_shell.pdbx_Rrim_I_all                               ? 
_reflns_shell.pdbx_Rpim_I_all                               ? 
_reflns_shell.pdbx_rejects                                  ? 
_reflns_shell.pdbx_ordinal                                  1 
_reflns_shell.pdbx_diffrn_id                                1 
_reflns_shell.pdbx_CC_half                                  .886 
_reflns_shell.pdbx_CC_star                                  ? 
_reflns_shell.pdbx_R_split                                  ? 
_reflns_shell.pdbx_percent_possible_ellipsoidal             ? 
_reflns_shell.pdbx_percent_possible_spherical               ? 
_reflns_shell.pdbx_percent_possible_ellipsoidal_anomalous   ? 
_reflns_shell.pdbx_percent_possible_spherical_anomalous     ? 
_reflns_shell.pdbx_redundancy_anomalous                     ? 
_reflns_shell.pdbx_CC_half_anomalous                        ? 
_reflns_shell.pdbx_absDiff_over_sigma_anomalous             ? 
_reflns_shell.pdbx_percent_possible_anomalous               ? 
# 
_refine.aniso_B[1][1]                            ? 
_refine.aniso_B[1][2]                            ? 
_refine.aniso_B[1][3]                            ? 
_refine.aniso_B[2][2]                            ? 
_refine.aniso_B[2][3]                            ? 
_refine.aniso_B[3][3]                            ? 
_refine.B_iso_max                                ? 
_refine.B_iso_mean                               5.13 
_refine.B_iso_min                                ? 
_refine.correlation_coeff_Fo_to_Fc               ? 
_refine.correlation_coeff_Fo_to_Fc_free          ? 
_refine.details                                  ? 
_refine.diff_density_max                         ? 
_refine.diff_density_max_esd                     ? 
_refine.diff_density_min                         ? 
_refine.diff_density_min_esd                     ? 
_refine.diff_density_rms                         ? 
_refine.diff_density_rms_esd                     ? 
_refine.entry_id                                 7TMK 
_refine.pdbx_refine_id                           'X-RAY DIFFRACTION' 
_refine.ls_abs_structure_details                 ? 
_refine.ls_abs_structure_Flack                   ? 
_refine.ls_abs_structure_Flack_esd               ? 
_refine.ls_abs_structure_Rogers                  ? 
_refine.ls_abs_structure_Rogers_esd              ? 
_refine.ls_d_res_high                            0.83 
_refine.ls_d_res_low                             8.88 
_refine.ls_extinction_coef                       ? 
_refine.ls_extinction_coef_esd                   ? 
_refine.ls_extinction_expression                 ? 
_refine.ls_extinction_method                     ? 
_refine.ls_goodness_of_fit_all                   ? 
_refine.ls_goodness_of_fit_all_esd               ? 
_refine.ls_goodness_of_fit_obs                   ? 
_refine.ls_goodness_of_fit_obs_esd               ? 
_refine.ls_hydrogen_treatment                    ? 
_refine.ls_matrix_type                           ? 
_refine.ls_number_constraints                    ? 
_refine.ls_number_parameters                     ? 
_refine.ls_number_reflns_all                     ? 
_refine.ls_number_reflns_obs                     17291 
_refine.ls_number_reflns_R_free                  889 
_refine.ls_number_reflns_R_work                  17291 
_refine.ls_number_restraints                     ? 
_refine.ls_percent_reflns_obs                    99.04 
_refine.ls_percent_reflns_R_free                 4.89 
_refine.ls_R_factor_all                          ? 
_refine.ls_R_factor_obs                          0.1402 
_refine.ls_R_factor_R_free                       0.1569 
_refine.ls_R_factor_R_free_error                 ? 
_refine.ls_R_factor_R_free_error_details         ? 
_refine.ls_R_factor_R_work                       0.1393 
_refine.ls_R_Fsqd_factor_obs                     ? 
_refine.ls_R_I_factor_obs                        ? 
_refine.ls_redundancy_reflns_all                 ? 
_refine.ls_redundancy_reflns_obs                 ? 
_refine.ls_restrained_S_all                      ? 
_refine.ls_restrained_S_obs                      ? 
_refine.ls_shift_over_esd_max                    ? 
_refine.ls_shift_over_esd_mean                   ? 
_refine.ls_structure_factor_coef                 ? 
_refine.ls_weighting_details                     ? 
_refine.ls_weighting_scheme                      ? 
_refine.ls_wR_factor_all                         ? 
_refine.ls_wR_factor_obs                         ? 
_refine.ls_wR_factor_R_free                      ? 
_refine.ls_wR_factor_R_work                      ? 
_refine.occupancy_max                            ? 
_refine.occupancy_min                            ? 
_refine.solvent_model_details                    'FLAT BULK SOLVENT MODEL' 
_refine.solvent_model_param_bsol                 ? 
_refine.solvent_model_param_ksol                 ? 
_refine.pdbx_R_complete                          ? 
_refine.ls_R_factor_gt                           ? 
_refine.ls_goodness_of_fit_gt                    ? 
_refine.ls_goodness_of_fit_ref                   ? 
_refine.ls_shift_over_su_max                     ? 
_refine.ls_shift_over_su_max_lt                  ? 
_refine.ls_shift_over_su_mean                    ? 
_refine.ls_shift_over_su_mean_lt                 ? 
_refine.pdbx_ls_sigma_I                          ? 
_refine.pdbx_ls_sigma_F                          1.98 
_refine.pdbx_ls_sigma_Fsqd                       ? 
_refine.pdbx_data_cutoff_high_absF               ? 
_refine.pdbx_data_cutoff_high_rms_absF           ? 
_refine.pdbx_data_cutoff_low_absF                ? 
_refine.pdbx_isotropic_thermal_model             ? 
_refine.pdbx_ls_cross_valid_method               'FREE R-VALUE' 
_refine.pdbx_method_to_determine_struct          'MOLECULAR REPLACEMENT' 
_refine.pdbx_starting_model                      7TLS 
_refine.pdbx_stereochemistry_target_values       'GeoStd + Monomer Library + CDL v1.2' 
_refine.pdbx_R_Free_selection_details            ? 
_refine.pdbx_stereochem_target_val_spec_case     ? 
_refine.pdbx_overall_ESU_R                       ? 
_refine.pdbx_overall_ESU_R_Free                  ? 
_refine.pdbx_solvent_vdw_probe_radii             1.1100 
_refine.pdbx_solvent_ion_probe_radii             ? 
_refine.pdbx_solvent_shrinkage_radii             0.9000 
_refine.pdbx_real_space_R                        ? 
_refine.pdbx_density_correlation                 ? 
_refine.pdbx_pd_number_of_powder_patterns        ? 
_refine.pdbx_pd_number_of_points                 ? 
_refine.pdbx_pd_meas_number_of_points            ? 
_refine.pdbx_pd_proc_ls_prof_R_factor            ? 
_refine.pdbx_pd_proc_ls_prof_wR_factor           ? 
_refine.pdbx_pd_Marquardt_correlation_coeff      ? 
_refine.pdbx_pd_Fsqrd_R_factor                   ? 
_refine.pdbx_pd_ls_matrix_band_width             ? 
_refine.pdbx_overall_phase_error                 18.2098 
_refine.pdbx_overall_SU_R_free_Cruickshank_DPI   ? 
_refine.pdbx_overall_SU_R_free_Blow_DPI          ? 
_refine.pdbx_overall_SU_R_Blow_DPI               ? 
_refine.pdbx_TLS_residual_ADP_flag               ? 
_refine.pdbx_diffrn_id                           1 
_refine.overall_SU_B                             ? 
_refine.overall_SU_ML                            0.0752 
_refine.overall_SU_R_Cruickshank_DPI             ? 
_refine.overall_SU_R_free                        ? 
_refine.overall_FOM_free_R_set                   ? 
_refine.overall_FOM_work_R_set                   ? 
_refine.pdbx_average_fsc_overall                 ? 
_refine.pdbx_average_fsc_work                    ? 
_refine.pdbx_average_fsc_free                    ? 
# 
_refine_hist.pdbx_refine_id                   'X-RAY DIFFRACTION' 
_refine_hist.cycle_id                         LAST 
_refine_hist.details                          ? 
_refine_hist.d_res_high                       0.83 
_refine_hist.d_res_low                        8.88 
_refine_hist.number_atoms_solvent             21 
_refine_hist.number_atoms_total               234 
_refine_hist.number_reflns_all                ? 
_refine_hist.number_reflns_obs                ? 
_refine_hist.number_reflns_R_free             ? 
_refine_hist.number_reflns_R_work             ? 
_refine_hist.R_factor_all                     ? 
_refine_hist.R_factor_obs                     ? 
_refine_hist.R_factor_R_free                  ? 
_refine_hist.R_factor_R_work                  ? 
_refine_hist.pdbx_number_residues_total       ? 
_refine_hist.pdbx_B_iso_mean_ligand           ? 
_refine_hist.pdbx_B_iso_mean_solvent          ? 
_refine_hist.pdbx_number_atoms_protein        166 
_refine_hist.pdbx_number_atoms_nucleic_acid   0 
_refine_hist.pdbx_number_atoms_ligand         47 
_refine_hist.pdbx_number_atoms_lipid          ? 
_refine_hist.pdbx_number_atoms_carb           ? 
_refine_hist.pdbx_pseudo_atom_details         ? 
# 
loop_
_refine_ls_restr.pdbx_refine_id 
_refine_ls_restr.criterion 
_refine_ls_restr.dev_ideal 
_refine_ls_restr.dev_ideal_target 
_refine_ls_restr.number 
_refine_ls_restr.rejects 
_refine_ls_restr.type 
_refine_ls_restr.weight 
_refine_ls_restr.pdbx_restraint_function 
'X-RAY DIFFRACTION' ? 0.0119  ? 289 ? f_bond_d           ? ? 
'X-RAY DIFFRACTION' ? 2.0083  ? 390 ? f_angle_d          ? ? 
'X-RAY DIFFRACTION' ? 0.0539  ? 21  ? f_chiral_restr     ? ? 
'X-RAY DIFFRACTION' ? 0.0065  ? 45  ? f_plane_restr      ? ? 
'X-RAY DIFFRACTION' ? 35.8062 ? 79  ? f_dihedral_angle_d ? ? 
# 
loop_
_refine_ls_shell.pdbx_refine_id 
_refine_ls_shell.d_res_high 
_refine_ls_shell.d_res_low 
_refine_ls_shell.number_reflns_all 
_refine_ls_shell.number_reflns_obs 
_refine_ls_shell.number_reflns_R_free 
_refine_ls_shell.number_reflns_R_work 
_refine_ls_shell.percent_reflns_obs 
_refine_ls_shell.percent_reflns_R_free 
_refine_ls_shell.R_factor_all 
_refine_ls_shell.R_factor_obs 
_refine_ls_shell.R_factor_R_free 
_refine_ls_shell.R_factor_R_free_error 
_refine_ls_shell.R_factor_R_work 
_refine_ls_shell.redundancy_reflns_all 
_refine_ls_shell.redundancy_reflns_obs 
_refine_ls_shell.wR_factor_all 
_refine_ls_shell.wR_factor_obs 
_refine_ls_shell.wR_factor_R_free 
_refine_ls_shell.wR_factor_R_work 
_refine_ls_shell.pdbx_R_complete 
_refine_ls_shell.pdbx_total_number_of_bins_used 
_refine_ls_shell.pdbx_phase_error 
_refine_ls_shell.pdbx_fsc_work 
_refine_ls_shell.pdbx_fsc_free 
'X-RAY DIFFRACTION' 0.83 0.88 . . 155 2845 98.55 . . . 0.2368 . 0.2450 . . . . . . . . . . . 
'X-RAY DIFFRACTION' 0.88 0.95 . . 161 2882 99.25 . . . 0.2257 . 0.2032 . . . . . . . . . . . 
'X-RAY DIFFRACTION' 0.95 1.05 . . 135 2894 98.76 . . . 0.2045 . 0.1589 . . . . . . . . . . . 
'X-RAY DIFFRACTION' 1.05 1.20 . . 140 2875 98.63 . . . 0.1422 . 0.1318 . . . . . . . . . . . 
'X-RAY DIFFRACTION' 1.20 1.51 . . 131 2929 99.71 . . . 0.1160 . 0.1209 . . . . . . . . . . . 
'X-RAY DIFFRACTION' 1.51 8.88 . . 167 2866 99.34 . . . 0.1319 . 0.1077 . . . . . . . . . . . 
# 
_struct.entry_id                     7TMK 
_struct.title                        'Porous framework formed by assembly of a bipyridyl-conjugated helical peptide' 
_struct.pdbx_model_details           ? 
_struct.pdbx_formula_weight          ? 
_struct.pdbx_formula_weight_method   ? 
_struct.pdbx_model_type_details      ? 
_struct.pdbx_CASP_flag               N 
# 
_struct_keywords.entry_id        7TMK 
_struct_keywords.text            'porous, framework, helix, 310, alpha, assembly, bipyridine, UIC-1, DE NOVO PROTEIN' 
_struct_keywords.pdbx_keywords   'DE NOVO PROTEIN' 
# 
loop_
_struct_asym.id 
_struct_asym.pdbx_blank_PDB_chainid_flag 
_struct_asym.pdbx_modified 
_struct_asym.entity_id 
_struct_asym.details 
A N N 1 ? 
B N N 1 ? 
C N N 2 ? 
D N N 2 ? 
E N N 2 ? 
F N N 3 ? 
G N N 3 ? 
# 
_struct_ref.id                         1 
_struct_ref.db_name                    PDB 
_struct_ref.db_code                    7TMK 
_struct_ref.pdbx_db_accession          7TMK 
_struct_ref.pdbx_db_isoform            ? 
_struct_ref.entity_id                  2 
_struct_ref.pdbx_seq_one_letter_code   ? 
_struct_ref.pdbx_align_begin           1 
# 
loop_
_struct_ref_seq.align_id 
_struct_ref_seq.ref_id 
_struct_ref_seq.pdbx_PDB_id_code 
_struct_ref_seq.pdbx_strand_id 
_struct_ref_seq.seq_align_beg 
_struct_ref_seq.pdbx_seq_align_beg_ins_code 
_struct_ref_seq.seq_align_end 
_struct_ref_seq.pdbx_seq_align_end_ins_code 
_struct_ref_seq.pdbx_db_accession 
_struct_ref_seq.db_align_beg 
_struct_ref_seq.pdbx_db_align_beg_ins_code 
_struct_ref_seq.db_align_end 
_struct_ref_seq.pdbx_db_align_end_ins_code 
_struct_ref_seq.pdbx_auth_seq_align_beg 
_struct_ref_seq.pdbx_auth_seq_align_end 
1 1 7TMK A 2 ? 10 ? 7TMK 2 ? 10 ? 2 10 
2 1 7TMK C 2 ? 10 ? 7TMK 2 ? 10 ? 2 10 
# 
loop_
_pdbx_struct_assembly.id 
_pdbx_struct_assembly.details 
_pdbx_struct_assembly.method_details 
_pdbx_struct_assembly.oligomeric_details 
_pdbx_struct_assembly.oligomeric_count 
1 software_defined_assembly PISA monomeric 1 
2 software_defined_assembly PISA monomeric 1 
# 
loop_
_pdbx_struct_assembly_gen.assembly_id 
_pdbx_struct_assembly_gen.oper_expression 
_pdbx_struct_assembly_gen.asym_id_list 
1 1 A,C,D,F 
2 1 B,E,G   
# 
_pdbx_struct_assembly_auth_evidence.id                     1 
_pdbx_struct_assembly_auth_evidence.assembly_id            1 
_pdbx_struct_assembly_auth_evidence.experimental_support   none 
_pdbx_struct_assembly_auth_evidence.details                ? 
# 
_pdbx_struct_oper_list.id                   1 
_pdbx_struct_oper_list.type                 'identity operation' 
_pdbx_struct_oper_list.name                 1_555 
_pdbx_struct_oper_list.symmetry_operation   x,y,z 
_pdbx_struct_oper_list.matrix[1][1]         1.0000000000 
_pdbx_struct_oper_list.matrix[1][2]         0.0000000000 
_pdbx_struct_oper_list.matrix[1][3]         0.0000000000 
_pdbx_struct_oper_list.vector[1]            0.0000000000 
_pdbx_struct_oper_list.matrix[2][1]         0.0000000000 
_pdbx_struct_oper_list.matrix[2][2]         1.0000000000 
_pdbx_struct_oper_list.matrix[2][3]         0.0000000000 
_pdbx_struct_oper_list.vector[2]            0.0000000000 
_pdbx_struct_oper_list.matrix[3][1]         0.0000000000 
_pdbx_struct_oper_list.matrix[3][2]         0.0000000000 
_pdbx_struct_oper_list.matrix[3][3]         1.0000000000 
_pdbx_struct_oper_list.vector[3]            0.0000000000 
# 
loop_
_struct_conf.conf_type_id 
_struct_conf.id 
_struct_conf.pdbx_PDB_helix_id 
_struct_conf.beg_label_comp_id 
_struct_conf.beg_label_asym_id 
_struct_conf.beg_label_seq_id 
_struct_conf.pdbx_beg_PDB_ins_code 
_struct_conf.end_label_comp_id 
_struct_conf.end_label_asym_id 
_struct_conf.end_label_seq_id 
_struct_conf.pdbx_end_PDB_ins_code 
_struct_conf.beg_auth_comp_id 
_struct_conf.beg_auth_asym_id 
_struct_conf.beg_auth_seq_id 
_struct_conf.end_auth_comp_id 
_struct_conf.end_auth_asym_id 
_struct_conf.end_auth_seq_id 
_struct_conf.pdbx_PDB_helix_class 
_struct_conf.details 
_struct_conf.pdbx_PDB_helix_length 
HELX_P HELX_P1 AA1 LEU A 2 ? GLN A 8 ? LEU A 2 GLN A 8 1 ? 7 
HELX_P HELX_P2 AA2 AIB B 3 ? GLN B 8 ? AIB C 3 GLN C 8 1 ? 6 
# 
_struct_conf_type.id          HELX_P 
_struct_conf_type.criteria    ? 
_struct_conf_type.reference   ? 
# 
loop_
_struct_conn.id 
_struct_conn.conn_type_id 
_struct_conn.pdbx_leaving_atom_flag 
_struct_conn.pdbx_PDB_id 
_struct_conn.ptnr1_label_asym_id 
_struct_conn.ptnr1_label_comp_id 
_struct_conn.ptnr1_label_seq_id 
_struct_conn.ptnr1_label_atom_id 
_struct_conn.pdbx_ptnr1_label_alt_id 
_struct_conn.pdbx_ptnr1_PDB_ins_code 
_struct_conn.pdbx_ptnr1_standard_comp_id 
_struct_conn.ptnr1_symmetry 
_struct_conn.ptnr2_label_asym_id 
_struct_conn.ptnr2_label_comp_id 
_struct_conn.ptnr2_label_seq_id 
_struct_conn.ptnr2_label_atom_id 
_struct_conn.pdbx_ptnr2_label_alt_id 
_struct_conn.pdbx_ptnr2_PDB_ins_code 
_struct_conn.ptnr1_auth_asym_id 
_struct_conn.ptnr1_auth_comp_id 
_struct_conn.ptnr1_auth_seq_id 
_struct_conn.ptnr2_auth_asym_id 
_struct_conn.ptnr2_auth_comp_id 
_struct_conn.ptnr2_auth_seq_id 
_struct_conn.ptnr2_symmetry 
_struct_conn.pdbx_ptnr3_label_atom_id 
_struct_conn.pdbx_ptnr3_label_seq_id 
_struct_conn.pdbx_ptnr3_label_comp_id 
_struct_conn.pdbx_ptnr3_label_asym_id 
_struct_conn.pdbx_ptnr3_label_alt_id 
_struct_conn.pdbx_ptnr3_PDB_ins_code 
_struct_conn.details 
_struct_conn.pdbx_dist_value 
_struct_conn.pdbx_value_order 
_struct_conn.pdbx_role 
covale1  covale one  ? A I6W 1  C02 A ? ? 1_555 A LEU 2  N   ? ? A I6W 1  A LEU 2  1_555 ? ? ? ? ? ? ? 1.416 ? ? 
covale2  covale one  ? A I6W 1  C02 B ? ? 1_555 A LEU 2  N   ? ? A I6W 1  A LEU 2  1_555 ? ? ? ? ? ? ? 1.429 ? ? 
covale3  covale both ? A LEU 2  C   ? ? ? 1_555 A AIB 3  N   ? ? A LEU 2  A AIB 3  1_555 ? ? ? ? ? ? ? 1.332 ? ? 
covale4  covale both ? A AIB 3  C   ? ? ? 1_555 A ALA 4  N   ? ? A AIB 3  A ALA 4  1_555 ? ? ? ? ? ? ? 1.328 ? ? 
covale5  covale both ? A ALA 4  C   ? ? ? 1_555 A AIB 5  N   ? ? A ALA 4  A AIB 5  1_555 ? ? ? ? ? ? ? 1.331 ? ? 
covale6  covale both ? A AIB 5  C   ? ? ? 1_555 A LEU 6  N   ? ? A AIB 5  A LEU 6  1_555 ? ? ? ? ? ? ? 1.330 ? ? 
covale7  covale both ? A GLN 8  C   ? ? ? 1_555 A AIB 9  N   ? ? A GLN 8  A AIB 9  1_555 ? ? ? ? ? ? ? 1.337 ? ? 
covale8  covale both ? A AIB 9  C   ? ? ? 1_555 A LEU 10 N   ? ? A AIB 9  A LEU 10 1_555 ? ? ? ? ? ? ? 1.336 ? ? 
covale9  covale one  ? A LEU 10 C   ? ? ? 1_555 A I77 11 N15 A ? A LEU 10 A I77 11 1_555 ? ? ? ? ? ? ? 1.413 ? ? 
covale10 covale one  ? A LEU 10 C   ? ? ? 1_555 A I77 11 N15 B ? A LEU 10 A I77 11 1_555 ? ? ? ? ? ? ? 1.429 ? ? 
covale11 covale one  ? B I6W 1  C02 A ? ? 1_555 B LEU 2  N   ? ? C I6W 1  C LEU 2  1_555 ? ? ? ? ? ? ? 1.423 ? ? 
covale12 covale one  ? B I6W 1  C02 B ? ? 1_555 B LEU 2  N   ? ? C I6W 1  C LEU 2  1_555 ? ? ? ? ? ? ? 1.427 ? ? 
covale13 covale both ? B LEU 2  C   ? ? ? 1_555 B AIB 3  N   ? ? C LEU 2  C AIB 3  1_555 ? ? ? ? ? ? ? 1.331 ? ? 
covale14 covale both ? B AIB 3  C   ? ? ? 1_555 B ALA 4  N   ? ? C AIB 3  C ALA 4  1_555 ? ? ? ? ? ? ? 1.334 ? ? 
covale15 covale both ? B ALA 4  C   ? ? ? 1_555 B AIB 5  N   ? ? C ALA 4  C AIB 5  1_555 ? ? ? ? ? ? ? 1.335 ? ? 
covale16 covale both ? B AIB 5  C   ? ? ? 1_555 B LEU 6  N   ? ? C AIB 5  C LEU 6  1_555 ? ? ? ? ? ? ? 1.342 ? ? 
covale17 covale both ? B GLN 8  C   ? ? ? 1_555 B AIB 9  N   ? ? C GLN 8  C AIB 9  1_555 ? ? ? ? ? ? ? 1.338 ? ? 
covale18 covale both ? B AIB 9  C   ? ? ? 1_555 B LEU 10 N   A ? C AIB 9  C LEU 10 1_555 ? ? ? ? ? ? ? 1.341 ? ? 
covale19 covale both ? B AIB 9  C   ? ? ? 1_555 B LEU 10 N   B ? C AIB 9  C LEU 10 1_555 ? ? ? ? ? ? ? 1.333 ? ? 
covale20 covale one  ? B LEU 10 C   A ? ? 1_555 B I77 11 N15 ? ? C LEU 10 C I77 11 1_555 ? ? ? ? ? ? ? 1.415 ? ? 
covale21 covale one  ? B LEU 10 C   B ? ? 1_555 B I77 11 N15 ? ? C LEU 10 C I77 11 1_555 ? ? ? ? ? ? ? 1.429 ? ? 
# 
_struct_conn_type.id          covale 
_struct_conn_type.criteria    ? 
_struct_conn_type.reference   ? 
# 
_pdbx_entry_details.entry_id                   7TMK 
_pdbx_entry_details.has_ligand_of_interest     N 
_pdbx_entry_details.compound_details           ? 
_pdbx_entry_details.source_details             ? 
_pdbx_entry_details.nonpolymer_details         ? 
_pdbx_entry_details.sequence_details           ? 
_pdbx_entry_details.has_protein_modification   ? 
# 
loop_
_pdbx_validate_close_contact.id 
_pdbx_validate_close_contact.PDB_model_num 
_pdbx_validate_close_contact.auth_atom_id_1 
_pdbx_validate_close_contact.auth_asym_id_1 
_pdbx_validate_close_contact.auth_comp_id_1 
_pdbx_validate_close_contact.auth_seq_id_1 
_pdbx_validate_close_contact.PDB_ins_code_1 
_pdbx_validate_close_contact.label_alt_id_1 
_pdbx_validate_close_contact.auth_atom_id_2 
_pdbx_validate_close_contact.auth_asym_id_2 
_pdbx_validate_close_contact.auth_comp_id_2 
_pdbx_validate_close_contact.auth_seq_id_2 
_pdbx_validate_close_contact.PDB_ins_code_2 
_pdbx_validate_close_contact.label_alt_id_2 
_pdbx_validate_close_contact.dist 
1 1 H191 C I6W 1   ? B O C HOH 307 ? ? 1.08 
2 1 C19  C I6W 1   ? B O C HOH 307 ? ? 1.27 
3 1 C18  C I6W 1   ? B O C HOH 307 ? ? 1.67 
4 1 O    A HOH 304 ? ? O A HOH 311 ? ? 2.02 
5 1 O    A HOH 301 ? ? O A HOH 309 ? ? 2.17 
# 
_space_group_symop.id              1 
_space_group_symop.operation_xyz   x,y,z 
# 
loop_
_chem_comp_atom.comp_id 
_chem_comp_atom.atom_id 
_chem_comp_atom.type_symbol 
_chem_comp_atom.pdbx_aromatic_flag 
_chem_comp_atom.pdbx_stereo_config 
_chem_comp_atom.pdbx_ordinal 
AIB N    N N N 1   
AIB CA   C N N 2   
AIB C    C N N 3   
AIB O    O N N 4   
AIB OXT  O N N 5   
AIB CB1  C N N 6   
AIB CB2  C N N 7   
AIB H    H N N 8   
AIB H2   H N N 9   
AIB HXT  H N N 10  
AIB HB11 H N N 11  
AIB HB12 H N N 12  
AIB HB13 H N N 13  
AIB HB21 H N N 14  
AIB HB22 H N N 15  
AIB HB23 H N N 16  
ALA N    N N N 17  
ALA CA   C N S 18  
ALA C    C N N 19  
ALA O    O N N 20  
ALA CB   C N N 21  
ALA OXT  O N N 22  
ALA H    H N N 23  
ALA H2   H N N 24  
ALA HA   H N N 25  
ALA HB1  H N N 26  
ALA HB2  H N N 27  
ALA HB3  H N N 28  
ALA HXT  H N N 29  
CCN N    N N N 30  
CCN C1   C N N 31  
CCN C2   C N N 32  
CCN H21  H N N 33  
CCN H22  H N N 34  
CCN H23  H N N 35  
GLN N    N N N 36  
GLN CA   C N S 37  
GLN C    C N N 38  
GLN O    O N N 39  
GLN CB   C N N 40  
GLN CG   C N N 41  
GLN CD   C N N 42  
GLN OE1  O N N 43  
GLN NE2  N N N 44  
GLN OXT  O N N 45  
GLN H    H N N 46  
GLN H2   H N N 47  
GLN HA   H N N 48  
GLN HB2  H N N 49  
GLN HB3  H N N 50  
GLN HG2  H N N 51  
GLN HG3  H N N 52  
GLN HE21 H N N 53  
GLN HE22 H N N 54  
GLN HXT  H N N 55  
HOH O    O N N 56  
HOH H1   H N N 57  
HOH H2   H N N 58  
I6W C05  C Y N 59  
I6W C08  C Y N 60  
I6W C09  C Y N 61  
I6W N10  N Y N 62  
I6W C02  C N N 63  
I6W C03  C Y N 64  
I6W C04  C Y N 65  
I6W C06  C Y N 66  
I6W C11  C Y N 67  
I6W C12  C Y N 68  
I6W C13  C N N 69  
I6W C15  C N N 70  
I6W C16  C N N 71  
I6W C18  C Y N 72  
I6W C19  C Y N 73  
I6W N07  N Y N 74  
I6W O01  O N N 75  
I6W O14  O N N 76  
I6W O17  O N N 77  
I6W H051 H N N 78  
I6W H1   H N N 79  
I6W H041 H N N 80  
I6W H061 H N N 81  
I6W H111 H N N 82  
I6W H152 H N N 83  
I6W H151 H N N 84  
I6W H162 H N N 85  
I6W H163 H N N 86  
I6W H161 H N N 87  
I6W H181 H N N 88  
I6W H191 H N N 89  
I77 C11  C Y N 90  
I77 C12  C Y N 91  
I77 C13  C N N 92  
I77 C17  C Y N 93  
I77 C18  C Y N 94  
I77 C02  C N N 95  
I77 C03  C Y N 96  
I77 C04  C Y N 97  
I77 C05  C Y N 98  
I77 C06  C Y N 99  
I77 C08  C Y N 100 
I77 C09  C Y N 101 
I77 N01  N N N 102 
I77 N07  N Y N 103 
I77 N10  N Y N 104 
I77 N14  N N N 105 
I77 N15  N N N 106 
I77 O16  O N N 107 
I77 O19  O N N 108 
I77 H111 H N N 109 
I77 H171 H N N 110 
I77 H181 H N N 111 
I77 H041 H N N 112 
I77 H051 H N N 113 
I77 H061 H N N 114 
I77 H011 H N N 115 
I77 H012 H N N 116 
I77 H141 H N N 117 
I77 H1   H N N 118 
I77 H2   H N N 119 
LEU N    N N N 120 
LEU CA   C N S 121 
LEU C    C N N 122 
LEU O    O N N 123 
LEU CB   C N N 124 
LEU CG   C N N 125 
LEU CD1  C N N 126 
LEU CD2  C N N 127 
LEU OXT  O N N 128 
LEU H    H N N 129 
LEU H2   H N N 130 
LEU HA   H N N 131 
LEU HB2  H N N 132 
LEU HB3  H N N 133 
LEU HG   H N N 134 
LEU HD11 H N N 135 
LEU HD12 H N N 136 
LEU HD13 H N N 137 
LEU HD21 H N N 138 
LEU HD22 H N N 139 
LEU HD23 H N N 140 
LEU HXT  H N N 141 
MET N    N N N 142 
MET CA   C N S 143 
MET C    C N N 144 
MET O    O N N 145 
MET CB   C N N 146 
MET CG   C N N 147 
MET SD   S N N 148 
MET CE   C N N 149 
MET OXT  O N N 150 
MET H    H N N 151 
MET H2   H N N 152 
MET HA   H N N 153 
MET HB2  H N N 154 
MET HB3  H N N 155 
MET HG2  H N N 156 
MET HG3  H N N 157 
MET HE1  H N N 158 
MET HE2  H N N 159 
MET HE3  H N N 160 
MET HXT  H N N 161 
# 
loop_
_chem_comp_bond.comp_id 
_chem_comp_bond.atom_id_1 
_chem_comp_bond.atom_id_2 
_chem_comp_bond.value_order 
_chem_comp_bond.pdbx_aromatic_flag 
_chem_comp_bond.pdbx_stereo_config 
_chem_comp_bond.pdbx_ordinal 
AIB N   CA   sing N N 1   
AIB N   H    sing N N 2   
AIB N   H2   sing N N 3   
AIB CA  C    sing N N 4   
AIB CA  CB1  sing N N 5   
AIB CA  CB2  sing N N 6   
AIB C   O    doub N N 7   
AIB C   OXT  sing N N 8   
AIB OXT HXT  sing N N 9   
AIB CB1 HB11 sing N N 10  
AIB CB1 HB12 sing N N 11  
AIB CB1 HB13 sing N N 12  
AIB CB2 HB21 sing N N 13  
AIB CB2 HB22 sing N N 14  
AIB CB2 HB23 sing N N 15  
ALA N   CA   sing N N 16  
ALA N   H    sing N N 17  
ALA N   H2   sing N N 18  
ALA CA  C    sing N N 19  
ALA CA  CB   sing N N 20  
ALA CA  HA   sing N N 21  
ALA C   O    doub N N 22  
ALA C   OXT  sing N N 23  
ALA CB  HB1  sing N N 24  
ALA CB  HB2  sing N N 25  
ALA CB  HB3  sing N N 26  
ALA OXT HXT  sing N N 27  
CCN N   C1   trip N N 28  
CCN C1  C2   sing N N 29  
CCN C2  H21  sing N N 30  
CCN C2  H22  sing N N 31  
CCN C2  H23  sing N N 32  
GLN N   CA   sing N N 33  
GLN N   H    sing N N 34  
GLN N   H2   sing N N 35  
GLN CA  C    sing N N 36  
GLN CA  CB   sing N N 37  
GLN CA  HA   sing N N 38  
GLN C   O    doub N N 39  
GLN C   OXT  sing N N 40  
GLN CB  CG   sing N N 41  
GLN CB  HB2  sing N N 42  
GLN CB  HB3  sing N N 43  
GLN CG  CD   sing N N 44  
GLN CG  HG2  sing N N 45  
GLN CG  HG3  sing N N 46  
GLN CD  OE1  doub N N 47  
GLN CD  NE2  sing N N 48  
GLN NE2 HE21 sing N N 49  
GLN NE2 HE22 sing N N 50  
GLN OXT HXT  sing N N 51  
HOH O   H1   sing N N 52  
HOH O   H2   sing N N 53  
I6W O01 C02  doub N N 54  
I6W C02 C03  sing N N 55  
I6W C03 C06  doub Y N 56  
I6W C03 C04  sing Y N 57  
I6W C06 N07  sing Y N 58  
I6W C04 C05  doub Y N 59  
I6W N07 C08  doub Y N 60  
I6W C05 C08  sing Y N 61  
I6W C08 C09  sing N N 62  
I6W C09 C19  doub Y N 63  
I6W C09 N10  sing Y N 64  
I6W C19 C18  sing Y N 65  
I6W N10 C11  doub Y N 66  
I6W C18 C12  doub Y N 67  
I6W C11 C12  sing Y N 68  
I6W C12 C13  sing N N 69  
I6W C13 O17  doub N N 70  
I6W C13 O14  sing N N 71  
I6W O14 C15  sing N N 72  
I6W C15 C16  sing N N 73  
I6W C05 H051 sing N N 74  
I6W C02 H1   sing N N 75  
I6W C04 H041 sing N N 76  
I6W C06 H061 sing N N 77  
I6W C11 H111 sing N N 78  
I6W C15 H152 sing N N 79  
I6W C15 H151 sing N N 80  
I6W C16 H162 sing N N 81  
I6W C16 H163 sing N N 82  
I6W C16 H161 sing N N 83  
I6W C18 H181 sing N N 84  
I6W C19 H191 sing N N 85  
I77 N15 N14  sing N N 86  
I77 O16 C13  doub N N 87  
I77 N14 C13  sing N N 88  
I77 C13 C12  sing N N 89  
I77 C12 C17  doub Y N 90  
I77 C12 C11  sing Y N 91  
I77 C17 C18  sing Y N 92  
I77 C11 N10  doub Y N 93  
I77 C18 C09  doub Y N 94  
I77 N10 C09  sing Y N 95  
I77 C09 C08  sing N N 96  
I77 C08 N07  doub Y N 97  
I77 C08 C05  sing Y N 98  
I77 N07 C06  sing Y N 99  
I77 C05 C04  doub Y N 100 
I77 C06 C03  doub Y N 101 
I77 C04 C03  sing Y N 102 
I77 C03 C02  sing N N 103 
I77 C02 N01  sing N N 104 
I77 C02 O19  doub N N 105 
I77 C11 H111 sing N N 106 
I77 C17 H171 sing N N 107 
I77 C18 H181 sing N N 108 
I77 C04 H041 sing N N 109 
I77 C05 H051 sing N N 110 
I77 C06 H061 sing N N 111 
I77 N01 H011 sing N N 112 
I77 N01 H012 sing N N 113 
I77 N14 H141 sing N N 114 
I77 N15 H1   sing N N 115 
I77 N15 H2   sing N N 116 
LEU N   CA   sing N N 117 
LEU N   H    sing N N 118 
LEU N   H2   sing N N 119 
LEU CA  C    sing N N 120 
LEU CA  CB   sing N N 121 
LEU CA  HA   sing N N 122 
LEU C   O    doub N N 123 
LEU C   OXT  sing N N 124 
LEU CB  CG   sing N N 125 
LEU CB  HB2  sing N N 126 
LEU CB  HB3  sing N N 127 
LEU CG  CD1  sing N N 128 
LEU CG  CD2  sing N N 129 
LEU CG  HG   sing N N 130 
LEU CD1 HD11 sing N N 131 
LEU CD1 HD12 sing N N 132 
LEU CD1 HD13 sing N N 133 
LEU CD2 HD21 sing N N 134 
LEU CD2 HD22 sing N N 135 
LEU CD2 HD23 sing N N 136 
LEU OXT HXT  sing N N 137 
MET N   CA   sing N N 138 
MET N   H    sing N N 139 
MET N   H2   sing N N 140 
MET CA  C    sing N N 141 
MET CA  CB   sing N N 142 
MET CA  HA   sing N N 143 
MET C   O    doub N N 144 
MET C   OXT  sing N N 145 
MET CB  CG   sing N N 146 
MET CB  HB2  sing N N 147 
MET CB  HB3  sing N N 148 
MET CG  SD   sing N N 149 
MET CG  HG2  sing N N 150 
MET CG  HG3  sing N N 151 
MET SD  CE   sing N N 152 
MET CE  HE1  sing N N 153 
MET CE  HE2  sing N N 154 
MET CE  HE3  sing N N 155 
MET OXT HXT  sing N N 156 
# 
_pdbx_audit_support.funding_organization   'Department of Energy (DOE, United States)' 
_pdbx_audit_support.country                ? 
_pdbx_audit_support.grant_number           DE-AC02-06CH11357 
_pdbx_audit_support.ordinal                1 
# 
_pdbx_initial_refinement_model.id               1 
_pdbx_initial_refinement_model.entity_id_list   ? 
_pdbx_initial_refinement_model.type             'experimental model' 
_pdbx_initial_refinement_model.source_name      PDB 
_pdbx_initial_refinement_model.accession_code   7TLS 
_pdbx_initial_refinement_model.details          ? 
# 
_space_group.name_H-M_alt     'P 1' 
_space_group.name_Hall        'P 1' 
_space_group.IT_number        1 
_space_group.crystal_system   triclinic 
_space_group.id               1 
# 
_atom_sites.entry_id                    7TMK 
_atom_sites.Cartn_transf_matrix[1][1]   ? 
_atom_sites.Cartn_transf_matrix[1][2]   ? 
_atom_sites.Cartn_transf_matrix[1][3]   ? 
_atom_sites.Cartn_transf_matrix[2][1]   ? 
_atom_sites.Cartn_transf_matrix[2][2]   ? 
_atom_sites.Cartn_transf_matrix[2][3]   ? 
_atom_sites.Cartn_transf_matrix[3][1]   ? 
_atom_sites.Cartn_transf_matrix[3][2]   ? 
_atom_sites.Cartn_transf_matrix[3][3]   ? 
_atom_sites.Cartn_transf_vector[1]      ? 
_atom_sites.Cartn_transf_vector[2]      ? 
_atom_sites.Cartn_transf_vector[3]      ? 
_atom_sites.fract_transf_matrix[1][1]   -0.03710832 
_atom_sites.fract_transf_matrix[1][2]   -0.01702344 
_atom_sites.fract_transf_matrix[1][3]   0.06253997 
_atom_sites.fract_transf_matrix[2][1]   0.05827200 
_atom_sites.fract_transf_matrix[2][2]   -0.03926793 
_atom_sites.fract_transf_matrix[2][3]   0.02111113 
_atom_sites.fract_transf_matrix[3][1]   0.00990506 
_atom_sites.fract_transf_matrix[3][2]   0.03213555 
_atom_sites.fract_transf_matrix[3][3]   0.01480195 
_atom_sites.fract_transf_vector[1]      0.027855 
_atom_sites.fract_transf_vector[2]      -0.029380 
_atom_sites.fract_transf_vector[3]      -0.015075 
_atom_sites.solution_primary            ? 
_atom_sites.solution_secondary          ? 
_atom_sites.solution_hydrogens          ? 
_atom_sites.special_details             ? 
# 
loop_
_atom_type.symbol 
_atom_type.scat_dispersion_real 
_atom_type.scat_dispersion_imag 
_atom_type.scat_Cromer_Mann_a1 
_atom_type.scat_Cromer_Mann_a2 
_atom_type.scat_Cromer_Mann_a3 
_atom_type.scat_Cromer_Mann_a4 
_atom_type.scat_Cromer_Mann_b1 
_atom_type.scat_Cromer_Mann_b2 
_atom_type.scat_Cromer_Mann_b3 
_atom_type.scat_Cromer_Mann_b4 
_atom_type.scat_Cromer_Mann_c 
_atom_type.scat_source 
_atom_type.scat_dispersion_source 
C ? ? 2.51340 1.74867 1.72398 ? 31.80534 0.44561  10.58317 ? 0.0 
;3-Gaussian fit: Grosse-Kunstleve RW, Sauter NK, Adams PD: Newsletter of the IUCr Commission on Crystallographic Computing 2004, 3, 22-31.
;
? 
H ? ? 0.53795 0.34799 0.11320 ? 10.08003 29.74760 2.57510  ? 0.0 
;3-Gaussian fit: Grosse-Kunstleve RW, Sauter NK, Adams PD: Newsletter of the IUCr Commission on Crystallographic Computing 2004, 3, 22-31.
;
? 
N ? ? 2.99955 2.25584 1.72788 ? 23.27268 7.45433  0.31622  ? 0.0 
;3-Gaussian fit: Grosse-Kunstleve RW, Sauter NK, Adams PD: Newsletter of the IUCr Commission on Crystallographic Computing 2004, 3, 22-31.
;
? 
O ? ? 3.21184 3.04156 1.73156 ? 18.83700 5.90590  0.24126  ? 0.0 
;3-Gaussian fit: Grosse-Kunstleve RW, Sauter NK, Adams PD: Newsletter of the IUCr Commission on Crystallographic Computing 2004, 3, 22-31.
;
? 
S ? ? 6.83013 6.13863 2.99358 ? 0.66409  30.18870 3.52397  ? 0.0 
;3-Gaussian fit: Grosse-Kunstleve RW, Sauter NK, Adams PD: Newsletter of the IUCr Commission on Crystallographic Computing 2004, 3, 22-31.
;
? 
# 
loop_
_atom_site.group_PDB 
_atom_site.id 
_atom_site.type_symbol 
_atom_site.label_atom_id 
_atom_site.label_alt_id 
_atom_site.label_comp_id 
_atom_site.label_asym_id 
_atom_site.label_entity_id 
_atom_site.label_seq_id 
_atom_site.pdbx_PDB_ins_code 
_atom_site.Cartn_x 
_atom_site.Cartn_y 
_atom_site.Cartn_z 
_atom_site.occupancy 
_atom_site.B_iso_or_equiv 
_atom_site.pdbx_formal_charge 
_atom_site.auth_seq_id 
_atom_site.auth_comp_id 
_atom_site.auth_asym_id 
_atom_site.auth_atom_id 
_atom_site.pdbx_PDB_model_num 
HETATM 1   C C05  A I6W A 1 1  ? -5.90873  -0.50464  -1.42322  0.815 3.26564  ? 1   I6W A C05  1 
HETATM 2   C C05  B I6W A 1 1  ? -5.28540  -0.76055  -1.13581  0.185 2.97879  ? 1   I6W A C05  1 
HETATM 3   C C08  A I6W A 1 1  ? -7.02636  0.10280   -1.87495  0.815 2.80402  ? 1   I6W A C08  1 
HETATM 4   C C08  B I6W A 1 1  ? -6.30571  0.03959   -1.54730  0.185 3.01164  ? 1   I6W A C08  1 
HETATM 5   C C09  A I6W A 1 1  ? -7.20019  1.57468   -1.57837  0.815 3.18013  ? 1   I6W A C09  1 
HETATM 6   C C09  B I6W A 1 1  ? -6.28623  1.50113   -1.13424  0.185 2.96852  ? 1   I6W A C09  1 
HETATM 7   N N10  A I6W A 1 1  ? -6.24432  2.22051   -0.94436  0.815 3.78489  ? 1   I6W A N10  1 
HETATM 8   N N10  B I6W A 1 1  ? -5.29457  1.92750   -0.39023  0.185 3.13184  ? 1   I6W A N10  1 
HETATM 9   C C02  A I6W A 1 1  ? -6.36704  -3.95721  -2.75279  0.815 2.22768  ? 1   I6W A C02  1 
HETATM 10  C C02  B I6W A 1 1  ? -6.31482  -4.03186  -2.72992  0.185 2.55096  ? 1   I6W A C02  1 
HETATM 11  C C03  A I6W A 1 1  ? -6.67743  -2.50813  -2.44441  0.815 2.26082  ? 1   I6W A C03  1 
HETATM 12  C C03  B I6W A 1 1  ? -6.31615  -2.56243  -2.30020  0.185 2.84576  ? 1   I6W A C03  1 
HETATM 13  C C04  A I6W A 1 1  ? -5.71696  -1.84965  -1.71683  0.815 3.04922  ? 1   I6W A C04  1 
HETATM 14  C C04  B I6W A 1 1  ? -5.27610  -2.10959  -1.51451  0.185 3.08766  ? 1   I6W A C04  1 
HETATM 15  C C06  A I6W A 1 1  ? -7.80687  -1.84262  -2.87531  0.815 2.54390  ? 1   I6W A C06  1 
HETATM 16  C C06  B I6W A 1 1  ? -7.31779  -1.70313  -2.69128  0.185 2.97019  ? 1   I6W A C06  1 
HETATM 17  C C11  A I6W A 1 1  ? -6.35230  3.51056   -0.67191  0.815 4.24302  ? 1   I6W A C11  1 
HETATM 18  C C11  B I6W A 1 1  ? -5.20179  3.17697   0.00475   0.185 3.36352  ? 1   I6W A C11  1 
HETATM 19  C C12  A I6W A 1 1  ? -7.47992  4.18828   -1.09826  0.815 4.52072  ? 1   I6W A C12  1 
HETATM 20  C C12  B I6W A 1 1  ? -6.16085  4.09014   -0.37539  0.185 3.38129  ? 1   I6W A C12  1 
HETATM 21  C C13  A I6W A 1 1  ? -7.62548  5.67576   -0.78498  0.815 5.51155  ? 1   I6W A C13  1 
HETATM 22  C C13  B I6W A 1 1  ? -6.05117  5.57009   0.08379   0.185 3.81720  ? 1   I6W A C13  1 
HETATM 23  C C15  A I6W A 1 1  ? -6.52489  7.54898   0.15795   0.815 6.50942  ? 1   I6W A C15  1 
HETATM 24  C C15  B I6W A 1 1  ? -6.86705  7.79203   0.22412   0.185 4.30609  ? 1   I6W A C15  1 
HETATM 25  C C16  A I6W A 1 1  ? -5.13136  7.83325   0.75536   0.815 7.00580  ? 1   I6W A C16  1 
HETATM 26  C C16  B I6W A 1 1  ? -5.56749  8.52611   -0.19640  0.185 4.59280  ? 1   I6W A C16  1 
HETATM 27  C C18  A I6W A 1 1  ? -8.47823  3.55773   -1.76684  0.815 4.36831  ? 1   I6W A C18  1 
HETATM 28  C C18  B I6W A 1 1  ? -7.21236  3.69725   -1.16194  0.185 3.12653  ? 1   I6W A C18  1 
HETATM 29  C C19  A I6W A 1 1  ? -8.33052  2.20789   -2.04034  0.815 3.53784  ? 1   I6W A C19  1 
HETATM 30  C C19  B I6W A 1 1  ? -7.27692  2.36183   -1.55305  0.185 2.92730  ? 1   I6W A C19  1 
HETATM 31  N N07  A I6W A 1 1  ? -7.96082  -0.54529  -2.57796  0.815 3.02155  ? 1   I6W A N07  1 
HETATM 32  N N07  B I6W A 1 1  ? -7.28632  -0.43533  -2.30745  0.185 3.16078  ? 1   I6W A N07  1 
HETATM 33  O O01  A I6W A 1 1  ? -5.24935  -4.40126  -2.64341  0.815 2.41936  ? 1   I6W A O01  1 
HETATM 34  O O01  B I6W A 1 1  ? -5.28066  -4.63988  -2.63062  0.185 2.55151  ? 1   I6W A O01  1 
HETATM 35  O O14  A I6W A 1 1  ? -6.50262  6.16008   -0.13296  0.815 5.82716  ? 1   I6W A O14  1 
HETATM 36  O O14  B I6W A 1 1  ? -6.94405  6.53050   -0.46305  0.185 4.00218  ? 1   I6W A O14  1 
HETATM 37  O O17  A I6W A 1 1  ? -8.58845  6.29587   -1.02766  0.815 6.79227  ? 1   I6W A O17  1 
HETATM 38  O O17  B I6W A 1 1  ? -5.23313  5.89213   0.86269   0.185 4.23930  ? 1   I6W A O17  1 
HETATM 39  H H051 A I6W A 1 1  ? -5.18540  0.03762   -0.85303  0.815 3.91876  ? 1   I6W A H051 1 
HETATM 40  H H051 B I6W A 1 1  ? -4.49979  -0.36401  -0.53172  0.185 3.57454  ? 1   I6W A H051 1 
HETATM 41  H H041 A I6W A 1 1  ? -4.79827  -2.38642  -1.36730  0.815 3.65906  ? 1   I6W A H041 1 
HETATM 42  H H041 B I6W A 1 1  ? -4.45284  -2.79711  -1.19085  0.185 3.70519  ? 1   I6W A H041 1 
HETATM 43  H H061 A I6W A 1 1  ? -8.56406  -2.36631  -3.45073  0.815 3.05268  ? 1   I6W A H061 1 
HETATM 44  H H061 B I6W A 1 1  ? -8.13141  -2.06328  -3.31344  0.185 3.56423  ? 1   I6W A H061 1 
HETATM 45  H H111 A I6W A 1 1  ? -5.58588  4.01676   -0.13418  0.815 5.09162  ? 1   I6W A H111 1 
HETATM 46  H H111 B I6W A 1 1  ? -4.38619  3.48275   0.61703   0.185 4.03622  ? 1   I6W A H111 1 
HETATM 47  H H152 A I6W A 1 1  ? -7.30336  7.77797   0.87426   0.815 7.81130  ? 1   I6W A H152 1 
HETATM 48  H H152 B I6W A 1 1  ? -7.72510  8.39815   -0.03854  0.185 5.16731  ? 1   I6W A H152 1 
HETATM 49  H H151 A I6W A 1 1  ? -6.67865  8.12677   -0.74534  0.815 7.81130  ? 1   I6W A H151 1 
HETATM 50  H H151 B I6W A 1 1  ? -6.85464  7.62033   1.29351   0.185 5.16731  ? 1   I6W A H151 1 
HETATM 51  H H162 A I6W A 1 1  ? -4.89786  8.90974   0.64985   0.815 8.40697  ? 1   I6W A H162 1 
HETATM 52  H H162 B I6W A 1 1  ? -5.68296  8.92044   -1.22345  0.185 5.51137  ? 1   I6W A H162 1 
HETATM 53  H H163 A I6W A 1 1  ? -5.12600  7.55784   1.82627   0.815 8.40697  ? 1   I6W A H163 1 
HETATM 54  H H163 B I6W A 1 1  ? -5.37449  9.36195   0.50086   0.185 5.51137  ? 1   I6W A H163 1 
HETATM 55  H H161 A I6W A 1 1  ? -4.37084  7.23593   0.21776   0.815 8.40697  ? 1   I6W A H161 1 
HETATM 56  H H161 B I6W A 1 1  ? -4.71809  7.81725   -0.16658  0.185 5.51137  ? 1   I6W A H161 1 
HETATM 57  H H181 A I6W A 1 1  ? -9.37161  4.09794   -2.08121  0.815 5.24197  ? 1   I6W A H181 1 
HETATM 58  H H181 B I6W A 1 1  ? -7.97755  4.40977   -1.47200  0.185 3.75183  ? 1   I6W A H181 1 
HETATM 59  H H191 A I6W A 1 1  ? -9.08711  1.66459   -2.60338  0.815 4.24540  ? 1   I6W A H191 1 
HETATM 60  H H191 B I6W A 1 1  ? -8.09445  2.00464   -2.17654  0.185 3.51276  ? 1   I6W A H191 1 
ATOM   61  N N    . LEU A 1 2  ? -7.43527  -4.69169  -3.32270  1.000 1.97215  ? 2   LEU A N    1 
ATOM   62  C CA   . LEU A 1 2  ? -7.11825  -6.06387  -3.67835  1.000 1.87280  ? 2   LEU A CA   1 
ATOM   63  C C    . LEU A 1 2  ? -6.05994  -6.15334  -4.80293  1.000 2.13077  ? 2   LEU A C    1 
ATOM   64  O O    . LEU A 1 2  ? -5.17495  -7.01293  -4.78739  1.000 2.00372  ? 2   LEU A O    1 
ATOM   65  C CB   . LEU A 1 2  ? -8.39573  -6.79668  -4.05975  1.000 2.23609  ? 2   LEU A CB   1 
ATOM   66  C CG   . LEU A 1 2  ? -8.19522  -8.23640  -4.52342  1.000 2.86138  ? 2   LEU A CG   1 
ATOM   67  C CD1  . LEU A 1 2  ? -7.56831  -9.10149  -3.43961  1.000 3.38921  ? 2   LEU A CD1  1 
ATOM   68  C CD2  . LEU A 1 2  ? -9.50961  -8.81608  -4.97676  1.000 3.44592  ? 2   LEU A CD2  1 
ATOM   69  H H1   . LEU A 1 2  ? -7.65069  -4.19613  -3.99131  1.000 2.36658  ? 2   LEU A H1   1 
ATOM   70  H HA   . LEU A 1 2  ? -6.72612  -6.51058  -2.91137  1.000 2.24737  ? 2   LEU A HA   1 
ATOM   71  H HB2  . LEU A 1 2  ? -8.97995  -6.81792  -3.28511  1.000 2.68331  ? 2   LEU A HB2  1 
ATOM   72  H HB3  . LEU A 1 2  ? -8.82254  -6.31296  -4.78459  1.000 2.68331  ? 2   LEU A HB3  1 
ATOM   73  H HG   . LEU A 1 2  ? -7.57778  -8.23647  -5.27155  1.000 3.43366  ? 2   LEU A HG   1 
ATOM   74  H HD11 . LEU A 1 2  ? -8.10580  -9.03696  -2.63423  1.000 4.06705  ? 2   LEU A HD11 1 
ATOM   75  H HD12 . LEU A 1 2  ? -7.54017  -10.02079 -3.74621  1.000 4.06705  ? 2   LEU A HD12 1 
ATOM   76  H HD13 . LEU A 1 2  ? -6.66928  -8.78334  -3.26249  1.000 4.06705  ? 2   LEU A HD13 1 
ATOM   77  H HD21 . LEU A 1 2  ? -9.93540  -8.19460  -5.58685  1.000 4.13510  ? 2   LEU A HD21 1 
ATOM   78  H HD22 . LEU A 1 2  ? -9.34454  -9.66032  -5.42624  1.000 4.13510  ? 2   LEU A HD22 1 
ATOM   79  H HD23 . LEU A 1 2  ? -10.07499 -8.95971  -4.20219  1.000 4.13510  ? 2   LEU A HD23 1 
HETATM 80  N N    . AIB A 1 3  ? -6.17319  -5.25969  -5.78364  1.000 2.01289  ? 3   AIB A N    1 
HETATM 81  C CA   . AIB A 1 3  ? -5.24700  -5.27793  -6.89749  1.000 2.13180  ? 3   AIB A CA   1 
HETATM 82  C C    . AIB A 1 3  ? -3.80140  -5.24277  -6.37492  1.000 2.25357  ? 3   AIB A C    1 
HETATM 83  O O    . AIB A 1 3  ? -2.94023  -6.02645  -6.76391  1.000 2.49940  ? 3   AIB A O    1 
HETATM 84  C CB1  . AIB A 1 3  ? -5.43285  -6.54632  -7.74762  1.000 2.35728  ? 3   AIB A CB1  1 
HETATM 85  C CB2  . AIB A 1 3  ? -5.46276  -4.02429  -7.75218  1.000 2.39484  ? 3   AIB A CB2  1 
HETATM 86  H H    . AIB A 1 3  ? -7.01609  -4.77406  -6.02073  1.000 2.41547  ? 3   AIB A H    1 
HETATM 87  H HB11 . AIB A 1 3  ? -5.35254  -7.45018  -7.09751  1.000 2.82874  ? 3   AIB A HB11 1 
HETATM 88  H HB12 . AIB A 1 3  ? -6.43787  -6.53126  -8.23222  1.000 2.82874  ? 3   AIB A HB12 1 
HETATM 89  H HB13 . AIB A 1 3  ? -4.64452  -6.59074  -8.53615  1.000 2.82874  ? 3   AIB A HB13 1 
HETATM 90  H HB21 . AIB A 1 3  ? -6.42808  -4.12254  -8.30526  1.000 2.87381  ? 3   AIB A HB21 1 
HETATM 91  H HB22 . AIB A 1 3  ? -5.49628  -3.12841  -7.08583  1.000 2.87381  ? 3   AIB A HB22 1 
HETATM 92  H HB23 . AIB A 1 3  ? -4.61852  -3.92773  -8.47711  1.000 2.87381  ? 3   AIB A HB23 1 
ATOM   93  N N    . ALA A 1 4  ? -3.52028  -4.30406  -5.47844  1.000 2.14869  ? 4   ALA A N    1 
ATOM   94  C CA   . ALA A 1 4  ? -2.16328  -4.19714  -4.94317  1.000 2.41010  ? 4   ALA A CA   1 
ATOM   95  C C    . ALA A 1 4  ? -1.74530  -5.46678  -4.19651  1.000 2.17782  ? 4   ALA A C    1 
ATOM   96  O O    . ALA A 1 4  ? -0.59986  -5.91901  -4.31132  1.000 2.95986  ? 4   ALA A O    1 
ATOM   97  C CB   . ALA A 1 4  ? -2.05166  -2.99571  -4.03450  1.000 3.40692  ? 4   ALA A CB   1 
ATOM   98  H H    . ALA A 1 4  ? -4.08138  -3.73034  -5.16951  1.000 2.57842  ? 4   ALA A H    1 
ATOM   99  H HA   . ALA A 1 4  ? -1.55107  -4.07910  -5.68606  1.000 2.89212  ? 4   ALA A HA   1 
ATOM   100 H HB1  . ALA A 1 4  ? -2.66638  -3.10246  -3.29210  1.000 4.08831  ? 4   ALA A HB1  1 
ATOM   101 H HB2  . ALA A 1 4  ? -1.14148  -2.93377  -3.70325  1.000 4.08831  ? 4   ALA A HB2  1 
ATOM   102 H HB3  . ALA A 1 4  ? -2.27522  -2.19772  -4.53762  1.000 4.08831  ? 4   ALA A HB3  1 
HETATM 103 N N    . AIB A 1 5  ? -2.69112  -6.01562  -3.43689  1.000 2.27281  ? 5   AIB A N    1 
HETATM 104 C CA   . AIB A 1 5  ? -2.45563  -7.21712  -2.65648  1.000 2.34044  ? 5   AIB A CA   1 
HETATM 105 C C    . AIB A 1 5  ? -1.99326  -8.38556  -3.53932  1.000 1.90149  ? 5   AIB A C    1 
HETATM 106 O O    . AIB A 1 5  ? -1.20204  -9.24097  -3.14744  1.000 2.72069  ? 5   AIB A O    1 
HETATM 107 C CB1  . AIB A 1 5  ? -1.39154  -6.95661  -1.56116  1.000 3.60103  ? 5   AIB A CB1  1 
HETATM 108 C CB2  . AIB A 1 5  ? -3.77065  -7.65824  -1.98048  1.000 2.57503  ? 5   AIB A CB2  1 
HETATM 109 H H    . AIB A 1 5  ? -3.47343  -5.51350  -3.06526  1.000 2.72737  ? 5   AIB A H    1 
HETATM 110 H HB11 . AIB A 1 5  ? -1.29072  -7.85835  -0.91201  1.000 4.32123  ? 5   AIB A HB11 1 
HETATM 111 H HB12 . AIB A 1 5  ? -0.40642  -6.73527  -2.03817  1.000 4.32123  ? 5   AIB A HB12 1 
HETATM 112 H HB13 . AIB A 1 5  ? -1.70093  -6.08620  -0.93540  1.000 4.32123  ? 5   AIB A HB13 1 
HETATM 113 H HB21 . AIB A 1 5  ? -4.21682  -6.78457  -1.44649  1.000 3.09003  ? 5   AIB A HB21 1 
HETATM 114 H HB22 . AIB A 1 5  ? -4.47761  -8.02711  -2.76180  1.000 3.09003  ? 5   AIB A HB22 1 
HETATM 115 H HB23 . AIB A 1 5  ? -3.54984  -8.47574  -1.25196  1.000 3.09003  ? 5   AIB A HB23 1 
ATOM   116 N N    . LEU A 1 6  ? -2.52776  -8.43215  -4.75598  0.993 1.74222  ? 6   LEU A N    1 
ATOM   117 C CA   . LEU A 1 6  ? -2.12526  -9.48495  -5.68599  0.993 2.08178  ? 6   LEU A CA   1 
ATOM   118 C C    . LEU A 1 6  ? -0.89921  -9.09991  -6.52573  0.993 2.25194  ? 6   LEU A C    1 
ATOM   119 O O    . LEU A 1 6  ? -0.02805  -9.93266  -6.78757  0.993 2.60023  ? 6   LEU A O    1 
ATOM   120 C CB   . LEU A 1 6  ? -3.28671  -9.84941  -6.60466  0.993 2.45009  ? 6   LEU A CB   1 
ATOM   121 C CG   . LEU A 1 6  ? -4.53892  -10.37333 -5.89517  0.993 3.28068  ? 6   LEU A CG   1 
ATOM   122 C CD1  . LEU A 1 6  ? -5.61997  -10.67599 -6.92239  0.993 3.82886  ? 6   LEU A CD1  1 
ATOM   123 C CD2  . LEU A 1 6  ? -4.21917  -11.62399 -5.08676  0.993 4.47978  ? 6   LEU A CD2  1 
ATOM   124 H H    . LEU A 1 6  ? -3.11133  -7.87879  -5.06045  0.993 2.09066  ? 6   LEU A H    1 
ATOM   125 H HA   . LEU A 1 6  ? -1.87656  -10.26419 -5.16344  0.993 2.49814  ? 6   LEU A HA   1 
ATOM   126 H HB2  . LEU A 1 6  ? -3.54423  -9.05662  -7.10105  0.993 2.94010  ? 6   LEU A HB2  1 
ATOM   127 H HB3  . LEU A 1 6  ? -2.98804  -10.54109 -7.21662  0.993 2.94010  ? 6   LEU A HB3  1 
ATOM   128 H HG   . LEU A 1 6  ? -4.86528  -9.69864  -5.27993  0.993 3.93682  ? 6   LEU A HG   1 
ATOM   129 H HD11 . LEU A 1 6  ? -6.41265  -10.99426 -6.46301  0.993 4.59463  ? 6   LEU A HD11 1 
ATOM   130 H HD12 . LEU A 1 6  ? -5.82510  -9.86349  -7.41224  0.993 4.59463  ? 6   LEU A HD12 1 
ATOM   131 H HD13 . LEU A 1 6  ? -5.29473  -11.35603 -7.53272  0.993 4.59463  ? 6   LEU A HD13 1 
ATOM   132 H HD21 . LEU A 1 6  ? -5.03933  -11.96534 -4.69540  0.993 5.37573  ? 6   LEU A HD21 1 
ATOM   133 H HD22 . LEU A 1 6  ? -3.83090  -12.29038 -5.67457  0.993 5.37573  ? 6   LEU A HD22 1 
ATOM   134 H HD23 . LEU A 1 6  ? -3.58860  -11.39357 -4.38563  0.993 5.37573  ? 6   LEU A HD23 1 
ATOM   135 N N    A MET A 1 7  ? -0.83578  -7.83278  -6.94123  0.522 2.20241  ? 7   MET A N    1 
ATOM   136 N N    B MET A 1 7  ? -0.83717  -7.83647  -6.95960  0.478 2.47101  ? 7   MET A N    1 
ATOM   137 C CA   A MET A 1 7  ? 0.22881   -7.39358  -7.83519  0.522 2.14943  ? 7   MET A CA   1 
ATOM   138 C CA   B MET A 1 7  ? 0.24422   -7.41871  -7.84804  0.478 2.64772  ? 7   MET A CA   1 
ATOM   139 C C    A MET A 1 7  ? 1.58555   -7.28943  -7.14976  0.522 2.23826  ? 7   MET A C    1 
ATOM   140 C C    B MET A 1 7  ? 1.59720   -7.33204  -7.15440  0.478 2.61016  ? 7   MET A C    1 
ATOM   141 O O    A MET A 1 7  ? 2.59191   -7.11439  -7.84081  0.522 2.27940  ? 7   MET A O    1 
ATOM   142 O O    B MET A 1 7  ? 2.61149   -7.20766  -7.84504  0.478 2.65858  ? 7   MET A O    1 
ATOM   143 C CB   A MET A 1 7  ? -0.14298  -6.05976  -8.46912  0.522 2.33283  ? 7   MET A CB   1 
ATOM   144 C CB   B MET A 1 7  ? -0.06182  -6.07868  -8.50966  0.478 3.13927  ? 7   MET A CB   1 
ATOM   145 C CG   A MET A 1 7  ? -1.27337  -6.17701  -9.47616  0.522 3.03918  ? 7   MET A CG   1 
ATOM   146 C CG   B MET A 1 7  ? -1.18890  -6.13037  -9.51480  0.478 4.16887  ? 7   MET A CG   1 
ATOM   147 S SD   A MET A 1 7  ? -1.27855  -4.71864  -10.52156 0.522 3.86121  ? 7   MET A SD   1 
ATOM   148 S SD   B MET A 1 7  ? -1.59759  -4.44577  -9.99945  0.478 5.13408  ? 7   MET A SD   1 
ATOM   149 C CE   A MET A 1 7  ? -2.97533  -4.70990  -11.07808 0.522 3.97554  ? 7   MET A CE   1 
ATOM   150 C CE   B MET A 1 7  ? -2.78498  -4.76731  -11.29677 0.478 5.33887  ? 7   MET A CE   1 
ATOM   151 H H    A MET A 1 7  ? -1.39280  -7.21631  -6.72039  0.513 2.64289  ? 7   MET A H    1 
ATOM   152 H H    B MET A 1 7  ? -1.39844  -7.21721  -6.75685  0.473 2.96521  ? 7   MET A H    1 
ATOM   153 H HA   A MET A 1 7  ? 0.31060   -8.04413  -8.55017  0.522 2.57932  ? 7   MET A HA   1 
ATOM   154 H HA   B MET A 1 7  ? 0.29385   -8.08233  -8.55283  0.478 3.17726  ? 7   MET A HA   1 
ATOM   155 H HB2  A MET A 1 7  ? -0.42632  -5.44780  -7.77130  0.522 2.79940  ? 7   MET A HB2  1 
ATOM   156 H HB2  B MET A 1 7  ? -0.30824  -5.44151  -7.82177  0.478 3.76712  ? 7   MET A HB2  1 
ATOM   157 H HB3  A MET A 1 7  ? 0.63186   -5.70137  -8.92920  0.522 2.79940  ? 7   MET A HB3  1 
ATOM   158 H HB3  B MET A 1 7  ? 0.73380   -5.77356  -8.97474  0.478 3.76712  ? 7   MET A HB3  1 
ATOM   159 H HG2  A MET A 1 7  ? -1.14198  -6.96271  -10.03019 0.522 3.64702  ? 7   MET A HG2  1 
ATOM   160 H HG2  B MET A 1 7  ? -0.91276  -6.62963  -10.29858 0.478 5.00264  ? 7   MET A HG2  1 
ATOM   161 H HG3  A MET A 1 7  ? -2.12345  -6.23692  -9.01305  0.522 3.64702  ? 7   MET A HG3  1 
ATOM   162 H HG3  B MET A 1 7  ? -1.96997  -6.54453  -9.11562  0.478 5.00264  ? 7   MET A HG3  1 
ATOM   163 H HE1  A MET A 1 7  ? -3.05563  -4.11068  -11.83628 0.522 4.77065  ? 7   MET A HE1  1 
ATOM   164 H HE1  B MET A 1 7  ? -2.93032  -3.95182  -11.80086 0.478 6.40664  ? 7   MET A HE1  1 
ATOM   165 H HE2  A MET A 1 7  ? -3.22769  -5.60941  -11.33923 0.522 4.77065  ? 7   MET A HE2  1 
ATOM   166 H HE2  B MET A 1 7  ? -2.43554  -5.45955  -11.87944 0.478 6.40664  ? 7   MET A HE2  1 
ATOM   167 H HE3  A MET A 1 7  ? -3.54379  -4.40417  -10.35367 0.522 4.77065  ? 7   MET A HE3  1 
ATOM   168 H HE3  B MET A 1 7  ? -3.61790  -5.06136  -10.89531 0.478 6.40664  ? 7   MET A HE3  1 
ATOM   169 N N    . GLN A 1 8  ? 1.65321   -7.42374  -5.82866  1.000 2.11202  ? 8   GLN A N    1 
ATOM   170 C CA   . GLN A 1 8  ? 2.92863   -7.44926  -5.13744  1.000 2.02478  ? 8   GLN A CA   1 
ATOM   171 C C    . GLN A 1 8  ? 3.81776   -8.57116  -5.69948  1.000 1.87591  ? 8   GLN A C    1 
ATOM   172 O O    . GLN A 1 8  ? 5.04860   -8.49411  -5.57839  1.000 1.82250  ? 8   GLN A O    1 
ATOM   173 C CB   . GLN A 1 8  ? 2.73727   -7.63755  -3.63503  1.000 1.90874  ? 8   GLN A CB   1 
ATOM   174 C CG   . GLN A 1 8  ? 2.10123   -8.96214  -3.25520  1.000 1.86863  ? 8   GLN A CG   1 
ATOM   175 C CD   . GLN A 1 8  ? 2.08783   -9.21651  -1.77310  1.000 1.80576  ? 8   GLN A CD   1 
ATOM   176 O OE1  . GLN A 1 8  ? 3.10694   -9.11994  -1.09846  1.000 2.08228  ? 8   GLN A OE1  1 
ATOM   177 N NE2  . GLN A 1 8  ? 0.91917   -9.53938  -1.24822  1.000 2.24635  ? 8   GLN A NE2  1 
ATOM   178 H H    . GLN A 1 8  ? 0.97022   -7.50357  -5.31249  1.000 2.53442  ? 8   GLN A H    1 
ATOM   179 H HA   . GLN A 1 8  ? 3.37550   -6.59932  -5.26866  1.000 2.42973  ? 8   GLN A HA   1 
ATOM   180 H HB2  . GLN A 1 8  ? 3.60463   -7.59193  -3.20248  1.000 2.29048  ? 8   GLN A HB2  1 
ATOM   181 H HB3  . GLN A 1 8  ? 2.16384   -6.92872  -3.30337  1.000 2.29048  ? 8   GLN A HB3  1 
ATOM   182 H HG2  . GLN A 1 8  ? 1.18253   -8.96918  -3.56588  1.000 2.24236  ? 8   GLN A HG2  1 
ATOM   183 H HG3  . GLN A 1 8  ? 2.59931   -9.68023  -3.67518  1.000 2.24236  ? 8   GLN A HG3  1 
ATOM   184 H HE21 . GLN A 1 8  ? 0.22266   -9.59332  -1.74974  1.000 2.69562  ? 8   GLN A HE21 1 
ATOM   185 H HE22 . GLN A 1 8  ? 0.85509   -9.69553  -0.40465  1.000 2.69562  ? 8   GLN A HE22 1 
HETATM 186 N N    . AIB A 1 9  ? 3.20394   -9.60842  -6.27850  1.000 1.53532  ? 9   AIB A N    1 
HETATM 187 C CA   . AIB A 1 9  ? 3.92823   -10.70240 -6.91249  1.000 1.91742  ? 9   AIB A CA   1 
HETATM 188 C C    . AIB A 1 9  ? 4.95662   -10.23663 -7.96650  1.000 2.01875  ? 9   AIB A C    1 
HETATM 189 O O    . AIB A 1 9  ? 5.91364   -10.92727 -8.29647  1.000 2.49697  ? 9   AIB A O    1 
HETATM 190 C CB1  . AIB A 1 9  ? 4.65271   -11.56577 -5.87536  1.000 2.06280  ? 9   AIB A CB1  1 
HETATM 191 C CB2  . AIB A 1 9  ? 2.88623   -11.56895 -7.64761  1.000 2.07657  ? 9   AIB A CB2  1 
HETATM 192 H H    . AIB A 1 9  ? 2.28022   -9.91205  -6.04372  1.000 1.84239  ? 9   AIB A H    1 
HETATM 193 H HB11 . AIB A 1 9  ? 3.90501   -12.07379 -5.22027  1.000 2.47536  ? 9   AIB A HB11 1 
HETATM 194 H HB12 . AIB A 1 9  ? 5.27123   -12.33791 -6.39262  1.000 2.47536  ? 9   AIB A HB12 1 
HETATM 195 H HB13 . AIB A 1 9  ? 5.31547   -10.92439 -5.24652  1.000 2.47536  ? 9   AIB A HB13 1 
HETATM 196 H HB21 . AIB A 1 9  ? 2.41438   -10.96288 -8.45900  1.000 2.49188  ? 9   AIB A HB21 1 
HETATM 197 H HB22 . AIB A 1 9  ? 3.39662   -12.46018 -8.08716  1.000 2.49188  ? 9   AIB A HB22 1 
HETATM 198 H HB23 . AIB A 1 9  ? 2.10593   -11.89892 -6.91792  1.000 2.49188  ? 9   AIB A HB23 1 
ATOM   199 N N    . LEU A 1 10 ? 4.69266   -9.04907  -8.51888  1.000 1.83534  ? 10  LEU A N    1 
ATOM   200 C CA   . LEU A 1 10 ? 5.51966   -8.46596  -9.56380  1.000 2.00767  ? 10  LEU A CA   1 
ATOM   201 C C    . LEU A 1 10 ? 6.50254   -7.42500  -9.04614  1.000 1.69140  ? 10  LEU A C    1 
ATOM   202 O O    . LEU A 1 10 ? 7.18309   -6.72787  -9.76899  1.000 2.55912  ? 10  LEU A O    1 
ATOM   203 C CB   . LEU A 1 10 ? 4.61550   -7.83941  -10.62186 1.000 2.36995  ? 10  LEU A CB   1 
ATOM   204 C CG   . LEU A 1 10 ? 3.65169   -8.83330  -11.28176 1.000 2.82370  ? 10  LEU A CG   1 
ATOM   205 C CD1  . LEU A 1 10 ? 2.77443   -8.12332  -12.27831 1.000 4.18675  ? 10  LEU A CD1  1 
ATOM   206 C CD2  . LEU A 1 10 ? 4.39595   -9.96021  -11.95192 1.000 4.17053  ? 10  LEU A CD2  1 
ATOM   207 H H    . LEU A 1 10 ? 4.02428   -8.55517  -8.29748  1.000 2.20240  ? 10  LEU A H    1 
ATOM   208 H HA   . LEU A 1 10 ? 6.05621   -9.17291  -9.95677  1.000 2.40920  ? 10  LEU A HA   1 
ATOM   209 H HB2  . LEU A 1 10 ? 4.08385   -7.14296  -10.20440 1.000 2.84394  ? 10  LEU A HB2  1 
ATOM   210 H HB3  . LEU A 1 10 ? 5.17132   -7.45815  -11.32011 1.000 2.84394  ? 10  LEU A HB3  1 
ATOM   211 H HG   . LEU A 1 10 ? 3.09069   -9.22263  -10.59228 1.000 3.38843  ? 10  LEU A HG   1 
ATOM   212 H HD11 . LEU A 1 10 ? 3.33605   -7.70282  -12.94900 1.000 5.02409  ? 10  LEU A HD11 1 
ATOM   213 H HD12 . LEU A 1 10 ? 2.18618   -8.76956  -12.69823 1.000 5.02409  ? 10  LEU A HD12 1 
ATOM   214 H HD13 . LEU A 1 10 ? 2.25077   -7.45006  -11.81587 1.000 5.02409  ? 10  LEU A HD13 1 
ATOM   215 H HD21 . LEU A 1 10 ? 3.77158   -10.48401 -12.47699 1.000 5.00463  ? 10  LEU A HD21 1 
ATOM   216 H HD22 . LEU A 1 10 ? 5.08068   -9.58616  -12.52968 1.000 5.00463  ? 10  LEU A HD22 1 
ATOM   217 H HD23 . LEU A 1 10 ? 4.80581   -10.51751 -11.27194 1.000 5.00463  ? 10  LEU A HD23 1 
HETATM 218 C C11  A I77 A 1 11 ? 6.58752   -2.71704  -6.43672  0.887 3.30465  ? 11  I77 A C11  1 
HETATM 219 C C11  B I77 A 1 11 ? 9.13195   -4.13951  -5.66425  0.113 2.74896  ? 11  I77 A C11  1 
HETATM 220 C C12  A I77 A 1 11 ? 7.23000   -3.92914  -6.37478  0.887 2.43074  ? 11  I77 A C12  1 
HETATM 221 C C12  B I77 A 1 11 ? 8.08571   -4.15838  -6.56884  0.113 2.89992  ? 11  I77 A C12  1 
HETATM 222 C C13  A I77 A 1 11 ? 6.55007   -5.11060  -7.01103  0.887 2.70970  ? 11  I77 A C13  1 
HETATM 223 C C13  B I77 A 1 11 ? 7.67222   -5.45294  -7.25700  0.113 3.06721  ? 11  I77 A C13  1 
HETATM 224 C C17  A I77 A 1 11 ? 8.45367   -4.03057  -5.72487  0.887 2.47614  ? 11  I77 A C17  1 
HETATM 225 C C17  B I77 A 1 11 ? 7.39281   -2.98774  -6.86446  0.113 2.89009  ? 11  I77 A C17  1 
HETATM 226 C C18  A I77 A 1 11 ? 8.97677   -2.88062  -5.17091  0.887 2.19896  ? 11  I77 A C18  1 
HETATM 227 C C18  B I77 A 1 11 ? 7.78430   -1.82810  -6.23107  0.113 2.63652  ? 11  I77 A C18  1 
HETATM 228 C C02  A I77 A 1 11 ? 10.26368  3.07988   -2.85827  0.887 2.70609  ? 11  I77 A C02  1 
HETATM 229 C C02  B I77 A 1 11 ? 10.50240  2.87001   -2.61948  0.113 1.61828  ? 11  I77 A C02  1 
HETATM 230 C C03  A I77 A 1 11 ? 9.78874   1.79834   -3.52613  0.887 2.50154  ? 11  I77 A C03  1 
HETATM 231 C C03  B I77 A 1 11 ? 10.09041  1.58243   -3.34612  0.113 1.65054  ? 11  I77 A C03  1 
HETATM 232 C C04  A I77 A 1 11 ? 8.56040   1.83784   -4.13278  0.887 2.85649  ? 11  I77 A C04  1 
HETATM 233 C C04  B I77 A 1 11 ? 10.83514  0.43206   -3.15153  0.113 1.85850  ? 11  I77 A C04  1 
HETATM 234 C C05  A I77 A 1 11 ? 8.07261   0.69487   -4.72054  0.887 2.46525  ? 11  I77 A C05  1 
HETATM 235 C C05  B I77 A 1 11 ? 10.41557  -0.70542  -3.81423  0.113 1.83026  ? 11  I77 A C05  1 
HETATM 236 C C06  A I77 A 1 11 ? 10.50582  0.62176   -3.50681  0.887 2.94127  ? 11  I77 A C06  1 
HETATM 237 C C06  B I77 A 1 11 ? 8.97078   1.58059   -4.15915  0.113 1.67218  ? 11  I77 A C06  1 
HETATM 238 C C08  A I77 A 1 11 ? 8.82897   -0.45242  -4.67443  0.887 2.24292  ? 11  I77 A C08  1 
HETATM 239 C C08  B I77 A 1 11 ? 9.29229   -0.63957  -4.62037  0.113 1.93668  ? 11  I77 A C08  1 
HETATM 240 C C09  A I77 A 1 11 ? 8.27718   -1.69590  -5.28911  0.887 2.46471  ? 11  I77 A C09  1 
HETATM 241 C C09  B I77 A 1 11 ? 8.84191   -1.88586  -5.33402  0.113 2.36584  ? 11  I77 A C09  1 
HETATM 242 N N01  A I77 A 1 11 ? 11.49825  3.05025   -2.13078  0.887 3.49835  ? 11  I77 A N01  1 
HETATM 243 N N01  B I77 A 1 11 ? 9.73224   4.08013   -2.82749  0.113 1.71324  ? 11  I77 A N01  1 
HETATM 244 N N07  A I77 A 1 11 ? 10.00455  -0.47782  -4.07303  0.887 3.00869  ? 11  I77 A N07  1 
HETATM 245 N N07  B I77 A 1 11 ? 8.60908   0.47404   -4.76888  0.113 1.74812  ? 11  I77 A N07  1 
HETATM 246 N N10  A I77 A 1 11 ? 7.10977   -1.63811  -5.89431  0.887 3.44510  ? 11  I77 A N10  1 
HETATM 247 N N10  B I77 A 1 11 ? 9.47081   -3.01639  -5.08017  0.113 2.57907  ? 11  I77 A N10  1 
HETATM 248 N N14  A I77 A 1 11 ? 7.29003   -6.31013  -7.10366  0.887 2.12263  ? 11  I77 A N14  1 
HETATM 249 N N14  B I77 A 1 11 ? 6.24679   -5.80254  -7.26182  0.113 2.75437  ? 11  I77 A N14  1 
HETATM 250 N N15  A I77 A 1 11 ? 6.65552   -7.40778  -7.64199  0.887 1.89196  ? 11  I77 A N15  1 
HETATM 251 N N15  B I77 A 1 11 ? 5.79592   -6.99199  -7.88259  0.113 2.30390  ? 11  I77 A N15  1 
HETATM 252 O O16  A I77 A 1 11 ? 5.44667   -5.05374  -7.42620  0.887 4.08325  ? 11  I77 A O16  1 
HETATM 253 O O16  B I77 A 1 11 ? 8.48189   -6.13813  -7.78316  0.113 3.38048  ? 11  I77 A O16  1 
HETATM 254 O O19  A I77 A 1 11 ? 9.60980   4.06251   -2.89842  0.887 3.73063  ? 11  I77 A O19  1 
HETATM 255 O O19  B I77 A 1 11 ? 11.41408  2.86204   -1.87434  0.113 1.62944  ? 11  I77 A O19  1 
HETATM 256 H H111 A I77 A 1 11 ? 5.63691   -2.64773  -6.94145  0.887 3.96558  ? 11  I77 A H111 1 
HETATM 257 H H111 B I77 A 1 11 ? 9.66905   -5.04858  -5.44004  0.113 3.29875  ? 11  I77 A H111 1 
HETATM 258 H H171 A I77 A 1 11 ? 8.98012   -4.98255  -5.65358  0.887 2.97137  ? 11  I77 A H171 1 
HETATM 259 H H171 B I77 A 1 11 ? 6.56612   -2.98951  -7.57334  0.113 3.46811  ? 11  I77 A H171 1 
HETATM 260 H H181 A I77 A 1 11 ? 9.93034   -2.90691  -4.64738  0.887 2.63876  ? 11  I77 A H181 1 
HETATM 261 H H181 B I77 A 1 11 ? 7.27444   -0.88720  -6.43091  0.113 3.16382  ? 11  I77 A H181 1 
HETATM 262 H H041 A I77 A 1 11 ? 7.98856   2.74729   -4.14838  0.887 3.42779  ? 11  I77 A H041 1 
HETATM 263 H H041 B I77 A 1 11 ? 11.70038  0.42533   -2.51453  0.113 2.23020  ? 11  I77 A H041 1 
HETATM 264 H H051 A I77 A 1 11 ? 7.10691   0.69739   -5.21166  0.887 2.95830  ? 11  I77 A H051 1 
HETATM 265 H H051 B I77 A 1 11 ? 10.95952  -1.63589  -3.70454  0.113 2.19631  ? 11  I77 A H051 1 
HETATM 266 H H061 A I77 A 1 11 ? 11.47638  0.58885   -3.03240  0.887 3.52952  ? 11  I77 A H061 1 
HETATM 267 H H061 B I77 A 1 11 ? 8.39570   2.48675   -4.29203  0.113 2.00661  ? 11  I77 A H061 1 
HETATM 268 H H011 A I77 A 1 11 ? 12.03214  2.20850   -2.10023  0.887 4.19802  ? 11  I77 A H011 1 
HETATM 269 H H011 B I77 A 1 11 ? 8.95523   4.08501   -3.45248  0.113 2.05588  ? 11  I77 A H011 1 
HETATM 270 H H012 A I77 A 1 11 ? 11.82464  3.88325   -1.67053  0.887 4.19802  ? 11  I77 A H012 1 
HETATM 271 H H012 B I77 A 1 11 ? 9.99310   4.91877   -2.34308  0.113 2.05588  ? 11  I77 A H012 1 
HETATM 272 H H141 A I77 A 1 11 ? 8.24449   -6.36175  -6.78882  0.887 2.54716  ? 11  I77 A H141 1 
HETATM 273 H H141 B I77 A 1 11 ? 5.58240   -5.19122  -6.81893  0.113 3.30524  ? 11  I77 A H141 1 
HETATM 274 C C05  A I6W B 1 1  ? -0.15434  -1.70396  9.73825   0.717 3.04697  ? 1   I6W C C05  1 
HETATM 275 C C05  B I6W B 1 1  ? 0.74264   -2.21906  10.04535  0.283 4.31572  ? 1   I6W C C05  1 
HETATM 276 C C08  A I6W B 1 1  ? 0.80543   -2.57728  10.09842  0.717 3.21783  ? 1   I6W C C08  1 
HETATM 277 C C08  B I6W B 1 1  ? 1.88953   -2.78554  10.52757  0.283 4.47483  ? 1   I6W C C08  1 
HETATM 278 C C09  A I6W B 1 1  ? 0.59236   -4.00347  9.63142   0.717 3.70237  ? 1   I6W C C09  1 
HETATM 279 C C09  B I6W B 1 1  ? 2.11154   -4.26067  10.26043  0.283 4.59280  ? 1   I6W C C09  1 
HETATM 280 N N10  A I6W B 1 1  ? -0.52039  -4.32976  8.98701   0.717 4.62411  ? 1   I6W C N10  1 
HETATM 281 N N10  B I6W B 1 1  ? 1.21378   -4.82657  9.53313   0.283 4.95470  ? 1   I6W C N10  1 
HETATM 282 C C02  A I6W B 1 1  ? 1.21512   1.49497   11.12543  0.717 2.87506  ? 1   I6W C C02  1 
HETATM 283 C C02  B I6W B 1 1  ? 1.21121   1.34735   11.19039  0.283 3.36919  ? 1   I6W C C02  1 
HETATM 284 C C03  A I6W B 1 1  ? 1.11853   0.00414   10.80026  0.717 3.13427  ? 1   I6W C C03  1 
HETATM 285 C C03  B I6W B 1 1  ? 1.45698   -0.14875  10.95287  0.283 3.89564  ? 1   I6W C C03  1 
HETATM 286 C C04  A I6W B 1 1  ? -0.01012  -0.36878  10.10637  0.717 3.35103  ? 1   I6W C C04  1 
HETATM 287 C C04  B I6W B 1 1  ? 0.50099   -0.85696  10.25826  0.283 4.06489  ? 1   I6W C C04  1 
HETATM 288 C C06  A I6W B 1 1  ? 2.09054   -0.91848  11.13765  0.717 3.37770  ? 1   I6W C C06  1 
HETATM 289 C C06  B I6W B 1 1  ? 2.59558   -0.77912  11.41554  0.283 4.26718  ? 1   I6W C C06  1 
HETATM 290 C C11  A I6W B 1 1  ? -0.73863  -5.54938  8.53668   0.717 4.51334  ? 1   I6W C C11  1 
HETATM 291 C C11  B I6W B 1 1  ? 1.26834   -6.07699  9.21286   0.283 5.31202  ? 1   I6W C C11  1 
HETATM 292 C C12  A I6W B 1 1  ? 0.23603   -6.49660  8.71969   0.717 4.11126  ? 1   I6W C C12  1 
HETATM 293 C C12  B I6W B 1 1  ? 2.30838   -6.90599  9.63408   0.283 5.39949  ? 1   I6W C C12  1 
HETATM 294 C C13  A I6W B 1 1  ? 0.03360   -7.92158  8.20820   0.717 4.43418  ? 1   I6W C C13  1 
HETATM 295 C C13  B I6W B 1 1  ? 2.45534   -8.43608  9.28329   0.283 5.93083  ? 1   I6W C C13  1 
HETATM 296 C C15  A I6W B 1 1  ? 1.08688   -10.05579 7.99407   0.717 4.61955  ? 1   I6W C C15  1 
HETATM 297 C C15  B I6W B 1 1  ? 0.38833   -8.52934  7.95984   0.283 6.94869  ? 1   I6W C C15  1 
HETATM 298 C C16  A I6W B 1 1  ? 2.33202   -10.78392 8.54805   0.717 4.99528  ? 1   I6W C C16  1 
HETATM 299 C C16  B I6W B 1 1  ? -0.51284  -9.46349  7.16556   0.283 6.72020  ? 1   I6W C C16  1 
HETATM 300 C C18  A I6W B 1 1  ? 1.41495   -6.21142  9.36193   0.717 3.92411  ? 1   I6W C C18  1 
HETATM 301 C C18  B I6W B 1 1  ? 3.29310   -6.33217  10.40266  0.283 5.10073  ? 1   I6W C C18  1 
HETATM 302 C C19  A I6W B 1 1  ? 1.60559   -4.91054  9.81564   0.717 3.81242  ? 1   I6W C C19  1 
HETATM 303 C C19  B I6W B 1 1  ? 3.18902   -4.97534  10.72609  0.283 4.69415  ? 1   I6W C C19  1 
HETATM 304 N N07  A I6W B 1 1  ? 1.91064   -2.19105  10.76421  0.717 3.58482  ? 1   I6W C N07  1 
HETATM 305 N N07  B I6W B 1 1  ? 2.78926   -2.07206  11.18881  0.283 4.63122  ? 1   I6W C N07  1 
HETATM 306 O O01  A I6W B 1 1  ? 0.60771   2.27800   10.45495  0.717 3.14302  ? 1   I6W C O01  1 
HETATM 307 O O01  B I6W B 1 1  ? 0.79944   2.03819   10.30120  0.283 2.98228  ? 1   I6W C O01  1 
HETATM 308 O O14  A I6W B 1 1  ? 1.14440   -8.72644  8.52470   0.717 4.44537  ? 1   I6W C O14  1 
HETATM 309 O O14  B I6W B 1 1  ? 1.52301   -9.20738  8.51871   0.283 6.76227  ? 1   I6W C O14  1 
HETATM 310 O O17  A I6W B 1 1  ? -0.91356  -8.26995  7.59770   0.717 5.06012  ? 1   I6W C O17  1 
HETATM 311 O O17  B I6W B 1 1  ? 3.41767   -8.98921  9.66893   0.283 5.81724  ? 1   I6W C O17  1 
HETATM 312 H H051 A I6W B 1 1  ? -1.00666  -2.02757  9.18182   0.717 3.65636  ? 1   I6W C H051 1 
HETATM 313 H H051 B I6W B 1 1  ? 0.03460   -2.81250  9.50903   0.283 5.17887  ? 1   I6W C H051 1 
HETATM 314 H H041 A I6W B 1 1  ? -0.79424  0.38592   9.84400   0.717 4.02123  ? 1   I6W C H041 1 
HETATM 315 H H041 B I6W B 1 1  ? -0.43046  -0.36246  9.87997   0.283 4.87786  ? 1   I6W C H041 1 
HETATM 316 H H061 A I6W B 1 1  ? 2.97628   -0.61941  11.69026  0.717 4.05324  ? 1   I6W C H061 1 
HETATM 317 H H061 B I6W B 1 1  ? 3.33846   -0.21203  11.96838  0.283 5.12062  ? 1   I6W C H061 1 
HETATM 318 H H111 A I6W B 1 1  ? -1.65058  -5.79379  8.04429   0.717 5.41601  ? 1   I6W C H111 1 
HETATM 319 H H111 B I6W B 1 1  ? 0.49415   -6.48936  8.60819   0.283 6.37442  ? 1   I6W C H111 1 
HETATM 320 H H152 A I6W B 1 1  ? 1.11729   -10.03094 6.91200   0.717 5.54346  ? 1   I6W C H152 1 
HETATM 321 H H152 B I6W B 1 1  ? -0.18772  -8.09368  8.76716   0.283 8.33843  ? 1   I6W C H152 1 
HETATM 322 H H151 A I6W B 1 1  ? 0.18285   -10.55352 8.32186   0.717 5.54346  ? 1   I6W C H151 1 
HETATM 323 H H151 B I6W B 1 1  ? 0.74266   -7.74522  7.30118   0.283 8.33843  ? 1   I6W C H151 1 
HETATM 324 H H162 A I6W B 1 1  ? 3.24287   -10.23491 8.24831   0.717 5.99434  ? 1   I6W C H162 1 
HETATM 325 H H162 B I6W B 1 1  ? -1.03575  -8.89023  6.37764   0.283 8.06424  ? 1   I6W C H162 1 
HETATM 326 H H163 A I6W B 1 1  ? 2.36878   -11.81100 8.13954   0.717 5.99434  ? 1   I6W C H163 1 
HETATM 327 H H163 B I6W B 1 1  ? 0.09961   -10.25757 6.69997   0.283 8.06424  ? 1   I6W C H163 1 
HETATM 328 H H161 A I6W B 1 1  ? 2.27192   -10.82739 9.65069   0.717 5.99434  ? 1   I6W C H161 1 
HETATM 329 H H161 B I6W B 1 1  ? -1.25722  -9.92157  7.84402   0.283 8.06424  ? 1   I6W C H161 1 
HETATM 330 H H181 A I6W B 1 1  ? 2.17598   -6.97680  9.51154   0.717 4.70893  ? 1   I6W C H181 1 
HETATM 331 H H181 B I6W B 1 1  ? 4.13925   -6.92189  10.75434  0.283 6.12088  ? 1   I6W C H181 1 
HETATM 332 H H191 A I6W B 1 1  ? 2.53317   -4.62045  10.30514  0.717 4.57490  ? 1   I6W C H191 1 
HETATM 333 H H191 B I6W B 1 1  ? 3.95032   -4.49312  11.33668  0.283 5.63298  ? 1   I6W C H191 1 
ATOM   334 N N    . LEU B 1 2  ? 2.12635   1.87366   12.15087  1.000 2.99909  ? 2   LEU C N    1 
ATOM   335 C CA   . LEU B 1 2  ? 2.14557   3.30029   12.42148  1.000 2.72524  ? 2   LEU C CA   1 
ATOM   336 C C    . LEU B 1 2  ? 2.59256   4.10951   11.19952  1.000 2.42558  ? 2   LEU C C    1 
ATOM   337 O O    . LEU B 1 2  ? 1.98033   5.11556   10.86469  1.000 2.49077  ? 2   LEU C O    1 
ATOM   338 C CB   . LEU B 1 2  ? 3.07864   3.57409   13.59050  1.000 3.04661  ? 2   LEU C CB   1 
ATOM   339 C CG   . LEU B 1 2  ? 3.26214   5.05067   13.95052  1.000 3.65830  ? 2   LEU C CG   1 
ATOM   340 C CD1  . LEU B 1 2  ? 1.93645   5.72862   14.30405  1.000 4.57462  ? 2   LEU C CD1  1 
ATOM   341 C CD2  . LEU B 1 2  ? 4.23144   5.19681   15.09694  1.000 4.52240  ? 2   LEU C CD2  1 
ATOM   342 H H1   . LEU B 1 2  ? 2.91161   1.53391   12.11230  1.000 3.59891  ? 2   LEU C H1   1 
ATOM   343 H HA   . LEU B 1 2  ? 1.24900   3.59451   12.64579  1.000 3.27029  ? 2   LEU C HA   1 
ATOM   344 H HB2  . LEU B 1 2  ? 2.72561   3.12539   14.37395  1.000 3.65593  ? 2   LEU C HB2  1 
ATOM   345 H HB3  . LEU B 1 2  ? 3.95456   3.21873   13.37126  1.000 3.65593  ? 2   LEU C HB3  1 
ATOM   346 H HG   . LEU B 1 2  ? 3.61792   5.50203   13.16937  1.000 4.38996  ? 2   LEU C HG   1 
ATOM   347 H HD11 . LEU B 1 2  ? 2.11603   6.62514   14.62533  1.000 5.48955  ? 2   LEU C HD11 1 
ATOM   348 H HD12 . LEU B 1 2  ? 1.37916   5.76653   13.50995  1.000 5.48955  ? 2   LEU C HD12 1 
ATOM   349 H HD13 . LEU B 1 2  ? 1.49177   5.21263   14.99457  1.000 5.48955  ? 2   LEU C HD13 1 
ATOM   350 H HD21 . LEU B 1 2  ? 4.36141   6.13925   15.28225  1.000 5.42688  ? 2   LEU C HD21 1 
ATOM   351 H HD22 . LEU B 1 2  ? 3.86608   4.75282   15.87842  1.000 5.42688  ? 2   LEU C HD22 1 
ATOM   352 H HD23 . LEU B 1 2  ? 5.07592   4.78861   14.84964  1.000 5.42688  ? 2   LEU C HD23 1 
HETATM 353 N N    . AIB B 1 3  ? 3.66627   3.68581   10.53709  1.000 2.14190  ? 3   AIB C N    1 
HETATM 354 C CA   . AIB B 1 3  ? 4.17532   4.40148   9.39233   1.000 2.44415  ? 3   AIB C CA   1 
HETATM 355 C C    . AIB B 1 3  ? 3.06163   4.58360   8.35714   1.000 2.33507  ? 3   AIB C C    1 
HETATM 356 O O    . AIB B 1 3  ? 2.81391   5.67448   7.84491   1.000 2.41789  ? 3   AIB C O    1 
HETATM 357 C CB1  . AIB B 1 3  ? 4.72966   5.77238   9.80559   1.000 2.83218  ? 3   AIB C CB1  1 
HETATM 358 C CB2  . AIB B 1 3  ? 5.32154   3.62493   8.72264   1.000 2.77995  ? 3   AIB C CB2  1 
HETATM 359 H H    . AIB B 1 3  ? 4.37803   3.10087   10.92862  1.000 2.57027  ? 3   AIB C H    1 
HETATM 360 H HB11 . AIB B 1 3  ? 3.92774   6.36875   10.30097  1.000 3.39861  ? 3   AIB C HB11 1 
HETATM 361 H HB12 . AIB B 1 3  ? 5.57977   5.63592   10.51592  1.000 3.39861  ? 3   AIB C HB12 1 
HETATM 362 H HB13 . AIB B 1 3  ? 5.08970   6.31986   8.90230   1.000 3.39861  ? 3   AIB C HB13 1 
HETATM 363 H HB21 . AIB B 1 3  ? 6.29689   4.05259   9.05773   1.000 3.33594  ? 3   AIB C HB21 1 
HETATM 364 H HB22 . AIB B 1 3  ? 5.25608   2.54996   9.02018   1.000 3.33594  ? 3   AIB C HB22 1 
HETATM 365 H HB23 . AIB B 1 3  ? 5.22568   3.71826   7.61364   1.000 3.33594  ? 3   AIB C HB23 1 
ATOM   366 N N    . ALA B 1 4  ? 2.36061   3.49510   8.03704   1.000 2.33809  ? 4   ALA C N    1 
ATOM   367 C CA   . ALA B 1 4  ? 1.29088   3.55122   7.05486   1.000 2.38380  ? 4   ALA C CA   1 
ATOM   368 C C    . ALA B 1 4  ? 0.17870   4.50949   7.50087   1.000 2.31553  ? 4   ALA C C    1 
ATOM   369 O O    . ALA B 1 4  ? -0.38587  5.23418   6.68510   1.000 2.75177  ? 4   ALA C O    1 
ATOM   370 C CB   . ALA B 1 4  ? 0.71741   2.17004   6.79089   1.000 3.28567  ? 4   ALA C CB   1 
ATOM   371 H H    . ALA B 1 4  ? 2.48819   2.71530   8.37626   1.000 2.80571  ? 4   ALA C H    1 
ATOM   372 H HA   . ALA B 1 4  ? 1.66193   3.88243   6.22153   1.000 2.86056  ? 4   ALA C HA   1 
ATOM   373 H HB1  . ALA B 1 4  ? 1.39534   1.62193   6.36554   1.000 3.94281  ? 4   ALA C HB1  1 
ATOM   374 H HB2  . ALA B 1 4  ? 0.45188   1.77200   7.63417   1.000 3.94281  ? 4   ALA C HB2  1 
ATOM   375 H HB3  . ALA B 1 4  ? -0.05377  2.25457   6.20751   1.000 3.94281  ? 4   ALA C HB3  1 
HETATM 376 N N    . AIB B 1 5  ? -0.14416  4.47333   8.79574   1.000 2.10464  ? 5   AIB C N    1 
HETATM 377 C CA   . AIB B 1 5  ? -1.19669  5.31227   9.37154   1.000 2.38450  ? 5   AIB C CA   1 
HETATM 378 C C    . AIB B 1 5  ? -0.91048  6.81156   9.12949   1.000 2.38854  ? 5   AIB C C    1 
HETATM 379 O O    . AIB B 1 5  ? -1.80610  7.63575   8.98447   1.000 2.95543  ? 5   AIB C O    1 
HETATM 380 C CB1  . AIB B 1 5  ? -2.57680  4.94488   8.79419   1.000 2.98797  ? 5   AIB C CB1  1 
HETATM 381 C CB2  . AIB B 1 5  ? -1.24361  5.11999   10.90013  1.000 2.68154  ? 5   AIB C CB2  1 
HETATM 382 H H    . AIB B 1 5  ? 0.02264   3.68649   9.39206   1.000 2.52557  ? 5   AIB C H    1 
HETATM 383 H HB11 . AIB B 1 5  ? -2.76935  3.85601   8.94136   1.000 3.58556  ? 5   AIB C HB11 1 
HETATM 384 H HB12 . AIB B 1 5  ? -3.37065  5.53215   9.31385   1.000 3.58556  ? 5   AIB C HB12 1 
HETATM 385 H HB13 . AIB B 1 5  ? -2.60319  5.17788   7.70284   1.000 3.58556  ? 5   AIB C HB13 1 
HETATM 386 H HB21 . AIB B 1 5  ? -2.14194  5.64452   11.30570  1.000 3.21784  ? 5   AIB C HB21 1 
HETATM 387 H HB22 . AIB B 1 5  ? -1.30462  4.02831   11.12920  1.000 3.21784  ? 5   AIB C HB22 1 
HETATM 388 H HB23 . AIB B 1 5  ? -0.31659  5.55148   11.35107  1.000 3.21784  ? 5   AIB C HB23 1 
ATOM   389 N N    . LEU B 1 6  ? 0.38697   7.15414   9.10114   1.000 2.38306  ? 6   LEU C N    1 
ATOM   390 C CA   . LEU B 1 6  ? 0.79864   8.52584   8.79648   1.000 2.49075  ? 6   LEU C CA   1 
ATOM   391 C C    . LEU B 1 6  ? 0.96056   8.74760   7.29324   1.000 2.47564  ? 6   LEU C C    1 
ATOM   392 O O    . LEU B 1 6  ? 0.53407   9.78951   6.77117   1.000 2.94448  ? 6   LEU C O    1 
ATOM   393 C CB   . LEU B 1 6  ? 2.10659   8.86303   9.51498   1.000 3.01594  ? 6   LEU C CB   1 
ATOM   394 C CG   . LEU B 1 6  ? 2.00040   8.87406   11.03153  1.000 4.05962  ? 6   LEU C CG   1 
ATOM   395 C CD1  . LEU B 1 6  ? 3.36192   9.18631   11.63926  1.000 4.77099  ? 6   LEU C CD1  1 
ATOM   396 C CD2  . LEU B 1 6  ? 0.95858   9.86621   11.51826  1.000 4.71391  ? 6   LEU C CD2  1 
ATOM   397 H H    . LEU B 1 6  ? 1.03688   6.61266   9.25355   1.000 2.85967  ? 6   LEU C H    1 
ATOM   398 H HA   . LEU B 1 6  ? 0.10845   9.13055   9.11212   1.000 2.98890  ? 6   LEU C HA   1 
ATOM   399 H HB2  . LEU B 1 6  ? 2.77243   8.20194   9.27102   1.000 3.61912  ? 6   LEU C HB2  1 
ATOM   400 H HB3  . LEU B 1 6  ? 2.39580   9.74514   9.23323   1.000 3.61912  ? 6   LEU C HB3  1 
ATOM   401 H HG   . LEU B 1 6  ? 1.71269   7.99654   11.32961  1.000 4.87154  ? 6   LEU C HG   1 
ATOM   402 H HD11 . LEU B 1 6  ? 3.27988   9.20329   12.60549  1.000 5.72519  ? 6   LEU C HD11 1 
ATOM   403 H HD12 . LEU B 1 6  ? 3.99188   8.49881   11.37241  1.000 5.72519  ? 6   LEU C HD12 1 
ATOM   404 H HD13 . LEU B 1 6  ? 3.66019   10.05096  11.31738  1.000 5.72519  ? 6   LEU C HD13 1 
ATOM   405 H HD21 . LEU B 1 6  ? 1.04584   9.97123   12.47790  1.000 5.65669  ? 6   LEU C HD21 1 
ATOM   406 H HD22 . LEU B 1 6  ? 1.10290   10.71768  11.07730  1.000 5.65669  ? 6   LEU C HD22 1 
ATOM   407 H HD23 . LEU B 1 6  ? 0.07542   9.52815   11.30173  1.000 5.65669  ? 6   LEU C HD23 1 
ATOM   408 N N    . MET B 1 7  ? 1.57573   7.77685   6.59630   1.000 2.16065  ? 7   MET C N    1 
ATOM   409 C CA   . MET B 1 7  ? 1.84821   7.95539   5.17993   1.000 2.67455  ? 7   MET C CA   1 
ATOM   410 C C    . MET B 1 7  ? 0.60200   7.95251   4.31734   1.000 2.29096  ? 7   MET C C    1 
ATOM   411 O O    . MET B 1 7  ? 0.68854   8.32372   3.14820   1.000 2.95909  ? 7   MET C O    1 
ATOM   412 C CB   . MET B 1 7  ? 2.85665   6.92065   4.67647   1.000 3.60483  ? 7   MET C CB   1 
ATOM   413 C CG   . MET B 1 7  ? 4.23446   7.01527   5.29651   1.000 5.27477  ? 7   MET C CG   1 
ATOM   414 S SD   . MET B 1 7  ? 5.34827   5.82523   4.52353   1.000 8.73713  ? 7   MET C SD   1 
ATOM   415 C CE   . MET B 1 7  ? 6.83286   6.01378   5.48873   1.000 8.62531  ? 7   MET C CE   1 
ATOM   416 H H    . MET B 1 7  ? 1.83563   7.02498   6.92285   1.000 2.59279  ? 7   MET C H    1 
ATOM   417 H HA   . MET B 1 7  ? 2.27130   8.82147   5.07672   1.000 3.20946  ? 7   MET C HA   1 
ATOM   418 H HB2  . MET B 1 7  ? 2.51116   6.03614   4.86952   1.000 4.32579  ? 7   MET C HB2  1 
ATOM   419 H HB3  . MET B 1 7  ? 2.96009   7.03492   3.71876   1.000 4.32579  ? 7   MET C HB3  1 
ATOM   420 H HG2  . MET B 1 7  ? 4.59102   7.90744   5.16379   1.000 6.32972  ? 7   MET C HG2  1 
ATOM   421 H HG3  . MET B 1 7  ? 4.17835   6.81863   6.24497   1.000 6.32972  ? 7   MET C HG3  1 
ATOM   422 H HE1  . MET B 1 7  ? 7.51432   5.41831   5.13902   1.000 10.35037 ? 7   MET C HE1  1 
ATOM   423 H HE2  . MET B 1 7  ? 7.13469   6.93367   5.42680   1.000 10.35037 ? 7   MET C HE2  1 
ATOM   424 H HE3  . MET B 1 7  ? 6.63917   5.79009   6.41177   1.000 10.35037 ? 7   MET C HE3  1 
ATOM   425 N N    . GLN B 1 8  ? -0.55332  7.58365   4.86115   1.000 2.31147  ? 8   GLN C N    1 
ATOM   426 C CA   . GLN B 1 8  ? -1.78935  7.62581   4.09751   1.000 1.97464  ? 8   GLN C CA   1 
ATOM   427 C C    . GLN B 1 8  ? -2.05426  9.02763   3.55221   1.000 1.62743  ? 8   GLN C C    1 
ATOM   428 O O    . GLN B 1 8  ? -2.77038  9.16958   2.56158   1.000 1.99672  ? 8   GLN C O    1 
ATOM   429 C CB   . GLN B 1 8  ? -2.98092  7.18168   4.93821   1.000 2.07567  ? 8   GLN C CB   1 
ATOM   430 C CG   . GLN B 1 8  ? -3.34940  8.12744   6.06047   1.000 2.02800  ? 8   GLN C CG   1 
ATOM   431 C CD   . GLN B 1 8  ? -4.61200  7.71344   6.78649   1.000 2.16616  ? 8   GLN C CD   1 
ATOM   432 O OE1  . GLN B 1 8  ? -5.66391  7.47611   6.18869   1.000 2.52329  ? 8   GLN C OE1  1 
ATOM   433 N NE2  . GLN B 1 8  ? -4.51328  7.63248   8.10253   1.000 2.54119  ? 8   GLN C NE2  1 
ATOM   434 H H    . GLN B 1 8  ? -0.64461  7.30567   5.66971   1.000 2.77376  ? 8   GLN C H    1 
ATOM   435 H HA   . GLN B 1 8  ? -1.70198  7.00993   3.35316   1.000 2.36957  ? 8   GLN C HA   1 
ATOM   436 H HB2  . GLN B 1 8  ? -3.75423  7.10037   4.35886   1.000 2.49080  ? 8   GLN C HB2  1 
ATOM   437 H HB3  . GLN B 1 8  ? -2.77249  6.32200   5.33717   1.000 2.49080  ? 8   GLN C HB3  1 
ATOM   438 H HG2  . GLN B 1 8  ? -2.62545  8.14936   6.70497   1.000 2.43360  ? 8   GLN C HG2  1 
ATOM   439 H HG3  . GLN B 1 8  ? -3.49254  9.01381   5.69143   1.000 2.43360  ? 8   GLN C HG3  1 
ATOM   440 H HE21 . GLN B 1 8  ? -3.76701  7.81077   8.48943   1.000 3.04943  ? 8   GLN C HE21 1 
ATOM   441 H HE22 . GLN B 1 8  ? -5.19694  7.40206   8.57128   1.000 3.04943  ? 8   GLN C HE22 1 
HETATM 442 N N    . AIB B 1 9  ? -1.52339  10.06104  4.21496   1.000 1.87540  ? 9   AIB C N    1 
HETATM 443 C CA   . AIB B 1 9  ? -1.63521  11.44096  3.76867   1.000 2.04943  ? 9   AIB C CA   1 
HETATM 444 C C    . AIB B 1 9  ? -1.16017  11.61894  2.31974   1.000 2.18840  ? 9   AIB C C    1 
HETATM 445 O O    . AIB B 1 9  ? -1.56647  12.55451  1.63772   1.000 2.87474  ? 9   AIB C O    1 
HETATM 446 C CB1  . AIB B 1 9  ? -3.08888  11.94485  3.89319   1.000 2.49562  ? 9   AIB C CB1  1 
HETATM 447 C CB2  . AIB B 1 9  ? -0.72893  12.31572  4.62890   1.000 2.67892  ? 9   AIB C CB2  1 
HETATM 448 H H    . AIB B 1 9  ? -1.32547  10.04921  5.19539   1.000 2.25048  ? 9   AIB C H    1 
HETATM 449 H HB11 . AIB B 1 9  ? -3.46663  11.75054  4.92526   1.000 2.99474  ? 9   AIB C HB11 1 
HETATM 450 H HB12 . AIB B 1 9  ? -3.12585  13.04106  3.68759   1.000 2.99474  ? 9   AIB C HB12 1 
HETATM 451 H HB13 . AIB B 1 9  ? -3.73670  11.41055  3.15840   1.000 2.99474  ? 9   AIB C HB13 1 
HETATM 452 H HB21 . AIB B 1 9  ? 0.33555   12.03440  4.44046   1.000 3.21470  ? 9   AIB C HB21 1 
HETATM 453 H HB22 . AIB B 1 9  ? -0.89199  13.38776  4.35908   1.000 3.21470  ? 9   AIB C HB22 1 
HETATM 454 H HB23 . AIB B 1 9  ? -0.97945  12.15311  5.70558   1.000 3.21470  ? 9   AIB C HB23 1 
ATOM   455 N N    A LEU B 1 10 ? -0.27105  10.72011  1.87409   0.831 2.19967  ? 10  LEU C N    1 
ATOM   456 N N    B LEU B 1 10 ? -0.29711  10.71056  1.86509   0.169 2.34250  ? 10  LEU C N    1 
ATOM   457 C CA   A LEU B 1 10 ? 0.32306   10.76689  0.54095   0.831 2.54967  ? 10  LEU C CA   1 
ATOM   458 C CA   B LEU B 1 10 ? 0.29944   10.79078  0.53469   0.169 2.51551  ? 10  LEU C CA   1 
ATOM   459 C C    A LEU B 1 10 ? -0.21481  9.66853   -0.35341  0.831 2.93820  ? 10  LEU C C    1 
ATOM   460 C C    B LEU B 1 10 ? -0.25747  9.72562   -0.40908  0.169 2.70337  ? 10  LEU C C    1 
ATOM   461 O O    A LEU B 1 10 ? 0.32285   9.34711   -1.40292  0.831 3.24881  ? 10  LEU C O    1 
ATOM   462 O O    B LEU B 1 10 ? -0.26104  9.90321   -1.63122  0.169 2.70379  ? 10  LEU C O    1 
ATOM   463 C CB   A LEU B 1 10 ? 1.84048   10.60609  0.62426   0.831 2.90061  ? 10  LEU C CB   1 
ATOM   464 C CB   B LEU B 1 10 ? 1.81926   10.64080  0.64254   0.169 2.56409  ? 10  LEU C CB   1 
ATOM   465 C CG   A LEU B 1 10 ? 2.51109   11.67191  1.47809   0.831 3.39757  ? 10  LEU C CG   1 
ATOM   466 C CG   B LEU B 1 10 ? 2.51735   11.76998  1.40248   0.169 2.54320  ? 10  LEU C CG   1 
ATOM   467 C CD1  A LEU B 1 10 ? 4.01804   11.43272  1.51521   0.831 4.23293  ? 10  LEU C CD1  1 
ATOM   468 C CD1  B LEU B 1 10 ? 3.99281   11.45917  1.59380   0.169 2.71092  ? 10  LEU C CD1  1 
ATOM   469 C CD2  A LEU B 1 10 ? 2.18132   13.07670  0.98961   0.831 4.41180  ? 10  LEU C CD2  1 
ATOM   470 C CD2  B LEU B 1 10 ? 2.33853   13.09780  0.67479   0.169 2.71344  ? 10  LEU C CD2  1 
ATOM   471 H H    A LEU B 1 10 ? 0.00931   10.05611  2.34368   0.831 2.63960  ? 10  LEU C H    1 
ATOM   472 H H    B LEU B 1 10 ? -0.03742  10.02660  2.31739   0.169 2.81100  ? 10  LEU C H    1 
ATOM   473 H HA   A LEU B 1 10 ? 0.10468   11.62726  0.14964   0.831 3.05961  ? 10  LEU C HA   1 
ATOM   474 H HA   B LEU B 1 10 ? 0.08861   11.65497  0.14988   0.169 3.01862  ? 10  LEU C HA   1 
ATOM   475 H HB2  A LEU B 1 10 ? 2.04326   9.74053   1.01247   0.831 3.48073  ? 10  LEU C HB2  1 
ATOM   476 H HB2  B LEU B 1 10 ? 2.01505   9.81143   1.10578   0.169 3.07691  ? 10  LEU C HB2  1 
ATOM   477 H HB3  A LEU B 1 10 ? 2.21192   10.66251  -0.27054  0.831 3.48073  ? 10  LEU C HB3  1 
ATOM   478 H HB3  B LEU B 1 10 ? 2.19114   10.61625  -0.25298  0.169 3.07691  ? 10  LEU C HB3  1 
ATOM   479 H HG   A LEU B 1 10 ? 2.16999   11.61137  2.38387   0.831 4.07708  ? 10  LEU C HG   1 
ATOM   480 H HG   B LEU B 1 10 ? 2.11339   11.85155  2.28008   0.169 3.05184  ? 10  LEU C HG   1 
ATOM   481 H HD11 A LEU B 1 10 ? 4.19265   10.58863  1.96004   0.831 5.07951  ? 10  LEU C HD11 1 
ATOM   482 H HD11 B LEU B 1 10 ? 4.07948   10.65658  2.13150   0.169 3.25311  ? 10  LEU C HD11 1 
ATOM   483 H HD12 A LEU B 1 10 ? 4.35537   11.40434  0.60642   0.831 5.07951  ? 10  LEU C HD12 1 
ATOM   484 H HD12 B LEU B 1 10 ? 4.40170   11.32062  0.72491   0.169 3.25311  ? 10  LEU C HD12 1 
ATOM   485 H HD13 A LEU B 1 10 ? 4.44107   12.15710  2.00263   0.831 5.07951  ? 10  LEU C HD13 1 
ATOM   486 H HD13 B LEU B 1 10 ? 4.41749   12.20602  2.04377   0.169 3.25311  ? 10  LEU C HD13 1 
ATOM   487 H HD21 A LEU B 1 10 ? 2.75235   13.71291  1.44780   0.831 5.29416  ? 10  LEU C HD21 1 
ATOM   488 H HD21 B LEU B 1 10 ? 2.94186   13.75221  1.05943   0.169 3.25613  ? 10  LEU C HD21 1 
ATOM   489 H HD22 A LEU B 1 10 ? 2.33563   13.12208  0.03325   0.831 5.29416  ? 10  LEU C HD22 1 
ATOM   490 H HD22 B LEU B 1 10 ? 2.54202   12.97314  -0.26553  0.169 3.25613  ? 10  LEU C HD22 1 
ATOM   491 H HD23 A LEU B 1 10 ? 1.25064   13.26825  1.18414   0.831 5.29416  ? 10  LEU C HD23 1 
ATOM   492 H HD23 B LEU B 1 10 ? 1.42007   13.39307  0.77742   0.169 3.25613  ? 10  LEU C HD23 1 
HETATM 493 C C11  . I77 B 1 11 ? -2.29633  5.60499   -2.19931  1.000 4.46986  ? 11  I77 C C11  1 
HETATM 494 C C12  . I77 B 1 11 ? -3.09962  6.73141   -2.22329  1.000 3.32357  ? 11  I77 C C12  1 
HETATM 495 C C13  . I77 B 1 11 ? -2.63596  8.04657   -1.66060  1.000 3.16510  ? 11  I77 C C13  1 
HETATM 496 C C17  . I77 B 1 11 ? -4.37347  6.65889   -2.74244  1.000 3.12378  ? 11  I77 C C17  1 
HETATM 497 C C18  . I77 B 1 11 ? -4.81058  5.45303   -3.23751  1.000 2.73454  ? 11  I77 C C18  1 
HETATM 498 C C02  . I77 B 1 11 ? -5.59723  -0.73976  -5.22176  1.000 2.32491  ? 11  I77 C C02  1 
HETATM 499 C C03  . I77 B 1 11 ? -5.20517  0.63515   -4.71356  1.000 2.22897  ? 11  I77 C C03  1 
HETATM 500 C C04  . I77 B 1 11 ? -3.97668  0.73379   -4.11651  1.000 3.23815  ? 11  I77 C C04  1 
HETATM 501 C C05  . I77 B 1 11 ? -3.58527  1.95523   -3.62468  1.000 3.07122  ? 11  I77 C C05  1 
HETATM 502 C C06  . I77 B 1 11 ? -6.00752  1.76933   -4.79971  1.000 2.84385  ? 11  I77 C C06  1 
HETATM 503 C C08  . I77 B 1 11 ? -4.42240  3.04582   -3.73689  1.000 2.88272  ? 11  I77 C C08  1 
HETATM 504 C C09  . I77 B 1 11 ? -3.95794  4.36370   -3.19304  1.000 3.28971  ? 11  I77 C C09  1 
HETATM 505 N N01  . I77 B 1 11 ? -6.84604  -0.81296  -5.86293  1.000 2.82114  ? 11  I77 C N01  1 
HETATM 506 N N07  . I77 B 1 11 ? -5.60162  2.94963   -4.31760  1.000 2.90781  ? 11  I77 C N07  1 
HETATM 507 N N10  . I77 B 1 11 ? -2.73838  4.45392   -2.68839  1.000 4.82352  ? 11  I77 C N10  1 
HETATM 508 N N14  . I77 B 1 11 ? -1.82465  7.87832   -0.50531  1.000 3.25908  ? 11  I77 C N14  1 
HETATM 509 N N15  . I77 B 1 11 ? -1.36490  9.01533   0.14894   1.000 2.88988  ? 11  I77 C N15  1 
HETATM 510 O O16  . I77 B 1 11 ? -2.93099  9.13039   -2.09852  1.000 4.07838  ? 11  I77 C O16  1 
HETATM 511 O O19  . I77 B 1 11 ? -4.90003  -1.70531  -5.06400  1.000 3.14349  ? 11  I77 C O19  1 
HETATM 512 H H111 . I77 B 1 11 ? -1.30351  5.66396   -1.78040  1.000 5.36383  ? 11  I77 C H111 1 
HETATM 513 H H171 . I77 B 1 11 ? -5.01873  7.53682   -2.75964  1.000 3.74853  ? 11  I77 C H171 1 
HETATM 514 H H181 . I77 B 1 11 ? -5.81009  5.35632   -3.65689  1.000 3.28145  ? 11  I77 C H181 1 
HETATM 515 H H041 . I77 B 1 11 ? -3.33439  -0.12274  -4.03457  1.000 3.88578  ? 11  I77 C H041 1 
HETATM 516 H H051 . I77 B 1 11 ? -2.61888  2.06190   -3.14767  1.000 3.68546  ? 11  I77 C H051 1 
HETATM 517 H H061 . I77 B 1 11 ? -6.97909  1.69556   -5.26773  1.000 3.41262  ? 11  I77 C H061 1 
HETATM 518 H H011 . I77 B 1 11 ? -7.39964  0.00866   -5.96812  1.000 3.38537  ? 11  I77 C H011 1 
HETATM 519 H H012 . I77 B 1 11 ? -7.17415  -1.69761  -6.21982  1.000 3.38537  ? 11  I77 C H012 1 
HETATM 520 H H141 . I77 B 1 11 ? -1.58799  6.96039   -0.17003  1.000 3.91090  ? 11  I77 C H141 1 
HETATM 521 N N    . CCN C 2 .  ? 2.21892   -12.55941 -3.13699  0.957 5.18736  ? 201 CCN A N    1 
HETATM 522 C C1   . CCN C 2 .  ? 1.26414   -12.48883 -3.73104  1.000 4.32115  ? 201 CCN A C1   1 
HETATM 523 C C2   . CCN C 2 .  ? -0.03011  -12.40290 -4.50855  1.000 3.89766  ? 201 CCN A C2   1 
HETATM 524 H H21  . CCN C 2 .  ? 0.16315   -11.97600 -5.48527  0.999 4.67719  ? 201 CCN A H21  1 
HETATM 525 H H22  . CCN C 2 .  ? -0.73247  -11.77444 -3.97324  1.000 4.67719  ? 201 CCN A H22  1 
HETATM 526 H H23  . CCN C 2 .  ? -0.44903  -13.39449 -4.62464  0.991 4.67719  ? 201 CCN A H23  1 
HETATM 527 N N    . CCN D 2 .  ? -1.36866  -1.27972  -11.28995 0.791 2.96139  ? 202 CCN A N    1 
HETATM 528 C C1   . CCN D 2 .  ? -0.35559  -1.50090  -10.87459 0.791 3.58486  ? 202 CCN A C1   1 
HETATM 529 C C2   . CCN D 2 .  ? 1.02871   -1.82067  -10.36949 0.791 5.06206  ? 202 CCN A C2   1 
HETATM 530 H H21  . CCN D 2 .  ? 1.14233   -2.89347  -10.28089 0.791 6.07447  ? 202 CCN A H21  1 
HETATM 531 H H22  . CCN D 2 .  ? 1.17435   -1.36089  -9.39996  0.791 6.07447  ? 202 CCN A H22  1 
HETATM 532 H H23  . CCN D 2 .  ? 1.76494   -1.43656  -11.06559 0.791 6.07447  ? 202 CCN A H23  1 
HETATM 533 N N    . CCN E 2 .  ? -4.29070  11.37412  7.40098   1.000 5.48171  ? 201 CCN C N    1 
HETATM 534 C C1   . CCN E 2 .  ? -3.29749  11.23577  7.91539   1.000 4.25078  ? 201 CCN C C1   1 
HETATM 535 C C2   . CCN E 2 .  ? -1.96969  11.02830  8.60918   1.000 4.18518  ? 201 CCN C C2   1 
HETATM 536 H H21  . CCN E 2 .  ? -1.46705  11.98130  8.71825   1.000 5.02221  ? 201 CCN C H21  1 
HETATM 537 H H22  . CCN E 2 .  ? -1.35412  10.36093  8.01784   1.000 5.02221  ? 201 CCN C H22  1 
HETATM 538 H H23  . CCN E 2 .  ? -2.13698  10.59425  9.58650   1.000 5.02221  ? 201 CCN C H23  1 
HETATM 539 O O    . HOH F 3 .  ? 2.92321   -3.98575  -8.06864  1.000 30.58687 ? 301 HOH A O    1 
HETATM 540 O O    . HOH F 3 .  ? 1.63183   -4.15725  -3.94289  1.000 23.51545 ? 302 HOH A O    1 
HETATM 541 O O    . HOH F 3 .  ? 11.71289  -4.29286  -3.73975  1.000 33.87612 ? 303 HOH A O    1 
HETATM 542 O O    . HOH F 3 .  ? -3.38370  4.16565   2.36557   1.000 40.93969 ? 304 HOH A O    1 
HETATM 543 O O    . HOH F 3 .  ? 12.50409  0.59170   -0.25623  1.000 27.61428 ? 305 HOH A O    1 
HETATM 544 O O    . HOH F 3 .  ? 6.81353   -3.26038  -10.04256 1.000 26.05389 ? 306 HOH A O    1 
HETATM 545 O O    . HOH F 3 .  ? 4.69610   -2.31937  -9.58887  1.000 25.58336 ? 307 HOH A O    1 
HETATM 546 O O    . HOH F 3 .  ? 13.08610  -2.26384  -3.22566  1.000 37.96656 ? 308 HOH A O    1 
HETATM 547 O O    . HOH F 3 .  ? 1.47222   -3.24902  -6.63694  1.000 37.79545 ? 309 HOH A O    1 
HETATM 548 O O    . HOH F 3 .  ? -2.17813  -0.83466  -0.73339  1.000 35.58043 ? 310 HOH A O    1 
HETATM 549 O O    . HOH F 3 .  ? -3.81400  3.60364   4.26088   1.000 27.51351 ? 311 HOH A O    1 
HETATM 550 O O    . HOH G 3 .  ? -1.76723  5.60407   1.07013   1.000 19.77005 ? 301 HOH C O    1 
HETATM 551 O O    . HOH G 3 .  ? -1.00792  4.18584   4.15982   1.000 19.99281 ? 302 HOH C O    1 
HETATM 552 O O    . HOH G 3 .  ? 0.22949   7.55247   -3.72658  1.000 26.66514 ? 303 HOH C O    1 
HETATM 553 O O    . HOH G 3 .  ? -9.12556  1.08272   -6.18938  1.000 16.91757 ? 304 HOH C O    1 
HETATM 554 O O    . HOH G 3 .  ? -1.66644  3.52685   0.17075   1.000 57.72447 ? 305 HOH C O    1 
HETATM 555 O O    . HOH G 3 .  ? -8.29260  4.64074   -5.31957  1.000 33.16830 ? 306 HOH C O    1 
HETATM 556 O O    . HOH G 3 .  ? 4.44287   -5.14619  10.62782  1.000 46.66638 ? 307 HOH C O    1 
HETATM 557 O O    . HOH G 3 .  ? -2.73931  1.43627   11.34493  1.000 35.98841 ? 308 HOH C O    1 
HETATM 558 O O    . HOH G 3 .  ? -0.94948  -0.02714  -2.37045  1.000 34.82524 ? 309 HOH C O    1 
HETATM 559 O O    . HOH G 3 .  ? -4.65778  2.86490   11.68907  1.000 33.04260 ? 310 HOH C O    1 
# 
loop_
_atom_site_anisotrop.id 
_atom_site_anisotrop.type_symbol 
_atom_site_anisotrop.pdbx_label_atom_id 
_atom_site_anisotrop.pdbx_label_alt_id 
_atom_site_anisotrop.pdbx_label_comp_id 
_atom_site_anisotrop.pdbx_label_asym_id 
_atom_site_anisotrop.pdbx_label_seq_id 
_atom_site_anisotrop.pdbx_PDB_ins_code 
_atom_site_anisotrop.U[1][1] 
_atom_site_anisotrop.U[2][2] 
_atom_site_anisotrop.U[3][3] 
_atom_site_anisotrop.U[1][2] 
_atom_site_anisotrop.U[1][3] 
_atom_site_anisotrop.U[2][3] 
_atom_site_anisotrop.pdbx_auth_seq_id 
_atom_site_anisotrop.pdbx_auth_comp_id 
_atom_site_anisotrop.pdbx_auth_asym_id 
_atom_site_anisotrop.pdbx_auth_atom_id 
1   C C05 A I6W A 1  ? 0.05940 0.02892 0.03576 -0.01226 0.00374  -0.00431 1   I6W A C05 
2   C C05 B I6W A 1  ? 0.06033 0.03478 0.01807 0.00118  -0.00789 -0.00299 1   I6W A C05 
3   C C08 A I6W A 1  ? 0.05403 0.02781 0.02471 -0.01426 0.01215  -0.00291 1   I6W A C08 
4   C C08 B I6W A 1  ? 0.05577 0.03741 0.02126 -0.00162 0.00009  -0.00274 1   I6W A C08 
5   C C09 A I6W A 1  ? 0.05817 0.03189 0.03077 -0.01717 0.01721  -0.00175 1   I6W A C09 
6   C C09 B I6W A 1  ? 0.05241 0.03910 0.02128 -0.00568 0.00820  0.00339  1   I6W A C09 
7   N N10 A I6W A 1  ? 0.06544 0.03969 0.03868 -0.02126 0.01796  -0.00511 1   I6W A N10 
8   N N10 B I6W A 1  ? 0.05354 0.03882 0.02664 -0.00717 0.01108  0.00479  1   I6W A N10 
9   C C02 A I6W A 1  ? 0.03705 0.02765 0.01995 -0.01200 -0.00728 -0.00201 1   I6W A C02 
10  C C02 B I6W A 1  ? 0.04475 0.02661 0.02556 -0.00153 -0.01076 -0.00448 1   I6W A C02 
11  C C03 A I6W A 1  ? 0.03895 0.02256 0.02439 -0.01180 0.00445  -0.00269 1   I6W A C03 
12  C C03 B I6W A 1  ? 0.05205 0.03051 0.02557 0.00091  -0.00909 -0.00439 1   I6W A C03 
13  C C04 A I6W A 1  ? 0.05546 0.02509 0.03531 -0.01082 -0.00173 -0.00193 1   I6W A C04 
14  C C04 B I6W A 1  ? 0.05804 0.03464 0.02464 0.00053  -0.01115 -0.00425 1   I6W A C04 
15  C C06 A I6W A 1  ? 0.04192 0.02342 0.03132 -0.00794 0.01068  0.00012  1   I6W A C06 
16  C C06 B I6W A 1  ? 0.05373 0.03497 0.02415 -0.00120 -0.00818 -0.00361 1   I6W A C06 
17  C C11 A I6W A 1  ? 0.07829 0.04274 0.04018 -0.02152 0.01731  -0.00692 1   I6W A C11 
18  C C11 B I6W A 1  ? 0.05488 0.04035 0.03257 -0.01260 0.01421  0.00618  1   I6W A C11 
19  C C12 A I6W A 1  ? 0.08616 0.04340 0.04219 -0.02078 0.01945  -0.00972 1   I6W A C12 
20  C C12 B I6W A 1  ? 0.05041 0.04159 0.03647 -0.01429 0.01855  0.00559  1   I6W A C12 
21  C C13 A I6W A 1  ? 0.10748 0.04839 0.05355 -0.01788 0.01191  -0.01442 1   I6W A C13 
22  C C13 B I6W A 1  ? 0.05456 0.04430 0.04618 -0.01747 0.02184  0.00413  1   I6W A C13 
23  C C15 A I6W A 1  ? 0.11039 0.05726 0.07969 -0.02785 0.03437  -0.02871 1   I6W A C15 
24  C C15 B I6W A 1  ? 0.06129 0.04370 0.05862 -0.01806 0.02385  0.00202  1   I6W A C15 
25  C C16 A I6W A 1  ? 0.10822 0.07414 0.08383 -0.03183 0.03349  -0.03872 1   I6W A C16 
26  C C16 B I6W A 1  ? 0.06907 0.04571 0.05973 -0.02000 0.01903  0.00304  1   I6W A C16 
27  C C18 A I6W A 1  ? 0.08340 0.04048 0.04211 -0.01605 0.01698  -0.01183 1   I6W A C18 
28  C C18 B I6W A 1  ? 0.04954 0.04099 0.02827 -0.01100 0.01567  0.00657  1   I6W A C18 
29  C C19 A I6W A 1  ? 0.06818 0.03482 0.03143 -0.01537 0.01591  -0.00799 1   I6W A C19 
30  C C19 B I6W A 1  ? 0.04972 0.03980 0.02170 -0.00854 0.01177  0.00659  1   I6W A C19 
31  N N07 A I6W A 1  ? 0.04342 0.03001 0.04139 -0.01121 0.01066  -0.00295 1   I6W A N07 
32  N N07 B I6W A 1  ? 0.05508 0.03918 0.02583 -0.00346 -0.00567 -0.00489 1   I6W A N07 
33  O O01 A I6W A 1  ? 0.03050 0.02766 0.03378 -0.01047 -0.01061 -0.00098 1   I6W A O01 
34  O O01 B I6W A 1  ? 0.04405 0.02138 0.03151 0.00040  -0.01280 -0.00265 1   I6W A O01 
35  O O14 A I6W A 1  ? 0.10808 0.04394 0.06938 -0.02159 0.02913  -0.01906 1   I6W A O14 
36  O O14 B I6W A 1  ? 0.05601 0.04486 0.05119 -0.01751 0.02471  0.00153  1   I6W A O14 
37  O O17 A I6W A 1  ? 0.13442 0.05212 0.07153 -0.00834 -0.01400 -0.01553 1   I6W A O17 
38  O O17 B I6W A 1  ? 0.06382 0.04856 0.04869 -0.02042 0.01952  0.00358  1   I6W A O17 
61  N N   . LEU A 2  ? 0.03527 0.02073 0.01893 0.00012  -0.01051 -0.00423 2   LEU A N   
62  C CA  . LEU A 2  ? 0.02526 0.02276 0.02314 -0.00093 -0.00269 -0.00133 2   LEU A CA  
63  C C   . LEU A 2  ? 0.02952 0.02598 0.02547 -0.00252 -0.00763 0.00242  2   LEU A C   
64  O O   . LEU A 2  ? 0.02232 0.02544 0.02838 0.00045  -0.00443 0.00394  2   LEU A O   
65  C CB  . LEU A 2  ? 0.01692 0.03294 0.03510 -0.00566 -0.00663 0.00094  2   LEU A CB  
66  C CG  . LEU A 2  ? 0.02418 0.04095 0.04358 -0.00999 -0.00336 -0.00629 2   LEU A CG  
67  C CD1 . LEU A 2  ? 0.04257 0.03824 0.04797 -0.01143 -0.00846 -0.00093 2   LEU A CD1 
68  C CD2 . LEU A 2  ? 0.03123 0.04861 0.05109 -0.01103 -0.00496 -0.01358 2   LEU A CD2 
80  N N   . AIB A 3  ? 0.02274 0.02797 0.02577 0.00328  -0.00721 0.00357  3   AIB A N   
81  C CA  . AIB A 3  ? 0.02949 0.02781 0.02370 0.00317  -0.00505 0.00450  3   AIB A CA  
82  C C   . AIB A 3  ? 0.02995 0.02849 0.02718 -0.00123 -0.00526 0.00052  3   AIB A C   
83  O O   . AIB A 3  ? 0.02374 0.03300 0.03823 -0.00246 -0.00623 -0.00704 3   AIB A O   
84  C CB1 . AIB A 3  ? 0.02403 0.03756 0.02798 0.00612  -0.01424 -0.00221 3   AIB A CB1 
85  C CB2 . AIB A 3  ? 0.03875 0.03184 0.02040 0.00123  0.00202  0.00757  3   AIB A CB2 
93  N N   . ALA A 4  ? 0.02939 0.02574 0.02651 -0.00213 -0.01189 0.00185  4   ALA A N   
94  C CA  . ALA A 4  ? 0.01977 0.02896 0.04284 -0.00272 -0.00435 -0.00513 4   ALA A CA  
95  C C   . ALA A 4  ? 0.01806 0.03032 0.03438 0.00100  -0.01244 -0.00679 4   ALA A C   
96  O O   . ALA A 4  ? 0.02195 0.03561 0.05491 -0.00534 -0.01248 -0.00141 4   ALA A O   
97  C CB  . ALA A 4  ? 0.03543 0.03080 0.06322 -0.01034 -0.01535 -0.00652 4   ALA A CB  
103 N N   . AIB A 5  ? 0.02611 0.02992 0.03033 -0.00052 -0.00890 0.00201  5   AIB A N   
104 C CA  . AIB A 5  ? 0.02262 0.03646 0.02985 0.00349  -0.01374 0.00198  5   AIB A CA  
105 C C   . AIB A 5  ? 0.01699 0.02857 0.02669 0.00150  -0.01105 0.00506  5   AIB A C   
106 O O   . AIB A 5  ? 0.02379 0.04556 0.03402 0.00216  -0.01634 0.00068  5   AIB A O   
107 C CB1 . AIB A 5  ? 0.04739 0.05156 0.03786 0.00074  -0.02494 -0.00325 5   AIB A CB1 
108 C CB2 . AIB A 5  ? 0.02838 0.03944 0.03001 0.00501  0.00221  0.00078  5   AIB A CB2 
116 N N   . LEU A 6  ? 0.01219 0.02823 0.02577 0.00301  -0.00862 0.00130  6   LEU A N   
117 C CA  . LEU A 6  ? 0.02741 0.02253 0.02916 0.00332  -0.00317 0.00106  6   LEU A CA  
118 C C   . LEU A 6  ? 0.02850 0.02624 0.03083 -0.00201 -0.00265 0.00550  6   LEU A C   
119 O O   . LEU A 6  ? 0.03821 0.01967 0.04090 0.00140  0.00602  0.00290  6   LEU A O   
120 C CB  . LEU A 6  ? 0.02986 0.02736 0.03587 -0.00070 -0.00454 -0.00039 6   LEU A CB  
121 C CG  . LEU A 6  ? 0.02989 0.04736 0.04741 -0.01849 -0.01114 0.00126  6   LEU A CG  
122 C CD1 . LEU A 6  ? 0.03634 0.05059 0.05856 -0.01762 -0.01753 -0.00358 6   LEU A CD1 
123 C CD2 . LEU A 6  ? 0.05379 0.05235 0.06407 -0.02925 -0.01543 0.01199  6   LEU A CD2 
135 N N   A MET A 7  ? 0.02522 0.02518 0.03328 0.00069  -0.00170 0.01000  7   MET A N   
136 N N   B MET A 7  ? 0.02800 0.02855 0.03734 0.00096  -0.00302 0.00840  7   MET A N   
137 C CA  A MET A 7  ? 0.02472 0.02733 0.02962 0.00226  -0.00102 0.01071  7   MET A CA  
138 C CA  B MET A 7  ? 0.02977 0.03313 0.03770 0.00352  -0.00401 0.00866  7   MET A CA  
139 C C   A MET A 7  ? 0.02663 0.03407 0.02434 -0.00643 -0.00089 0.00902  7   MET A C   
140 C C   B MET A 7  ? 0.03375 0.03572 0.02971 -0.00581 -0.00397 0.00757  7   MET A C   
141 O O   A MET A 7  ? 0.02353 0.03701 0.02607 -0.00836 0.00471  0.00745  7   MET A O   
142 O O   B MET A 7  ? 0.03535 0.03334 0.03234 -0.00613 -0.00179 0.00765  7   MET A O   
143 C CB  A MET A 7  ? 0.02327 0.03127 0.03410 -0.00008 -0.00188 0.01549  7   MET A CB  
144 C CB  B MET A 7  ? 0.03113 0.04132 0.04683 0.00416  -0.00752 0.01342  7   MET A CB  
145 C CG  A MET A 7  ? 0.03072 0.04110 0.04366 -0.00441 -0.00626 0.01880  7   MET A CG  
146 C CG  B MET A 7  ? 0.04441 0.05305 0.06094 0.00573  -0.01419 0.01734  7   MET A CG  
147 S SD  A MET A 7  ? 0.04550 0.04569 0.05552 0.00218  -0.01506 0.01973  7   MET A SD  
148 S SD  B MET A 7  ? 0.06252 0.05969 0.07287 0.01098  -0.02639 0.02261  7   MET A SD  
149 C CE  A MET A 7  ? 0.04291 0.05890 0.04924 0.00645  -0.01882 0.01101  7   MET A CE  
150 C CE  B MET A 7  ? 0.06318 0.06619 0.07348 0.01058  -0.02982 0.02192  7   MET A CE  
169 N N   . GLN A 8  ? 0.03049 0.02923 0.02053 -0.00218 0.00032  0.00603  8   GLN A N   
170 C CA  . GLN A 8  ? 0.03179 0.02365 0.02149 -0.00429 0.00209  0.00173  8   GLN A CA  
171 C C   . GLN A 8  ? 0.02855 0.02819 0.01454 -0.01236 -0.00267 -0.00039 8   GLN A C   
172 O O   . GLN A 8  ? 0.02449 0.02697 0.01780 -0.00973 -0.00516 0.00055  8   GLN A O   
173 C CB  . GLN A 8  ? 0.02958 0.02333 0.01961 -0.00460 0.00532  -0.00015 8   GLN A CB  
174 C CG  . GLN A 8  ? 0.02629 0.02810 0.01660 -0.01063 -0.00354 0.00195  8   GLN A CG  
175 C CD  . GLN A 8  ? 0.02053 0.02989 0.01819 -0.00069 -0.00731 0.00189  8   GLN A CD  
176 O OE1 . GLN A 8  ? 0.02118 0.02858 0.02936 -0.00143 -0.00621 -0.00283 8   GLN A OE1 
177 N NE2 . GLN A 8  ? 0.01502 0.04251 0.02782 -0.00070 -0.00705 0.00816  8   GLN A NE2 
186 N N   . AIB A 9  ? 0.02389 0.02219 0.01224 -0.00766 -0.00259 -0.00130 9   AIB A N   
187 C CA  . AIB A 9  ? 0.02350 0.02500 0.02435 -0.00757 -0.00764 -0.00136 9   AIB A CA  
188 C C   . AIB A 9  ? 0.03377 0.02205 0.02088 -0.00581 -0.00653 -0.00035 9   AIB A C   
189 O O   . AIB A 9  ? 0.03194 0.02662 0.03631 -0.00020 0.00200  -0.00139 9   AIB A O   
190 C CB1 . AIB A 9  ? 0.02457 0.01987 0.03394 -0.00087 -0.01453 0.00006  9   AIB A CB1 
191 C CB2 . AIB A 9  ? 0.03456 0.02414 0.02020 -0.00482 -0.00907 -0.00087 9   AIB A CB2 
199 N N   . LEU A 10 ? 0.02209 0.02335 0.02430 -0.00283 -0.00482 -0.00383 10  LEU A N   
200 C CA  . LEU A 10 ? 0.02486 0.02742 0.02399 -0.00883 -0.00553 -0.00342 10  LEU A CA  
201 C C   . LEU A 10 ? 0.02388 0.02817 0.01222 -0.00993 -0.00383 -0.00146 10  LEU A C   
202 O O   . LEU A 10 ? 0.04046 0.03894 0.01783 -0.01665 -0.00247 -0.00462 10  LEU A O   
203 C CB  . LEU A 10 ? 0.03128 0.03119 0.02758 -0.01034 -0.00293 0.00007  10  LEU A CB  
204 C CG  . LEU A 10 ? 0.03734 0.03303 0.03691 -0.00715 -0.00573 0.00182  10  LEU A CG  
205 C CD1 . LEU A 10 ? 0.05429 0.05339 0.05140 -0.01929 -0.01025 0.00602  10  LEU A CD1 
206 C CD2 . LEU A 10 ? 0.05688 0.05192 0.04966 -0.01272 -0.02227 -0.01503 10  LEU A CD2 
218 C C11 A I77 A 11 ? 0.04270 0.04147 0.04139 -0.01421 -0.01437 -0.00866 11  I77 A C11 
219 C C11 B I77 A 11 ? 0.04670 0.03002 0.02773 -0.01579 0.00163  -0.01092 11  I77 A C11 
220 C C12 A I77 A 11 ? 0.03229 0.03403 0.02604 -0.01422 -0.00810 -0.00207 11  I77 A C12 
221 C C12 B I77 A 11 ? 0.04984 0.02967 0.03067 -0.01571 -0.00210 -0.01028 11  I77 A C12 
222 C C13 A I77 A 11 ? 0.03317 0.03229 0.03749 -0.01320 -0.01569 0.00046  11  I77 A C13 
223 C C13 B I77 A 11 ? 0.05278 0.03288 0.03087 -0.01681 -0.00351 -0.01041 11  I77 A C13 
224 C C17 A I77 A 11 ? 0.03344 0.03570 0.02494 -0.02026 -0.00194 0.00156  11  I77 A C17 
225 C C17 B I77 A 11 ? 0.04905 0.02944 0.03133 -0.01560 -0.00119 -0.01085 11  I77 A C17 
226 C C18 A I77 A 11 ? 0.03119 0.03376 0.01859 -0.01144 -0.00172 -0.00008 11  I77 A C18 
227 C C18 B I77 A 11 ? 0.04160 0.02908 0.02950 -0.01525 0.00380  -0.01214 11  I77 A C18 
228 C C02 A I77 A 11 ? 0.04508 0.02421 0.03352 0.00014  -0.00144 -0.00179 11  I77 A C02 
229 C C02 B I77 A 11 ? 0.02499 0.01845 0.01804 -0.01077 0.00863  -0.00791 11  I77 A C02 
230 C C03 A I77 A 11 ? 0.04139 0.02082 0.03285 0.00155  0.00161  -0.00283 11  I77 A C03 
231 C C03 B I77 A 11 ? 0.02201 0.02022 0.02048 -0.01024 0.00871  -0.00987 11  I77 A C03 
232 C C04 A I77 A 11 ? 0.04178 0.02983 0.03693 -0.00845 -0.00571 -0.00185 11  I77 A C04 
233 C C04 B I77 A 11 ? 0.02343 0.02425 0.02293 -0.01031 0.01137  -0.01150 11  I77 A C04 
234 C C05 A I77 A 11 ? 0.02901 0.03033 0.03433 -0.00436 -0.00850 -0.00189 11  I77 A C05 
235 C C05 B I77 A 11 ? 0.02224 0.02302 0.02429 -0.00928 0.01187  -0.01113 11  I77 A C05 
236 C C06 A I77 A 11 ? 0.05040 0.02676 0.03459 0.00085  -0.00797 -0.00250 11  I77 A C06 
237 C C06 B I77 A 11 ? 0.01928 0.02196 0.02230 -0.00876 0.01051  -0.00982 11  I77 A C06 
238 C C08 A I77 A 11 ? 0.03129 0.02540 0.02853 -0.00405 -0.00129 -0.00007 11  I77 A C08 
239 C C08 B I77 A 11 ? 0.02376 0.02485 0.02497 -0.01118 0.01234  -0.01174 11  I77 A C08 
240 C C09 A I77 A 11 ? 0.03762 0.02950 0.02653 -0.00996 -0.00231 -0.00074 11  I77 A C09 
241 C C09 B I77 A 11 ? 0.03438 0.02852 0.02699 -0.01477 0.00857  -0.01268 11  I77 A C09 
242 N N01 A I77 A 11 ? 0.06019 0.02863 0.04409 0.00155  -0.01376 -0.00220 11  I77 A N01 
243 N N01 B I77 A 11 ? 0.02630 0.02123 0.01756 -0.01069 0.00963  -0.00865 11  I77 A N01 
244 N N07 A I77 A 11 ? 0.04943 0.03184 0.03305 -0.00689 -0.00460 -0.00204 11  I77 A N07 
245 N N07 B I77 A 11 ? 0.02103 0.02096 0.02444 -0.00943 0.00929  -0.01156 11  I77 A N07 
246 N N10 A I77 A 11 ? 0.04536 0.04152 0.04402 -0.01240 -0.01235 -0.00644 11  I77 A N10 
247 N N10 B I77 A 11 ? 0.04115 0.03030 0.02654 -0.01595 0.00581  -0.01192 11  I77 A N10 
248 N N14 A I77 A 11 ? 0.02831 0.02888 0.02345 -0.01169 -0.00849 -0.00470 11  I77 A N14 
249 N N14 B I77 A 11 ? 0.04893 0.03301 0.02272 -0.01377 -0.00516 -0.00810 11  I77 A N14 
250 N N15 A I77 A 11 ? 0.03069 0.02723 0.01398 -0.01364 -0.00641 0.00196  11  I77 A N15 
251 N N15 B I77 A 11 ? 0.03919 0.03218 0.01617 -0.01149 -0.00499 -0.00505 11  I77 A N15 
252 O O16 A I77 A 11 ? 0.03770 0.04952 0.06793 -0.00422 -0.02551 -0.00887 11  I77 A O16 
253 O O16 B I77 A 11 ? 0.05726 0.03647 0.03472 -0.01925 -0.00346 -0.01141 11  I77 A O16 
254 O O19 A I77 A 11 ? 0.05043 0.03044 0.06088 0.00170  -0.01628 -0.00928 11  I77 A O19 
255 O O19 B I77 A 11 ? 0.02664 0.01743 0.01783 -0.01060 0.00893  -0.00726 11  I77 A O19 
274 C C05 A I6W B 1  ? 0.06462 0.01653 0.03463 -0.00224 -0.00543 0.00060  1   I6W C C05 
275 C C05 B I6W B 1  ? 0.08139 0.04003 0.04256 0.00428  0.02671  0.00765  1   I6W C C05 
276 C C08 A I6W B 1  ? 0.06950 0.02088 0.03188 -0.00678 0.01291  0.00006  1   I6W C C08 
277 C C08 B I6W B 1  ? 0.08016 0.04068 0.04919 0.00655  0.03500  0.00651  1   I6W C C08 
278 C C09 A I6W B 1  ? 0.07651 0.02606 0.03811 -0.00929 0.02063  0.00149  1   I6W C C09 
279 C C09 B I6W B 1  ? 0.08452 0.03442 0.05556 0.01483  0.03826  0.00905  1   I6W C C09 
280 N N10 A I6W B 1  ? 0.08633 0.04181 0.04755 -0.02262 0.01717  -0.00115 1   I6W C N10 
281 N N10 B I6W B 1  ? 0.09306 0.03818 0.05701 0.01665  0.03882  0.00873  1   I6W C N10 
282 C C02 A I6W B 1  ? 0.04023 0.03690 0.03211 -0.00934 -0.00661 -0.00143 1   I6W C C02 
283 C C02 B I6W B 1  ? 0.05435 0.03722 0.03643 -0.00343 0.01410  0.00280  1   I6W C C02 
284 C C03 A I6W B 1  ? 0.05186 0.03168 0.03555 -0.01181 -0.00402 0.00000  1   I6W C C03 
285 C C03 B I6W B 1  ? 0.07216 0.03966 0.03620 -0.00508 0.01816  0.00982  1   I6W C C03 
286 C C04 A I6W B 1  ? 0.05711 0.02547 0.04474 -0.00644 -0.00380 -0.00453 1   I6W C C04 
287 C C04 B I6W B 1  ? 0.07901 0.03961 0.03583 -0.00132 0.01960  0.01108  1   I6W C C04 
288 C C06 A I6W B 1  ? 0.06497 0.03801 0.02535 -0.01833 -0.00094 0.00150  1   I6W C C06 
289 C C06 B I6W B 1  ? 0.07538 0.04492 0.04185 -0.00616 0.02447  0.00901  1   I6W C C06 
290 C C11 A I6W B 1  ? 0.08542 0.04040 0.04567 -0.02342 0.02122  -0.00108 1   I6W C C11 
291 C C11 B I6W B 1  ? 0.09725 0.04148 0.06311 0.01334  0.03968  0.00895  1   I6W C C11 
292 C C12 A I6W B 1  ? 0.08570 0.03322 0.03729 -0.01479 0.02236  -0.00038 1   I6W C C12 
293 C C12 B I6W B 1  ? 0.10083 0.03846 0.06587 0.01455  0.04230  0.00868  1   I6W C C12 
294 C C13 A I6W B 1  ? 0.09892 0.02995 0.03960 -0.01328 0.02373  -0.00384 1   I6W C C13 
295 C C13 B I6W B 1  ? 0.11191 0.04289 0.07054 0.01170  0.04293  0.00716  1   I6W C C13 
296 C C15 A I6W B 1  ? 0.09959 0.02986 0.04607 -0.01112 0.02607  -0.00511 1   I6W C C15 
297 C C15 B I6W B 1  ? 0.12360 0.05627 0.08415 0.00997  0.03751  0.00274  1   I6W C C15 
298 C C16 A I6W B 1  ? 0.09886 0.03332 0.05761 -0.01612 0.02890  -0.00835 1   I6W C C16 
299 C C16 B I6W B 1  ? 0.12010 0.05539 0.07985 0.01015  0.03890  0.00327  1   I6W C C16 
300 C C18 A I6W B 1  ? 0.07989 0.02881 0.04040 -0.00522 0.02202  0.00547  1   I6W C C18 
301 C C18 B I6W B 1  ? 0.09327 0.03555 0.06498 0.01551  0.04094  0.01084  1   I6W C C18 
302 C C19 A I6W B 1  ? 0.08232 0.02723 0.03530 -0.00223 0.01931  0.00501  1   I6W C C19 
303 C C19 B I6W B 1  ? 0.08248 0.03383 0.06205 0.01470  0.04110  0.01129  1   I6W C C19 
304 N N07 A I6W B 1  ? 0.07597 0.03300 0.02724 -0.01519 0.00361  -0.00055 1   I6W C N07 
305 N N07 B I6W B 1  ? 0.07750 0.04762 0.05084 -0.00125 0.03076  0.00435  1   I6W C N07 
306 O O01 A I6W B 1  ? 0.04190 0.04117 0.03635 -0.00233 -0.01232 -0.00686 1   I6W C O01 
307 O O01 B I6W B 1  ? 0.04446 0.03629 0.03257 -0.00119 0.02231  -0.00029 1   I6W C O01 
308 O O14 A I6W B 1  ? 0.10115 0.02832 0.03944 -0.00840 0.02099  -0.00353 1   I6W C O14 
309 O O14 B I6W B 1  ? 0.12350 0.05344 0.07998 0.00952  0.03845  0.00374  1   I6W C O14 
310 O O17 A I6W B 1  ? 0.09821 0.03436 0.05971 -0.02008 0.02277  -0.00634 1   I6W C O17 
311 O O17 B I6W B 1  ? 0.11333 0.03865 0.06905 0.01061  0.04555  0.00727  1   I6W C O17 
334 N N   . LEU B 2  ? 0.04480 0.03008 0.03907 -0.00410 0.00562  0.00399  2   LEU C N   
335 C CA  . LEU B 2  ? 0.03743 0.03034 0.03578 -0.00346 0.00312  0.00311  2   LEU C CA  
336 C C   . LEU B 2  ? 0.02900 0.03165 0.03150 0.00266  -0.00300 -0.00327 2   LEU C C   
337 O O   . LEU B 2  ? 0.03478 0.02766 0.03220 -0.00094 -0.00417 0.00012  2   LEU C O   
338 C CB  . LEU B 2  ? 0.04518 0.04074 0.02984 -0.00382 0.00210  0.00182  2   LEU C CB  
339 C CG  . LEU B 2  ? 0.05671 0.05053 0.03176 -0.00923 -0.00338 -0.00486 2   LEU C CG  
340 C CD1 . LEU B 2  ? 0.08173 0.04820 0.04387 -0.00713 -0.00882 -0.01000 2   LEU C CD1 
341 C CD2 . LEU B 2  ? 0.06940 0.05895 0.04348 -0.01559 -0.01412 -0.00029 2   LEU C CD2 
353 N N   . AIB B 3  ? 0.02086 0.03256 0.02796 0.00199  -0.00020 0.00192  3   AIB C N   
354 C CA  . AIB B 3  ? 0.03191 0.03111 0.02984 0.00164  -0.00730 0.00579  3   AIB C CA  
355 C C   . AIB B 3  ? 0.03288 0.02851 0.02734 -0.00074 -0.00399 0.00190  3   AIB C C   
356 O O   . AIB B 3  ? 0.02958 0.02794 0.03435 0.00053  -0.00764 0.00481  3   AIB C O   
357 C CB1 . AIB B 3  ? 0.03677 0.03244 0.03840 -0.00955 -0.00653 0.00654  3   AIB C CB1 
358 C CB2 . AIB B 3  ? 0.03412 0.03525 0.03626 0.00305  0.00105  0.00112  3   AIB C CB2 
366 N N   . ALA B 4  ? 0.03495 0.02917 0.02472 -0.00054 -0.00866 -0.00223 4   ALA C N   
367 C CA  . ALA B 4  ? 0.02720 0.03506 0.02831 -0.00204 -0.00592 -0.00351 4   ALA C CA  
368 C C   . ALA B 4  ? 0.02901 0.03165 0.02732 -0.00278 -0.00996 -0.00232 4   ALA C C   
369 O O   . ALA B 4  ? 0.03790 0.03423 0.03243 -0.00192 -0.01483 0.00026  4   ALA C O   
370 C CB  . ALA B 4  ? 0.04039 0.04157 0.04288 -0.00466 -0.01645 -0.00415 4   ALA C CB  
376 N N   . AIB B 5  ? 0.02583 0.02935 0.02480 -0.00054 -0.00464 0.00103  5   AIB C N   
377 C CA  . AIB B 5  ? 0.02593 0.03230 0.03237 -0.00054 -0.00102 0.00258  5   AIB C CA  
378 C C   . AIB B 5  ? 0.03097 0.03244 0.02735 -0.00145 -0.00785 0.00349  5   AIB C C   
379 O O   . AIB B 5  ? 0.03058 0.03562 0.04611 0.00566  -0.01308 0.00380  5   AIB C O   
380 C CB1 . AIB B 5  ? 0.02422 0.03659 0.05272 -0.00657 0.00116  -0.00129 5   AIB C CB1 
381 C CB2 . AIB B 5  ? 0.03773 0.03323 0.03093 0.00069  0.00033  0.01158  5   AIB C CB2 
389 N N   . LEU B 6  ? 0.03061 0.02564 0.03430 -0.00470 -0.00305 0.00155  6   LEU C N   
390 C CA  . LEU B 6  ? 0.03635 0.02499 0.03330 -0.00663 -0.00167 0.00085  6   LEU C CA  
391 C C   . LEU B 6  ? 0.03236 0.02523 0.03647 -0.00154 0.00142  0.00067  6   LEU C C   
392 O O   . LEU B 6  ? 0.04461 0.02203 0.04524 0.00879  0.00505  0.00197  6   LEU C O   
393 C CB  . LEU B 6  ? 0.04119 0.03735 0.03605 -0.01470 -0.00422 -0.00290 6   LEU C CB  
394 C CG  . LEU B 6  ? 0.05589 0.05707 0.04127 -0.01876 -0.00393 -0.00964 6   LEU C CG  
395 C CD1 . LEU B 6  ? 0.06720 0.05888 0.05519 -0.01272 -0.01325 -0.01360 6   LEU C CD1 
396 C CD2 . LEU B 6  ? 0.05410 0.07888 0.04612 -0.02235 0.01397  -0.02333 6   LEU C CD2 
408 N N   . MET B 7  ? 0.02677 0.02476 0.03057 0.01002  0.00214  0.00283  7   MET C N   
409 C CA  . MET B 7  ? 0.03058 0.03985 0.03119 0.00289  0.00073  0.00668  7   MET C CA  
410 C C   . MET B 7  ? 0.02417 0.03314 0.02973 0.00881  0.00231  0.00692  7   MET C C   
411 O O   . MET B 7  ? 0.03364 0.04199 0.03680 0.00524  0.00323  0.00892  7   MET C O   
412 C CB  . MET B 7  ? 0.02905 0.06091 0.04700 0.01246  -0.00660 0.00100  7   MET C CB  
413 C CG  . MET B 7  ? 0.03328 0.08632 0.08082 0.02226  -0.00902 -0.00313 7   MET C CG  
414 S SD  . MET B 7  ? 0.05620 0.12687 0.14890 0.03093  -0.01902 -0.02545 7   MET C SD  
415 C CE  . MET B 7  ? 0.05276 0.12744 0.14752 0.02152  -0.01545 -0.02100 7   MET C CE  
425 N N   . GLN B 8  ? 0.03115 0.03566 0.02102 0.00081  -0.00239 0.00598  8   GLN C N   
426 C CA  . GLN B 8  ? 0.03393 0.02390 0.01720 -0.00066 -0.00262 0.00376  8   GLN C CA  
427 C C   . GLN B 8  ? 0.02444 0.02352 0.01388 -0.00566 -0.00175 0.00583  8   GLN C C   
428 O O   . GLN B 8  ? 0.03120 0.02865 0.01601 -0.00081 -0.00038 -0.00396 8   GLN C O   
429 C CB  . GLN B 8  ? 0.02780 0.02779 0.02328 -0.00377 -0.00542 0.00044  8   GLN C CB  
430 C CG  . GLN B 8  ? 0.02906 0.02685 0.02114 -0.00164 -0.00056 0.00194  8   GLN C CG  
431 C CD  . GLN B 8  ? 0.03052 0.03170 0.02008 -0.00491 -0.00299 0.00353  8   GLN C CD  
432 O OE1 . GLN B 8  ? 0.03285 0.03650 0.02652 -0.00705 -0.00752 -0.00120 8   GLN C OE1 
433 N NE2 . GLN B 8  ? 0.02425 0.04814 0.02416 -0.00619 0.00329  0.00276  8   GLN C NE2 
442 N N   . AIB B 9  ? 0.03005 0.02507 0.01614 -0.01451 0.00000  0.00176  9   AIB C N   
443 C CA  . AIB B 9  ? 0.03584 0.02446 0.01757 -0.01398 -0.00142 -0.00341 9   AIB C CA  
444 C C   . AIB B 9  ? 0.04019 0.02377 0.01919 -0.00987 -0.00241 -0.00093 9   AIB C C   
445 O O   . AIB B 9  ? 0.04917 0.03174 0.02832 -0.00363 -0.00374 0.00054  9   AIB C O   
446 C CB1 . AIB B 9  ? 0.03374 0.02637 0.03471 -0.00722 -0.00369 -0.00106 9   AIB C CB1 
447 C CB2 . AIB B 9  ? 0.04002 0.03247 0.02928 -0.01618 -0.00086 -0.01125 9   AIB C CB2 
455 N N   A LEU B 10 ? 0.04286 0.02253 0.01818 -0.01469 0.00507  0.00097  10  LEU C N   
456 N N   B LEU B 10 ? 0.04415 0.02858 0.01628 -0.01690 0.00018  -0.00378 10  LEU C N   
457 C CA  A LEU B 10 ? 0.04620 0.02902 0.02165 -0.01858 0.00428  0.00231  10  LEU C CA  
458 C CA  B LEU B 10 ? 0.04493 0.03322 0.01742 -0.01898 0.00038  -0.00437 10  LEU C CA  
459 C C   A LEU B 10 ? 0.05319 0.03443 0.02402 -0.02315 0.00777  -0.00201 10  LEU C C   
460 C C   B LEU B 10 ? 0.04678 0.03542 0.02051 -0.01814 0.00457  -0.00901 10  LEU C C   
461 O O   A LEU B 10 ? 0.05906 0.04424 0.02013 -0.02058 0.00599  -0.00091 10  LEU C O   
462 O O   B LEU B 10 ? 0.04163 0.03969 0.02141 -0.01305 0.00645  -0.01295 10  LEU C O   
463 C CB  A LEU B 10 ? 0.04079 0.03469 0.03474 -0.01871 0.01019  0.00323  10  LEU C CB  
464 C CB  B LEU B 10 ? 0.04411 0.03593 0.01739 -0.02026 -0.00273 -0.00167 10  LEU C CB  
465 C CG  A LEU B 10 ? 0.03458 0.04581 0.04870 -0.01373 0.00858  -0.00634 10  LEU C CG  
466 C CG  B LEU B 10 ? 0.04102 0.03791 0.01770 -0.01595 -0.00698 -0.00111 10  LEU C CG  
467 C CD1 A LEU B 10 ? 0.04507 0.05992 0.05584 -0.00282 0.00527  -0.01803 10  LEU C CD1 
468 C CD1 B LEU B 10 ? 0.04256 0.04184 0.01861 -0.01149 -0.00852 -0.00452 10  LEU C CD1 
469 C CD2 A LEU B 10 ? 0.05285 0.04375 0.07103 -0.01918 0.00423  -0.01182 10  LEU C CD2 
470 C CD2 B LEU B 10 ? 0.04312 0.03875 0.02123 -0.01801 -0.00869 -0.00102 10  LEU C CD2 
493 C C11 . I77 B 11 ? 0.07250 0.04060 0.05673 -0.01362 -0.02031 -0.01487 11  I77 C C11 
494 C C12 . I77 B 11 ? 0.06300 0.03229 0.03099 -0.01592 -0.01119 -0.00559 11  I77 C C12 
495 C C13 . I77 B 11 ? 0.06486 0.02932 0.02607 -0.01333 -0.01381 -0.00133 11  I77 C C13 
496 C C17 . I77 B 11 ? 0.05792 0.03807 0.02270 -0.02391 -0.00306 -0.00266 11  I77 C C17 
497 C C18 . I77 B 11 ? 0.04787 0.03079 0.02524 -0.02154 0.00206  -0.00383 11  I77 C C18 
498 C C02 . I77 B 11 ? 0.03684 0.02823 0.02327 -0.01099 -0.00290 -0.00346 11  I77 C C02 
499 C C03 . I77 B 11 ? 0.03486 0.02543 0.02439 -0.00789 0.00337  -0.00677 11  I77 C C03 
500 C C04 . I77 B 11 ? 0.04986 0.03868 0.03450 -0.01199 -0.01159 -0.01415 11  I77 C C04 
501 C C05 . I77 B 11 ? 0.04932 0.03297 0.03439 -0.01296 -0.01287 -0.00927 11  I77 C C05 
502 C C06 . I77 B 11 ? 0.04439 0.03338 0.03027 -0.01555 -0.00438 -0.00323 11  I77 C C06 
503 C C08 . I77 B 11 ? 0.05452 0.02863 0.02637 -0.01598 0.00054  -0.00848 11  I77 C C08 
504 C C09 . I77 B 11 ? 0.05564 0.03539 0.03397 -0.02083 0.00019  -0.01058 11  I77 C C09 
505 N N01 . I77 B 11 ? 0.04164 0.03094 0.03462 -0.01226 -0.00581 -0.00793 11  I77 C N01 
506 N N07 . I77 B 11 ? 0.04706 0.02993 0.03350 -0.01289 0.00132  -0.00745 11  I77 C N07 
507 N N10 . I77 B 11 ? 0.07370 0.04856 0.06101 -0.01667 -0.01262 -0.02216 11  I77 C N10 
508 N N14 . I77 B 11 ? 0.06172 0.03465 0.02747 -0.01962 -0.00908 -0.00334 11  I77 C N14 
509 N N15 . I77 B 11 ? 0.05399 0.03076 0.02506 -0.02153 0.00318  -0.00515 11  I77 C N15 
510 O O16 . I77 B 11 ? 0.08428 0.03044 0.04023 -0.01187 -0.02341 -0.00077 11  I77 C O16 
511 O O19 . I77 B 11 ? 0.04827 0.02994 0.04123 -0.00888 -0.01254 -0.00573 11  I77 C O19 
521 N N   . CCN C .  ? 0.05371 0.05378 0.08961 -0.00182 -0.00691 0.00611  201 CCN A N   
522 C C1  . CCN C .  ? 0.05244 0.03971 0.07203 -0.00443 0.00182  0.01248  201 CCN A C1  
523 C C2  . CCN C .  ? 0.05086 0.03577 0.06147 0.00818  -0.00421 0.01342  201 CCN A C2  
527 N N   . CCN D .  ? 0.04607 0.02978 0.03666 -0.00010 -0.00074 0.00930  202 CCN A N   
528 C C1  . CCN D .  ? 0.04701 0.04223 0.04697 -0.00437 -0.00747 0.00160  202 CCN A C1  
529 C C2  . CCN D .  ? 0.06385 0.05965 0.06884 -0.01196 -0.01466 -0.00128 202 CCN A C2  
533 N N   . CCN E .  ? 0.08790 0.07531 0.04506 0.00950  -0.01811 -0.01198 201 CCN C N   
534 C C1  . CCN E .  ? 0.06393 0.05462 0.04295 0.01473  0.00061  -0.01386 201 CCN C C1  
535 C C2  . CCN E .  ? 0.05988 0.04499 0.05414 0.00722  0.00549  -0.00404 201 CCN C C2  
539 O O   . HOH F .  ? 0.18467 0.33504 0.64245 -0.04204 -0.07445 0.01771  301 HOH A O   
540 O O   . HOH F .  ? 0.21899 0.14344 0.53105 0.01065  -0.06920 -0.04658 302 HOH A O   
541 O O   . HOH F .  ? 0.56523 0.41495 0.30696 -0.06595 -0.06183 -0.11749 303 HOH A O   
542 O O   . HOH F .  ? 0.47053 0.52946 0.55553 0.14150  0.10281  0.24270  304 HOH A O   
543 O O   . HOH F .  ? 0.33681 0.27134 0.44106 0.15880  -0.00269 -0.08403 305 HOH A O   
544 O O   . HOH F .  ? 0.28470 0.44985 0.25538 0.16215  -0.10922 -0.09211 306 HOH A O   
545 O O   . HOH F .  ? 0.39905 0.41555 0.15746 0.00121  -0.09507 -0.06333 307 HOH A O   
546 O O   . HOH F .  ? 0.35751 0.60999 0.47505 0.15272  -0.03887 0.08470  308 HOH A O   
547 O O   . HOH F .  ? 0.43703 0.46285 0.53618 -0.25308 -0.00541 -0.09731 309 HOH A O   
548 O O   . HOH F .  ? 0.39695 0.60135 0.35359 -0.16272 -0.09604 -0.13164 310 HOH A O   
549 O O   . HOH F .  ? 0.39990 0.21756 0.42793 -0.09037 0.04974  -0.11639 311 HOH A O   
550 O O   . HOH G .  ? 0.47324 0.13389 0.14404 -0.00498 -0.07493 0.00908  301 HOH C O   
551 O O   . HOH G .  ? 0.37864 0.17588 0.20512 0.11065  -0.13674 -0.06280 302 HOH C O   
552 O O   . HOH G .  ? 0.21179 0.52174 0.27962 -0.13901 0.04680  -0.13553 303 HOH C O   
553 O O   . HOH G .  ? 0.14667 0.17696 0.31916 0.05150  -0.08866 -0.12207 304 HOH C O   
554 O O   . HOH G .  ? 0.82909 1.00984 0.35433 0.06742  -0.18142 0.14040  305 HOH C O   
555 O O   . HOH G .  ? 0.40453 0.58824 0.26748 0.16729  -0.09730 0.04888  306 HOH C O   
556 O O   . HOH G .  ? 0.77464 0.27247 0.72599 0.18793  0.01565  -0.00782 307 HOH C O   
557 O O   . HOH G .  ? 0.44409 0.26407 0.65924 -0.04902 0.24259  -0.13963 308 HOH C O   
558 O O   . HOH G .  ? 0.37489 0.37379 0.57452 -0.07871 -0.09163 -0.20609 309 HOH C O   
559 O O   . HOH G .  ? 0.41501 0.33030 0.51016 -0.21261 -0.01103 -0.01986 310 HOH C O   
# 
